data_3GK5
# 
_entry.id   3GK5 
# 
_audit_conform.dict_name       mmcif_pdbx.dic 
_audit_conform.dict_version    5.378 
_audit_conform.dict_location   http://mmcif.pdb.org/dictionaries/ascii/mmcif_pdbx.dic 
# 
loop_
_database_2.database_id 
_database_2.database_code 
_database_2.pdbx_database_accession 
_database_2.pdbx_DOI 
PDB   3GK5         pdb_00003gk5 10.2210/pdb3gk5/pdb 
RCSB  RCSB051961   ?            ?                   
WWPDB D_1000051961 ?            ?                   
# 
_pdbx_database_related.db_name        TargetDB 
_pdbx_database_related.db_id          TvR109A 
_pdbx_database_related.details        . 
_pdbx_database_related.content_type   unspecified 
# 
_pdbx_database_status.entry_id                        3GK5 
_pdbx_database_status.deposit_site                    RCSB 
_pdbx_database_status.process_site                    RCSB 
_pdbx_database_status.recvd_initial_deposition_date   2009-03-09 
_pdbx_database_status.status_code                     REL 
_pdbx_database_status.status_code_sf                  REL 
_pdbx_database_status.status_code_mr                  ? 
_pdbx_database_status.SG_entry                        Y 
_pdbx_database_status.pdb_format_compatible           Y 
_pdbx_database_status.status_code_cs                  ? 
_pdbx_database_status.methods_development_category    ? 
_pdbx_database_status.status_code_nmr_data            ? 
# 
loop_
_audit_author.name 
_audit_author.pdbx_ordinal 
'Forouhar, F.'                                    1  
'Su, M.'                                          2  
'Seetharaman, J.'                                 3  
'Mao, L.'                                         4  
'Xiao, R.'                                        5  
'Foote, E.L.'                                     6  
'Ciccosanti, C.'                                  7  
'Belote, R.L.'                                    8  
'Everett, J.K.'                                   9  
'Nair, R.'                                        10 
'Acton, T.B.'                                     11 
'Rost, B.'                                        12 
'Montelione, G.T.'                                13 
'Tong, L.'                                        14 
'Hunt, J.F.'                                      15 
'Northeast Structural Genomics Consortium (NESG)' 16 
# 
_citation.id                        primary 
_citation.title                     
;Crystal structure of rhodanese-related protein (TVG0868615) from Thermoplasma volcanium, Northeast Structural Genomics Consortium Target TvR109A
;
_citation.journal_abbrev            'To be Published' 
_citation.journal_volume            ? 
_citation.page_first                ? 
_citation.page_last                 ? 
_citation.year                      ? 
_citation.journal_id_ASTM           ? 
_citation.country                   ? 
_citation.journal_id_ISSN           ? 
_citation.journal_id_CSD            0353 
_citation.book_publisher            ? 
_citation.pdbx_database_id_PubMed   ? 
_citation.pdbx_database_id_DOI      ? 
# 
loop_
_citation_author.citation_id 
_citation_author.name 
_citation_author.ordinal 
_citation_author.identifier_ORCID 
primary 'Forouhar, F.'     1  ? 
primary 'Su, M.'           2  ? 
primary 'Seetharaman, J.'  3  ? 
primary 'Mao, L.'          4  ? 
primary 'Xiao, R.'         5  ? 
primary 'Foote, E.L.'      6  ? 
primary 'Ciccosanti, C.'   7  ? 
primary 'Belote, R.L.'     8  ? 
primary 'Everett, J.K.'    9  ? 
primary 'Nair, R.'         10 ? 
primary 'Acton, T.B.'      11 ? 
primary 'Rost, B.'         12 ? 
primary 'Montelione, G.T.' 13 ? 
primary 'Tong, L.'         14 ? 
primary 'Hunt, J.F.'       15 ? 
# 
_cell.entry_id           3GK5 
_cell.length_a           89.446 
_cell.length_b           89.446 
_cell.length_c           34.554 
_cell.angle_alpha        90.000 
_cell.angle_beta         90.000 
_cell.angle_gamma        120.000 
_cell.pdbx_unique_axis   ? 
_cell.Z_PDB              9 
_cell.length_a_esd       ? 
_cell.length_b_esd       ? 
_cell.length_c_esd       ? 
_cell.angle_alpha_esd    ? 
_cell.angle_beta_esd     ? 
_cell.angle_gamma_esd    ? 
# 
_symmetry.entry_id                         3GK5 
_symmetry.space_group_name_H-M             'H 3' 
_symmetry.Int_Tables_number                146 
_symmetry.pdbx_full_space_group_name_H-M   ? 
_symmetry.cell_setting                     ? 
_symmetry.space_group_name_Hall            ? 
# 
loop_
_entity.id 
_entity.type 
_entity.src_method 
_entity.pdbx_description 
_entity.formula_weight 
_entity.pdbx_number_of_molecules 
_entity.pdbx_ec 
_entity.pdbx_mutation 
_entity.pdbx_fragment 
_entity.details 
1 polymer man 'Uncharacterized rhodanese-related protein TVG0868615' 12374.956 1  ? ? 'UNP residues 101-200' ? 
2 water   nat water                                                  18.015    47 ? ? ?                      ? 
# 
_entity_poly.entity_id                      1 
_entity_poly.type                           'polypeptide(L)' 
_entity_poly.nstd_linkage                   no 
_entity_poly.nstd_monomer                   no 
_entity_poly.pdbx_seq_one_letter_code       
;SYYRSINAADLYENIKAYTVLDVREPFELIFGSIANSINIPISELREKWKILERDKKYAVICAHGNRSAAAVEFLSQLGL
NIVDVEGGIQSWIEEGYPVVLEHHHHHH
;
_entity_poly.pdbx_seq_one_letter_code_can   
;SYYRSINAADLYENIKAYTVLDVREPFELIFGSIANSINIPISELREKWKILERDKKYAVICAHGNRSAAAVEFLSQLGL
NIVDVEGGIQSWIEEGYPVVLEHHHHHH
;
_entity_poly.pdbx_strand_id                 A 
_entity_poly.pdbx_target_identifier         TvR109A 
# 
loop_
_entity_poly_seq.entity_id 
_entity_poly_seq.num 
_entity_poly_seq.mon_id 
_entity_poly_seq.hetero 
1 1   SER n 
1 2   TYR n 
1 3   TYR n 
1 4   ARG n 
1 5   SER n 
1 6   ILE n 
1 7   ASN n 
1 8   ALA n 
1 9   ALA n 
1 10  ASP n 
1 11  LEU n 
1 12  TYR n 
1 13  GLU n 
1 14  ASN n 
1 15  ILE n 
1 16  LYS n 
1 17  ALA n 
1 18  TYR n 
1 19  THR n 
1 20  VAL n 
1 21  LEU n 
1 22  ASP n 
1 23  VAL n 
1 24  ARG n 
1 25  GLU n 
1 26  PRO n 
1 27  PHE n 
1 28  GLU n 
1 29  LEU n 
1 30  ILE n 
1 31  PHE n 
1 32  GLY n 
1 33  SER n 
1 34  ILE n 
1 35  ALA n 
1 36  ASN n 
1 37  SER n 
1 38  ILE n 
1 39  ASN n 
1 40  ILE n 
1 41  PRO n 
1 42  ILE n 
1 43  SER n 
1 44  GLU n 
1 45  LEU n 
1 46  ARG n 
1 47  GLU n 
1 48  LYS n 
1 49  TRP n 
1 50  LYS n 
1 51  ILE n 
1 52  LEU n 
1 53  GLU n 
1 54  ARG n 
1 55  ASP n 
1 56  LYS n 
1 57  LYS n 
1 58  TYR n 
1 59  ALA n 
1 60  VAL n 
1 61  ILE n 
1 62  CYS n 
1 63  ALA n 
1 64  HIS n 
1 65  GLY n 
1 66  ASN n 
1 67  ARG n 
1 68  SER n 
1 69  ALA n 
1 70  ALA n 
1 71  ALA n 
1 72  VAL n 
1 73  GLU n 
1 74  PHE n 
1 75  LEU n 
1 76  SER n 
1 77  GLN n 
1 78  LEU n 
1 79  GLY n 
1 80  LEU n 
1 81  ASN n 
1 82  ILE n 
1 83  VAL n 
1 84  ASP n 
1 85  VAL n 
1 86  GLU n 
1 87  GLY n 
1 88  GLY n 
1 89  ILE n 
1 90  GLN n 
1 91  SER n 
1 92  TRP n 
1 93  ILE n 
1 94  GLU n 
1 95  GLU n 
1 96  GLY n 
1 97  TYR n 
1 98  PRO n 
1 99  VAL n 
1 100 VAL n 
1 101 LEU n 
1 102 GLU n 
1 103 HIS n 
1 104 HIS n 
1 105 HIS n 
1 106 HIS n 
1 107 HIS n 
1 108 HIS n 
# 
_entity_src_gen.entity_id                          1 
_entity_src_gen.pdbx_src_id                        1 
_entity_src_gen.pdbx_alt_source_flag               sample 
_entity_src_gen.pdbx_seq_type                      ? 
_entity_src_gen.pdbx_beg_seq_num                   ? 
_entity_src_gen.pdbx_end_seq_num                   ? 
_entity_src_gen.gene_src_common_name               ? 
_entity_src_gen.gene_src_genus                     ? 
_entity_src_gen.pdbx_gene_src_gene                 'TV0844, TVG0868615' 
_entity_src_gen.gene_src_species                   ? 
_entity_src_gen.gene_src_strain                    'GSS1 / DSM 4299 / IFO 15438 / JCM 9571' 
_entity_src_gen.gene_src_tissue                    ? 
_entity_src_gen.gene_src_tissue_fraction           ? 
_entity_src_gen.gene_src_details                   ? 
_entity_src_gen.pdbx_gene_src_fragment             ? 
_entity_src_gen.pdbx_gene_src_scientific_name      'Thermoplasma volcanium GSS1' 
_entity_src_gen.pdbx_gene_src_ncbi_taxonomy_id     273116 
_entity_src_gen.pdbx_gene_src_variant              ? 
_entity_src_gen.pdbx_gene_src_cell_line            ? 
_entity_src_gen.pdbx_gene_src_atcc                 51530 
_entity_src_gen.pdbx_gene_src_organ                ? 
_entity_src_gen.pdbx_gene_src_organelle            ? 
_entity_src_gen.pdbx_gene_src_cell                 ? 
_entity_src_gen.pdbx_gene_src_cellular_location    ? 
_entity_src_gen.host_org_common_name               ? 
_entity_src_gen.pdbx_host_org_scientific_name      'Escherichia coli' 
_entity_src_gen.pdbx_host_org_ncbi_taxonomy_id     562 
_entity_src_gen.host_org_genus                     ? 
_entity_src_gen.pdbx_host_org_gene                 ? 
_entity_src_gen.pdbx_host_org_organ                ? 
_entity_src_gen.host_org_species                   ? 
_entity_src_gen.pdbx_host_org_tissue               ? 
_entity_src_gen.pdbx_host_org_tissue_fraction      ? 
_entity_src_gen.pdbx_host_org_strain               'BL21(DE3)+Magic' 
_entity_src_gen.pdbx_host_org_variant              ? 
_entity_src_gen.pdbx_host_org_cell_line            ? 
_entity_src_gen.pdbx_host_org_atcc                 ? 
_entity_src_gen.pdbx_host_org_culture_collection   ? 
_entity_src_gen.pdbx_host_org_cell                 ? 
_entity_src_gen.pdbx_host_org_organelle            ? 
_entity_src_gen.pdbx_host_org_cellular_location    ? 
_entity_src_gen.pdbx_host_org_vector_type          Plasmid 
_entity_src_gen.pdbx_host_org_vector               ? 
_entity_src_gen.host_org_details                   ? 
_entity_src_gen.expression_system_id               ? 
_entity_src_gen.plasmid_name                       pET21 
_entity_src_gen.plasmid_details                    ? 
_entity_src_gen.pdbx_description                   ? 
# 
_struct_ref.id                         1 
_struct_ref.db_name                    UNP 
_struct_ref.db_code                    Q97AG6_THEVO 
_struct_ref.pdbx_db_accession          Q97AG6 
_struct_ref.entity_id                  1 
_struct_ref.pdbx_seq_one_letter_code   
;SYYRSINAADLYENIKAYTVLDVREPFELIFGSIANSINIPISELREKWKILERDKKYAVICAHGNRSAAAVEFLSQLGL
NIVDVEGGIQSWIEEGYPVV
;
_struct_ref.pdbx_align_begin           101 
_struct_ref.pdbx_db_isoform            ? 
# 
_struct_ref_seq.align_id                      1 
_struct_ref_seq.ref_id                        1 
_struct_ref_seq.pdbx_PDB_id_code              3GK5 
_struct_ref_seq.pdbx_strand_id                A 
_struct_ref_seq.seq_align_beg                 1 
_struct_ref_seq.pdbx_seq_align_beg_ins_code   ? 
_struct_ref_seq.seq_align_end                 100 
_struct_ref_seq.pdbx_seq_align_end_ins_code   ? 
_struct_ref_seq.pdbx_db_accession             Q97AG6 
_struct_ref_seq.db_align_beg                  101 
_struct_ref_seq.pdbx_db_align_beg_ins_code    ? 
_struct_ref_seq.db_align_end                  200 
_struct_ref_seq.pdbx_db_align_end_ins_code    ? 
_struct_ref_seq.pdbx_auth_seq_align_beg       99 
_struct_ref_seq.pdbx_auth_seq_align_end       198 
# 
loop_
_struct_ref_seq_dif.align_id 
_struct_ref_seq_dif.pdbx_pdb_id_code 
_struct_ref_seq_dif.mon_id 
_struct_ref_seq_dif.pdbx_pdb_strand_id 
_struct_ref_seq_dif.seq_num 
_struct_ref_seq_dif.pdbx_pdb_ins_code 
_struct_ref_seq_dif.pdbx_seq_db_name 
_struct_ref_seq_dif.pdbx_seq_db_accession_code 
_struct_ref_seq_dif.db_mon_id 
_struct_ref_seq_dif.pdbx_seq_db_seq_num 
_struct_ref_seq_dif.details 
_struct_ref_seq_dif.pdbx_auth_seq_num 
_struct_ref_seq_dif.pdbx_ordinal 
1 3GK5 LEU A 101 ? UNP Q97AG6 ? ? 'expression tag' 199 1 
1 3GK5 GLU A 102 ? UNP Q97AG6 ? ? 'expression tag' 200 2 
1 3GK5 HIS A 103 ? UNP Q97AG6 ? ? 'expression tag' 201 3 
1 3GK5 HIS A 104 ? UNP Q97AG6 ? ? 'expression tag' 202 4 
1 3GK5 HIS A 105 ? UNP Q97AG6 ? ? 'expression tag' 203 5 
1 3GK5 HIS A 106 ? UNP Q97AG6 ? ? 'expression tag' 204 6 
1 3GK5 HIS A 107 ? UNP Q97AG6 ? ? 'expression tag' 205 7 
1 3GK5 HIS A 108 ? UNP Q97AG6 ? ? 'expression tag' 206 8 
# 
loop_
_chem_comp.id 
_chem_comp.type 
_chem_comp.mon_nstd_flag 
_chem_comp.name 
_chem_comp.pdbx_synonyms 
_chem_comp.formula 
_chem_comp.formula_weight 
ALA 'L-peptide linking' y ALANINE         ? 'C3 H7 N O2'     89.093  
ARG 'L-peptide linking' y ARGININE        ? 'C6 H15 N4 O2 1' 175.209 
ASN 'L-peptide linking' y ASPARAGINE      ? 'C4 H8 N2 O3'    132.118 
ASP 'L-peptide linking' y 'ASPARTIC ACID' ? 'C4 H7 N O4'     133.103 
CYS 'L-peptide linking' y CYSTEINE        ? 'C3 H7 N O2 S'   121.158 
GLN 'L-peptide linking' y GLUTAMINE       ? 'C5 H10 N2 O3'   146.144 
GLU 'L-peptide linking' y 'GLUTAMIC ACID' ? 'C5 H9 N O4'     147.129 
GLY 'peptide linking'   y GLYCINE         ? 'C2 H5 N O2'     75.067  
HIS 'L-peptide linking' y HISTIDINE       ? 'C6 H10 N3 O2 1' 156.162 
HOH non-polymer         . WATER           ? 'H2 O'           18.015  
ILE 'L-peptide linking' y ISOLEUCINE      ? 'C6 H13 N O2'    131.173 
LEU 'L-peptide linking' y LEUCINE         ? 'C6 H13 N O2'    131.173 
LYS 'L-peptide linking' y LYSINE          ? 'C6 H15 N2 O2 1' 147.195 
PHE 'L-peptide linking' y PHENYLALANINE   ? 'C9 H11 N O2'    165.189 
PRO 'L-peptide linking' y PROLINE         ? 'C5 H9 N O2'     115.130 
SER 'L-peptide linking' y SERINE          ? 'C3 H7 N O3'     105.093 
THR 'L-peptide linking' y THREONINE       ? 'C4 H9 N O3'     119.119 
TRP 'L-peptide linking' y TRYPTOPHAN      ? 'C11 H12 N2 O2'  204.225 
TYR 'L-peptide linking' y TYROSINE        ? 'C9 H11 N O3'    181.189 
VAL 'L-peptide linking' y VALINE          ? 'C5 H11 N O2'    117.146 
# 
_exptl.crystals_number   1 
_exptl.entry_id          3GK5 
_exptl.method            'X-RAY DIFFRACTION' 
# 
_exptl_crystal.id                    1 
_exptl_crystal.density_Matthews      2.15 
_exptl_crystal.density_meas          ? 
_exptl_crystal.density_percent_sol   42.78 
_exptl_crystal.description           ? 
_exptl_crystal.F_000                 ? 
_exptl_crystal.preparation           ? 
# 
_exptl_crystal_grow.crystal_id      1 
_exptl_crystal_grow.method          'MICROBATCH UNDER OIL' 
_exptl_crystal_grow.pH              6.5 
_exptl_crystal_grow.temp            291 
_exptl_crystal_grow.temp_details    ? 
_exptl_crystal_grow.pdbx_details    
;Protein solution: 10 mM Tris-HCl pH 7.5, 100 mM Sodium chloride, 5 mM DTT. Reservoir solution: 100 mM Bis-Tris pH 6.5, 45% PEG 400., MICROBATCH UNDER OIL, temperature 291K
;
_exptl_crystal_grow.pdbx_pH_range   ? 
# 
_diffrn.id                     1 
_diffrn.ambient_temp           100 
_diffrn.ambient_temp_details   ? 
_diffrn.crystal_id             1 
# 
_diffrn_detector.diffrn_id              1 
_diffrn_detector.detector               CCD 
_diffrn_detector.type                   'MAR CCD 165 mm' 
_diffrn_detector.pdbx_collection_date   2009-02-18 
_diffrn_detector.details                mirrors 
# 
_diffrn_radiation.diffrn_id                        1 
_diffrn_radiation.pdbx_diffrn_protocol             'SINGLE WAVELENGTH' 
_diffrn_radiation.monochromator                    'Si(111) CHANNEL' 
_diffrn_radiation.wavelength_id                    1 
_diffrn_radiation.pdbx_monochromatic_or_laue_m_l   M 
_diffrn_radiation.pdbx_scattering_type             x-ray 
# 
_diffrn_radiation_wavelength.id           1 
_diffrn_radiation_wavelength.wavelength   0.97853 
_diffrn_radiation_wavelength.wt           1.0 
# 
_diffrn_source.diffrn_id                   1 
_diffrn_source.source                      SYNCHROTRON 
_diffrn_source.type                        'NSLS BEAMLINE X4C' 
_diffrn_source.pdbx_wavelength_list        0.97853 
_diffrn_source.pdbx_wavelength             ? 
_diffrn_source.pdbx_synchrotron_site       NSLS 
_diffrn_source.pdbx_synchrotron_beamline   X4C 
# 
_reflns.entry_id                     3GK5 
_reflns.observed_criterion_sigma_F   ? 
_reflns.observed_criterion_sigma_I   1.5 
_reflns.d_resolution_high            2.40 
_reflns.d_resolution_low             30.0 
_reflns.number_all                   8057 
_reflns.number_obs                   6253 
_reflns.percent_possible_obs         77.6 
_reflns.pdbx_Rmerge_I_obs            0.048 
_reflns.pdbx_Rsym_value              0.057 
_reflns.pdbx_netI_over_sigmaI        28.54 
_reflns.B_iso_Wilson_estimate        20.1 
_reflns.pdbx_redundancy              3.2 
_reflns.R_free_details               ? 
_reflns.limit_h_max                  ? 
_reflns.limit_h_min                  ? 
_reflns.limit_k_max                  ? 
_reflns.limit_k_min                  ? 
_reflns.limit_l_max                  ? 
_reflns.limit_l_min                  ? 
_reflns.observed_criterion_F_max     ? 
_reflns.observed_criterion_F_min     ? 
_reflns.pdbx_chi_squared             ? 
_reflns.pdbx_scaling_rejects         ? 
_reflns.pdbx_diffrn_id               1 
_reflns.pdbx_ordinal                 1 
# 
_reflns_shell.d_res_high             2.40 
_reflns_shell.d_res_low              2.49 
_reflns_shell.percent_possible_obs   ? 
_reflns_shell.percent_possible_all   60.0 
_reflns_shell.Rmerge_I_obs           0.072 
_reflns_shell.meanI_over_sigI_obs    13.63 
_reflns_shell.pdbx_Rsym_value        0.097 
_reflns_shell.pdbx_redundancy        2.5 
_reflns_shell.number_unique_all      810 
_reflns_shell.number_measured_all    ? 
_reflns_shell.number_measured_obs    ? 
_reflns_shell.number_unique_obs      ? 
_reflns_shell.pdbx_chi_squared       ? 
_reflns_shell.pdbx_diffrn_id         ? 
_reflns_shell.pdbx_ordinal           1 
# 
_refine.entry_id                                 3GK5 
_refine.ls_d_res_high                            2.40 
_refine.ls_d_res_low                             20.0 
_refine.pdbx_ls_sigma_F                          2.0 
_refine.ls_percent_reflns_obs                    77.6 
_refine.ls_number_reflns_obs                     6239 
_refine.ls_R_factor_R_work                       0.187 
_refine.ls_R_factor_R_free                       0.243 
_refine.ls_percent_reflns_R_free                 4.100 
_refine.ls_number_reflns_R_free                  331 
_refine.B_iso_mean                               30.337 
_refine.solvent_model_param_bsol                 42.432 
_refine.aniso_B[1][1]                            -2.590 
_refine.aniso_B[2][2]                            -2.590 
_refine.aniso_B[3][3]                            5.181 
_refine.aniso_B[1][2]                            0.000 
_refine.aniso_B[1][3]                            0.000 
_refine.aniso_B[2][3]                            0.000 
_refine.pdbx_ls_sigma_I                          2.0 
_refine.ls_number_reflns_all                     8039 
_refine.ls_R_factor_all                          0.189 
_refine.ls_R_factor_obs                          0.187 
_refine.ls_redundancy_reflns_obs                 ? 
_refine.pdbx_data_cutoff_high_absF               ? 
_refine.pdbx_data_cutoff_low_absF                ? 
_refine.ls_number_parameters                     ? 
_refine.ls_number_restraints                     ? 
_refine.ls_R_factor_R_free_error                 ? 
_refine.ls_R_factor_R_free_error_details         ? 
_refine.pdbx_method_to_determine_struct          'MOLECULAR REPLACEMENT' 
_refine.pdbx_starting_model                      'PDB entry 3EME' 
_refine.pdbx_ls_cross_valid_method               THROUGHOUT 
_refine.pdbx_R_Free_selection_details            RANDOM 
_refine.pdbx_stereochem_target_val_spec_case     ? 
_refine.pdbx_stereochemistry_target_values       'Engh & Huber' 
_refine.solvent_model_details                    ? 
_refine.solvent_model_param_ksol                 ? 
_refine.occupancy_max                            ? 
_refine.occupancy_min                            ? 
_refine.pdbx_isotropic_thermal_model             ? 
_refine.details                                  'Program XtalView has also been used in refinement' 
_refine.B_iso_min                                ? 
_refine.B_iso_max                                ? 
_refine.correlation_coeff_Fo_to_Fc               ? 
_refine.correlation_coeff_Fo_to_Fc_free          ? 
_refine.pdbx_solvent_vdw_probe_radii             ? 
_refine.pdbx_solvent_ion_probe_radii             ? 
_refine.pdbx_solvent_shrinkage_radii             ? 
_refine.overall_SU_R_Cruickshank_DPI             ? 
_refine.overall_SU_R_free                        ? 
_refine.overall_SU_ML                            ? 
_refine.overall_SU_B                             ? 
_refine.pdbx_overall_ESU_R_Free                  ? 
_refine.pdbx_data_cutoff_high_rms_absF           ? 
_refine.pdbx_overall_ESU_R                       ? 
_refine.ls_wR_factor_R_free                      ? 
_refine.ls_wR_factor_R_work                      ? 
_refine.overall_FOM_free_R_set                   ? 
_refine.overall_FOM_work_R_set                   ? 
_refine.pdbx_overall_phase_error                 ? 
_refine.pdbx_refine_id                           'X-RAY DIFFRACTION' 
_refine.pdbx_diffrn_id                           1 
_refine.pdbx_TLS_residual_ADP_flag               ? 
_refine.pdbx_overall_SU_R_free_Cruickshank_DPI   ? 
_refine.pdbx_overall_SU_R_Blow_DPI               ? 
_refine.pdbx_overall_SU_R_free_Blow_DPI          ? 
# 
_refine_analyze.entry_id                        3GK5 
_refine_analyze.Luzzati_coordinate_error_obs    0.26 
_refine_analyze.Luzzati_sigma_a_obs             0.21 
_refine_analyze.Luzzati_d_res_low_obs           5.00 
_refine_analyze.Luzzati_coordinate_error_free   0.36 
_refine_analyze.Luzzati_sigma_a_free            0.26 
_refine_analyze.Luzzati_d_res_low_free          ? 
_refine_analyze.number_disordered_residues      ? 
_refine_analyze.occupancy_sum_non_hydrogen      ? 
_refine_analyze.occupancy_sum_hydrogen          ? 
_refine_analyze.pdbx_Luzzati_d_res_high_obs     ? 
_refine_analyze.pdbx_refine_id                  'X-RAY DIFFRACTION' 
# 
_refine_hist.pdbx_refine_id                   'X-RAY DIFFRACTION' 
_refine_hist.cycle_id                         LAST 
_refine_hist.pdbx_number_atoms_protein        797 
_refine_hist.pdbx_number_atoms_nucleic_acid   0 
_refine_hist.pdbx_number_atoms_ligand         0 
_refine_hist.number_atoms_solvent             47 
_refine_hist.number_atoms_total               844 
_refine_hist.d_res_high                       2.40 
_refine_hist.d_res_low                        20.0 
# 
loop_
_refine_ls_restr.type 
_refine_ls_restr.number 
_refine_ls_restr.dev_ideal 
_refine_ls_restr.dev_ideal_target 
_refine_ls_restr.weight 
_refine_ls_restr.pdbx_refine_id 
_refine_ls_restr.pdbx_restraint_function 
c_mcbond_it  ? 4.471 1.500 ? 'X-RAY DIFFRACTION' ? 
c_scbond_it  ? 7.354 2.000 ? 'X-RAY DIFFRACTION' ? 
c_mcangle_it ? 6.062 2.000 ? 'X-RAY DIFFRACTION' ? 
c_scangle_it ? 9.283 2.500 ? 'X-RAY DIFFRACTION' ? 
# 
_refine_ls_shell.d_res_high                       2.40 
_refine_ls_shell.d_res_low                        2.49 
_refine_ls_shell.number_reflns_obs                461 
_refine_ls_shell.number_reflns_R_free             21 
_refine_ls_shell.R_factor_R_work                  0.248 
_refine_ls_shell.R_factor_R_free                  0.246 
_refine_ls_shell.R_factor_R_free_error            0.054 
_refine_ls_shell.percent_reflns_obs               59.8 
_refine_ls_shell.percent_reflns_R_free            ? 
_refine_ls_shell.pdbx_total_number_of_bins_used   ? 
_refine_ls_shell.number_reflns_R_work             ? 
_refine_ls_shell.redundancy_reflns_obs            ? 
_refine_ls_shell.number_reflns_all                ? 
_refine_ls_shell.R_factor_all                     ? 
_refine_ls_shell.pdbx_refine_id                   'X-RAY DIFFRACTION' 
# 
loop_
_pdbx_xplor_file.serial_no 
_pdbx_xplor_file.param_file 
_pdbx_xplor_file.topol_file 
_pdbx_xplor_file.pdbx_refine_id 
1 CNS_TOPPAR:protein_rep.param ? 'X-RAY DIFFRACTION' 
2 CNS_TOPPAR:dna-rna_rep.param ? 'X-RAY DIFFRACTION' 
3 CNS_TOPPAR:water_rep.param   ? 'X-RAY DIFFRACTION' 
4 CNS_TOPPAR:ion.param         ? 'X-RAY DIFFRACTION' 
# 
_struct.entry_id                  3GK5 
_struct.title                     
;Crystal structure of rhodanese-related protein (TVG0868615) from Thermoplasma volcanium, Northeast Structural Genomics Consortium Target TvR109A
;
_struct.pdbx_model_details        ? 
_struct.pdbx_CASP_flag            ? 
_struct.pdbx_model_type_details   ? 
# 
_struct_keywords.entry_id        3GK5 
_struct_keywords.text            
;alpha-beta protein, Structural Genomics, PSI-2, Protein Structure Initiative, Northeast Structural Genomics Consortium, NESG, UNKNOWN FUNCTION
;
_struct_keywords.pdbx_keywords   'STRUCTURAL GENOMICS, UNKNOWN FUNCTION' 
# 
loop_
_struct_asym.id 
_struct_asym.pdbx_blank_PDB_chainid_flag 
_struct_asym.pdbx_modified 
_struct_asym.entity_id 
_struct_asym.details 
A N N 1 ? 
B N N 2 ? 
# 
_struct_biol.id        1 
_struct_biol.details   ? 
# 
loop_
_struct_conf.conf_type_id 
_struct_conf.id 
_struct_conf.pdbx_PDB_helix_id 
_struct_conf.beg_label_comp_id 
_struct_conf.beg_label_asym_id 
_struct_conf.beg_label_seq_id 
_struct_conf.pdbx_beg_PDB_ins_code 
_struct_conf.end_label_comp_id 
_struct_conf.end_label_asym_id 
_struct_conf.end_label_seq_id 
_struct_conf.pdbx_end_PDB_ins_code 
_struct_conf.beg_auth_comp_id 
_struct_conf.beg_auth_asym_id 
_struct_conf.beg_auth_seq_id 
_struct_conf.end_auth_comp_id 
_struct_conf.end_auth_asym_id 
_struct_conf.end_auth_seq_id 
_struct_conf.pdbx_PDB_helix_class 
_struct_conf.details 
_struct_conf.pdbx_PDB_helix_length 
HELX_P HELX_P1 1 ASN A 7  ? ASN A 14 ? ASN A 105 ASN A 112 1 ? 8  
HELX_P HELX_P2 2 GLU A 25 ? ILE A 30 ? GLU A 123 ILE A 128 1 ? 6  
HELX_P HELX_P3 3 PRO A 41 ? TRP A 49 ? PRO A 139 TRP A 147 1 ? 9  
HELX_P HELX_P4 4 LYS A 50 ? LEU A 52 ? LYS A 148 LEU A 150 5 ? 3  
HELX_P HELX_P5 5 GLY A 65 ? GLN A 77 ? GLY A 163 GLN A 175 1 ? 13 
HELX_P HELX_P6 6 GLY A 87 ? GLU A 95 ? GLY A 185 GLU A 193 1 ? 9  
# 
_struct_conf_type.id          HELX_P 
_struct_conf_type.criteria    ? 
_struct_conf_type.reference   ? 
# 
_struct_sheet.id               A 
_struct_sheet.type             ? 
_struct_sheet.number_strands   5 
_struct_sheet.details          ? 
# 
loop_
_struct_sheet_order.sheet_id 
_struct_sheet_order.range_id_1 
_struct_sheet_order.range_id_2 
_struct_sheet_order.offset 
_struct_sheet_order.sense 
A 1 2 ? parallel 
A 2 3 ? parallel 
A 3 4 ? parallel 
A 4 5 ? parallel 
# 
loop_
_struct_sheet_range.sheet_id 
_struct_sheet_range.id 
_struct_sheet_range.beg_label_comp_id 
_struct_sheet_range.beg_label_asym_id 
_struct_sheet_range.beg_label_seq_id 
_struct_sheet_range.pdbx_beg_PDB_ins_code 
_struct_sheet_range.end_label_comp_id 
_struct_sheet_range.end_label_asym_id 
_struct_sheet_range.end_label_seq_id 
_struct_sheet_range.pdbx_end_PDB_ins_code 
_struct_sheet_range.beg_auth_comp_id 
_struct_sheet_range.beg_auth_asym_id 
_struct_sheet_range.beg_auth_seq_id 
_struct_sheet_range.end_auth_comp_id 
_struct_sheet_range.end_auth_asym_id 
_struct_sheet_range.end_auth_seq_id 
A 1 SER A 5  ? ILE A 6  ? SER A 103 ILE A 104 
A 2 ILE A 82 ? VAL A 85 ? ILE A 180 VAL A 183 
A 3 TYR A 58 ? ILE A 61 ? TYR A 156 ILE A 159 
A 4 THR A 19 ? ASP A 22 ? THR A 117 ASP A 120 
A 5 ILE A 38 ? ASN A 39 ? ILE A 136 ASN A 137 
# 
loop_
_pdbx_struct_sheet_hbond.sheet_id 
_pdbx_struct_sheet_hbond.range_id_1 
_pdbx_struct_sheet_hbond.range_id_2 
_pdbx_struct_sheet_hbond.range_1_label_atom_id 
_pdbx_struct_sheet_hbond.range_1_label_comp_id 
_pdbx_struct_sheet_hbond.range_1_label_asym_id 
_pdbx_struct_sheet_hbond.range_1_label_seq_id 
_pdbx_struct_sheet_hbond.range_1_PDB_ins_code 
_pdbx_struct_sheet_hbond.range_1_auth_atom_id 
_pdbx_struct_sheet_hbond.range_1_auth_comp_id 
_pdbx_struct_sheet_hbond.range_1_auth_asym_id 
_pdbx_struct_sheet_hbond.range_1_auth_seq_id 
_pdbx_struct_sheet_hbond.range_2_label_atom_id 
_pdbx_struct_sheet_hbond.range_2_label_comp_id 
_pdbx_struct_sheet_hbond.range_2_label_asym_id 
_pdbx_struct_sheet_hbond.range_2_label_seq_id 
_pdbx_struct_sheet_hbond.range_2_PDB_ins_code 
_pdbx_struct_sheet_hbond.range_2_auth_atom_id 
_pdbx_struct_sheet_hbond.range_2_auth_comp_id 
_pdbx_struct_sheet_hbond.range_2_auth_asym_id 
_pdbx_struct_sheet_hbond.range_2_auth_seq_id 
A 1 2 N ILE A 6  ? N ILE A 104 O ASP A 84 ? O ASP A 182 
A 2 3 O VAL A 83 ? O VAL A 181 N VAL A 60 ? N VAL A 158 
A 3 4 O ALA A 59 ? O ALA A 157 N LEU A 21 ? N LEU A 119 
A 4 5 N ASP A 22 ? N ASP A 120 O ILE A 38 ? O ILE A 136 
# 
_atom_sites.entry_id                    3GK5 
_atom_sites.fract_transf_matrix[1][1]   0.01150018 
_atom_sites.fract_transf_matrix[1][2]   -0.00377055 
_atom_sites.fract_transf_matrix[1][3]   -0.00449314 
_atom_sites.fract_transf_matrix[2][1]   0.00702935 
_atom_sites.fract_transf_matrix[2][2]   0.00801474 
_atom_sites.fract_transf_matrix[2][3]   -0.00727973 
_atom_sites.fract_transf_matrix[3][1]   0.01272518 
_atom_sites.fract_transf_matrix[3][2]   0.01045412 
_atom_sites.fract_transf_matrix[3][3]   0.02379716 
_atom_sites.fract_transf_vector[1]      0.523439 
_atom_sites.fract_transf_vector[2]      0.062394 
_atom_sites.fract_transf_vector[3]      -0.007719 
# 
loop_
_atom_type.symbol 
C 
N 
O 
S 
# 
loop_
_atom_site.group_PDB 
_atom_site.id 
_atom_site.type_symbol 
_atom_site.label_atom_id 
_atom_site.label_alt_id 
_atom_site.label_comp_id 
_atom_site.label_asym_id 
_atom_site.label_entity_id 
_atom_site.label_seq_id 
_atom_site.pdbx_PDB_ins_code 
_atom_site.Cartn_x 
_atom_site.Cartn_y 
_atom_site.Cartn_z 
_atom_site.occupancy 
_atom_site.B_iso_or_equiv 
_atom_site.pdbx_formal_charge 
_atom_site.auth_seq_id 
_atom_site.auth_comp_id 
_atom_site.auth_asym_id 
_atom_site.auth_atom_id 
_atom_site.pdbx_PDB_model_num 
ATOM   1   N N   . TYR A 1 3   ? -3.290  2.308   -14.438 1.00 43.36 ? 101 TYR A N   1 
ATOM   2   C CA  . TYR A 1 3   ? -3.903  1.733   -13.204 1.00 47.18 ? 101 TYR A CA  1 
ATOM   3   C C   . TYR A 1 3   ? -3.870  0.208   -13.209 1.00 49.85 ? 101 TYR A C   1 
ATOM   4   O O   . TYR A 1 3   ? -4.450  -0.431  -14.090 1.00 49.98 ? 101 TYR A O   1 
ATOM   5   C CB  . TYR A 1 3   ? -5.359  2.197   -13.061 1.00 51.90 ? 101 TYR A CB  1 
ATOM   6   C CG  . TYR A 1 3   ? -6.052  1.632   -11.840 1.00 43.44 ? 101 TYR A CG  1 
ATOM   7   C CD1 . TYR A 1 3   ? -5.838  2.179   -10.578 1.00 52.28 ? 101 TYR A CD1 1 
ATOM   8   C CD2 . TYR A 1 3   ? -6.864  0.503   -11.935 1.00 51.59 ? 101 TYR A CD2 1 
ATOM   9   C CE1 . TYR A 1 3   ? -6.409  1.611   -9.438  1.00 50.07 ? 101 TYR A CE1 1 
ATOM   10  C CE2 . TYR A 1 3   ? -7.439  -0.076  -10.798 1.00 46.19 ? 101 TYR A CE2 1 
ATOM   11  C CZ  . TYR A 1 3   ? -7.202  0.482   -9.555  1.00 42.15 ? 101 TYR A CZ  1 
ATOM   12  O OH  . TYR A 1 3   ? -7.723  -0.104  -8.423  1.00 40.75 ? 101 TYR A OH  1 
ATOM   13  N N   . ARG A 1 4   ? -3.188  -0.368  -12.221 1.00 48.81 ? 102 ARG A N   1 
ATOM   14  C CA  . ARG A 1 4   ? -3.087  -1.817  -12.089 1.00 46.43 ? 102 ARG A CA  1 
ATOM   15  C C   . ARG A 1 4   ? -3.503  -2.223  -10.677 1.00 45.46 ? 102 ARG A C   1 
ATOM   16  O O   . ARG A 1 4   ? -3.476  -1.411  -9.754  1.00 47.07 ? 102 ARG A O   1 
ATOM   17  C CB  . ARG A 1 4   ? -1.654  -2.294  -12.339 1.00 53.64 ? 102 ARG A CB  1 
ATOM   18  C CG  . ARG A 1 4   ? -1.010  -1.773  -13.613 1.00 51.07 ? 102 ARG A CG  1 
ATOM   19  C CD  . ARG A 1 4   ? -0.234  -0.493  -13.348 1.00 55.00 ? 102 ARG A CD  1 
ATOM   20  N NE  . ARG A 1 4   ? 0.853   -0.691  -12.388 1.00 61.51 ? 102 ARG A NE  1 
ATOM   21  C CZ  . ARG A 1 4   ? 1.897   -1.495  -12.583 1.00 64.57 ? 102 ARG A CZ  1 
ATOM   22  N NH1 . ARG A 1 4   ? 2.832   -1.609  -11.651 1.00 62.07 ? 102 ARG A NH1 1 
ATOM   23  N NH2 . ARG A 1 4   ? 2.008   -2.188  -13.709 1.00 65.49 ? 102 ARG A NH2 1 
ATOM   24  N N   . SER A 1 5   ? -3.877  -3.485  -10.513 1.00 43.00 ? 103 SER A N   1 
ATOM   25  C CA  . SER A 1 5   ? -4.297  -3.987  -9.214  1.00 39.50 ? 103 SER A CA  1 
ATOM   26  C C   . SER A 1 5   ? -3.609  -5.318  -8.919  1.00 37.23 ? 103 SER A C   1 
ATOM   27  O O   . SER A 1 5   ? -3.141  -5.993  -9.840  1.00 33.15 ? 103 SER A O   1 
ATOM   28  C CB  . SER A 1 5   ? -5.817  -4.154  -9.201  1.00 35.90 ? 103 SER A CB  1 
ATOM   29  O OG  . SER A 1 5   ? -6.276  -4.569  -7.932  1.00 51.49 ? 103 SER A OG  1 
ATOM   30  N N   . ILE A 1 6   ? -3.550  -5.692  -7.640  1.00 35.38 ? 104 ILE A N   1 
ATOM   31  C CA  . ILE A 1 6   ? -2.902  -6.940  -7.230  1.00 31.25 ? 104 ILE A CA  1 
ATOM   32  C C   . ILE A 1 6   ? -3.578  -7.653  -6.060  1.00 34.81 ? 104 ILE A C   1 
ATOM   33  O O   . ILE A 1 6   ? -3.865  -7.061  -5.025  1.00 31.28 ? 104 ILE A O   1 
ATOM   34  C CB  . ILE A 1 6   ? -1.405  -6.706  -6.861  1.00 26.15 ? 104 ILE A CB  1 
ATOM   35  C CG1 . ILE A 1 6   ? -0.780  -7.995  -6.340  1.00 27.61 ? 104 ILE A CG1 1 
ATOM   36  C CG2 . ILE A 1 6   ? -1.282  -5.632  -5.808  1.00 26.37 ? 104 ILE A CG2 1 
ATOM   37  C CD1 . ILE A 1 6   ? 0.668   -7.840  -5.934  1.00 39.94 ? 104 ILE A CD1 1 
ATOM   38  N N   . ASN A 1 7   ? -3.809  -8.945  -6.246  1.00 38.49 ? 105 ASN A N   1 
ATOM   39  C CA  . ASN A 1 7   ? -4.437  -9.795  -5.249  1.00 36.58 ? 105 ASN A CA  1 
ATOM   40  C C   . ASN A 1 7   ? -3.548  -9.899  -4.006  1.00 37.41 ? 105 ASN A C   1 
ATOM   41  O O   . ASN A 1 7   ? -2.342  -9.671  -4.079  1.00 36.84 ? 105 ASN A O   1 
ATOM   42  C CB  . ASN A 1 7   ? -4.639  -11.187 -5.845  1.00 49.92 ? 105 ASN A CB  1 
ATOM   43  C CG  . ASN A 1 7   ? -5.546  -12.049 -5.012  1.00 60.77 ? 105 ASN A CG  1 
ATOM   44  O OD1 . ASN A 1 7   ? -5.480  -13.278 -5.074  1.00 67.41 ? 105 ASN A OD1 1 
ATOM   45  N ND2 . ASN A 1 7   ? -6.419  -11.414 -4.233  1.00 73.85 ? 105 ASN A ND2 1 
ATOM   46  N N   . ALA A 1 8   ? -4.142  -10.256 -2.869  1.00 34.00 ? 106 ALA A N   1 
ATOM   47  C CA  . ALA A 1 8   ? -3.385  -10.402 -1.626  1.00 31.27 ? 106 ALA A CA  1 
ATOM   48  C C   . ALA A 1 8   ? -2.380  -11.543 -1.755  1.00 25.62 ? 106 ALA A C   1 
ATOM   49  O O   . ALA A 1 8   ? -1.203  -11.389 -1.441  1.00 31.09 ? 106 ALA A O   1 
ATOM   50  C CB  . ALA A 1 8   ? -4.327  -10.675 -0.468  1.00 23.56 ? 106 ALA A CB  1 
ATOM   51  N N   . ALA A 1 9   ? -2.861  -12.690 -2.216  1.00 25.58 ? 107 ALA A N   1 
ATOM   52  C CA  . ALA A 1 9   ? -2.012  -13.855 -2.384  1.00 30.74 ? 107 ALA A CA  1 
ATOM   53  C C   . ALA A 1 9   ? -0.847  -13.517 -3.295  1.00 27.94 ? 107 ALA A C   1 
ATOM   54  O O   . ALA A 1 9   ? 0.285   -13.944 -3.054  1.00 33.30 ? 107 ALA A O   1 
ATOM   55  C CB  . ALA A 1 9   ? -2.815  -15.018 -2.959  1.00 30.63 ? 107 ALA A CB  1 
ATOM   56  N N   . ASP A 1 10  ? -1.130  -12.749 -4.342  1.00 26.21 ? 108 ASP A N   1 
ATOM   57  C CA  . ASP A 1 10  ? -0.102  -12.336 -5.294  1.00 26.07 ? 108 ASP A CA  1 
ATOM   58  C C   . ASP A 1 10  ? 0.965   -11.516 -4.586  1.00 28.42 ? 108 ASP A C   1 
ATOM   59  O O   . ASP A 1 10  ? 2.159   -11.812 -4.685  1.00 24.24 ? 108 ASP A O   1 
ATOM   60  C CB  . ASP A 1 10  ? -0.723  -11.496 -6.413  1.00 36.54 ? 108 ASP A CB  1 
ATOM   61  C CG  . ASP A 1 10  ? -1.529  -12.322 -7.394  1.00 49.22 ? 108 ASP A CG  1 
ATOM   62  O OD1 . ASP A 1 10  ? -2.447  -11.750 -8.027  1.00 47.95 ? 108 ASP A OD1 1 
ATOM   63  O OD2 . ASP A 1 10  ? -1.237  -13.533 -7.544  1.00 55.53 ? 108 ASP A OD2 1 
ATOM   64  N N   . LEU A 1 11  ? 0.530   -10.477 -3.876  1.00 24.23 ? 109 LEU A N   1 
ATOM   65  C CA  . LEU A 1 11  ? 1.458   -9.617  -3.152  1.00 28.01 ? 109 LEU A CA  1 
ATOM   66  C C   . LEU A 1 11  ? 2.354   -10.414 -2.213  1.00 24.70 ? 109 LEU A C   1 
ATOM   67  O O   . LEU A 1 11  ? 3.571   -10.269 -2.248  1.00 26.26 ? 109 LEU A O   1 
ATOM   68  C CB  . LEU A 1 11  ? 0.701   -8.549  -2.350  1.00 22.21 ? 109 LEU A CB  1 
ATOM   69  C CG  . LEU A 1 11  ? 1.537   -7.626  -1.448  1.00 13.27 ? 109 LEU A CG  1 
ATOM   70  C CD1 . LEU A 1 11  ? 2.715   -7.045  -2.211  1.00 5.80  ? 109 LEU A CD1 1 
ATOM   71  C CD2 . LEU A 1 11  ? 0.653   -6.504  -0.924  1.00 16.46 ? 109 LEU A CD2 1 
ATOM   72  N N   . TYR A 1 12  ? 1.749   -11.252 -1.380  1.00 22.06 ? 110 TYR A N   1 
ATOM   73  C CA  . TYR A 1 12  ? 2.503   -12.050 -0.423  1.00 22.16 ? 110 TYR A CA  1 
ATOM   74  C C   . TYR A 1 12  ? 3.527   -12.958 -1.086  1.00 25.16 ? 110 TYR A C   1 
ATOM   75  O O   . TYR A 1 12  ? 4.645   -13.097 -0.595  1.00 28.88 ? 110 TYR A O   1 
ATOM   76  C CB  . TYR A 1 12  ? 1.547   -12.876 0.440   1.00 26.88 ? 110 TYR A CB  1 
ATOM   77  C CG  . TYR A 1 12  ? 2.232   -13.766 1.448   1.00 22.68 ? 110 TYR A CG  1 
ATOM   78  C CD1 . TYR A 1 12  ? 2.386   -15.136 1.210   1.00 25.31 ? 110 TYR A CD1 1 
ATOM   79  C CD2 . TYR A 1 12  ? 2.727   -13.243 2.647   1.00 26.21 ? 110 TYR A CD2 1 
ATOM   80  C CE1 . TYR A 1 12  ? 3.014   -15.965 2.145   1.00 22.31 ? 110 TYR A CE1 1 
ATOM   81  C CE2 . TYR A 1 12  ? 3.359   -14.062 3.586   1.00 23.97 ? 110 TYR A CE2 1 
ATOM   82  C CZ  . TYR A 1 12  ? 3.496   -15.420 3.328   1.00 27.94 ? 110 TYR A CZ  1 
ATOM   83  O OH  . TYR A 1 12  ? 4.109   -16.229 4.262   1.00 27.64 ? 110 TYR A OH  1 
ATOM   84  N N   . GLU A 1 13  ? 3.151   -13.568 -2.204  1.00 19.53 ? 111 GLU A N   1 
ATOM   85  C CA  . GLU A 1 13  ? 4.055   -14.453 -2.920  1.00 19.80 ? 111 GLU A CA  1 
ATOM   86  C C   . GLU A 1 13  ? 5.227   -13.704 -3.551  1.00 19.56 ? 111 GLU A C   1 
ATOM   87  O O   . GLU A 1 13  ? 6.270   -14.295 -3.831  1.00 26.91 ? 111 GLU A O   1 
ATOM   88  C CB  . GLU A 1 13  ? 3.300   -15.200 -4.011  1.00 20.67 ? 111 GLU A CB  1 
ATOM   89  C CG  . GLU A 1 13  ? 2.329   -16.222 -3.492  1.00 34.76 ? 111 GLU A CG  1 
ATOM   90  C CD  . GLU A 1 13  ? 1.340   -16.650 -4.553  1.00 47.04 ? 111 GLU A CD  1 
ATOM   91  O OE1 . GLU A 1 13  ? 1.789   -17.063 -5.645  1.00 53.24 ? 111 GLU A OE1 1 
ATOM   92  O OE2 . GLU A 1 13  ? 0.117   -16.571 -4.294  1.00 46.64 ? 111 GLU A OE2 1 
ATOM   93  N N   . ASN A 1 14  ? 5.049   -12.408 -3.781  1.00 19.99 ? 112 ASN A N   1 
ATOM   94  C CA  . ASN A 1 14  ? 6.087   -11.588 -4.395  1.00 21.52 ? 112 ASN A CA  1 
ATOM   95  C C   . ASN A 1 14  ? 6.481   -10.446 -3.470  1.00 21.09 ? 112 ASN A C   1 
ATOM   96  O O   . ASN A 1 14  ? 7.083   -9.464  -3.899  1.00 20.17 ? 112 ASN A O   1 
ATOM   97  C CB  . ASN A 1 14  ? 5.583   -11.036 -5.737  1.00 20.34 ? 112 ASN A CB  1 
ATOM   98  C CG  . ASN A 1 14  ? 5.385   -12.135 -6.787  1.00 22.84 ? 112 ASN A CG  1 
ATOM   99  O OD1 . ASN A 1 14  ? 6.347   -12.605 -7.386  1.00 17.58 ? 112 ASN A OD1 1 
ATOM   100 N ND2 . ASN A 1 14  ? 4.135   -12.550 -6.997  1.00 15.16 ? 112 ASN A ND2 1 
ATOM   101 N N   . ILE A 1 15  ? 6.160   -10.613 -2.191  1.00 23.36 ? 113 ILE A N   1 
ATOM   102 C CA  . ILE A 1 15  ? 6.425   -9.615  -1.163  1.00 23.24 ? 113 ILE A CA  1 
ATOM   103 C C   . ILE A 1 15  ? 7.789   -8.920  -1.255  1.00 24.59 ? 113 ILE A C   1 
ATOM   104 O O   . ILE A 1 15  ? 7.901   -7.723  -0.970  1.00 28.55 ? 113 ILE A O   1 
ATOM   105 C CB  . ILE A 1 15  ? 6.213   -10.245 0.261   1.00 27.31 ? 113 ILE A CB  1 
ATOM   106 C CG1 . ILE A 1 15  ? 6.403   -9.189  1.352   1.00 29.42 ? 113 ILE A CG1 1 
ATOM   107 C CG2 . ILE A 1 15  ? 7.156   -11.413 0.470   1.00 11.52 ? 113 ILE A CG2 1 
ATOM   108 C CD1 . ILE A 1 15  ? 7.875   -8.894  1.675   1.00 52.72 ? 113 ILE A CD1 1 
ATOM   109 N N   . LYS A 1 16  ? 8.821   -9.650  -1.660  1.00 28.56 ? 114 LYS A N   1 
ATOM   110 C CA  . LYS A 1 16  ? 10.152  -9.062  -1.769  1.00 23.62 ? 114 LYS A CA  1 
ATOM   111 C C   . LYS A 1 16  ? 10.281  -8.191  -3.018  1.00 22.55 ? 114 LYS A C   1 
ATOM   112 O O   . LYS A 1 16  ? 11.152  -7.322  -3.098  1.00 22.18 ? 114 LYS A O   1 
ATOM   113 C CB  . LYS A 1 16  ? 11.223  -10.165 -1.779  1.00 22.91 ? 114 LYS A CB  1 
ATOM   114 C CG  . LYS A 1 16  ? 11.322  -10.969 -0.486  1.00 26.39 ? 114 LYS A CG  1 
ATOM   115 C CD  . LYS A 1 16  ? 12.293  -12.140 -0.644  1.00 44.38 ? 114 LYS A CD  1 
ATOM   116 C CE  . LYS A 1 16  ? 12.347  -13.042 0.589   1.00 50.65 ? 114 LYS A CE  1 
ATOM   117 N NZ  . LYS A 1 16  ? 13.185  -14.269 0.355   1.00 46.80 ? 114 LYS A NZ  1 
ATOM   118 N N   . ALA A 1 17  ? 9.418   -8.424  -3.998  1.00 15.25 ? 115 ALA A N   1 
ATOM   119 C CA  . ALA A 1 17  ? 9.468   -7.633  -5.219  1.00 17.40 ? 115 ALA A CA  1 
ATOM   120 C C   . ALA A 1 17  ? 8.756   -6.283  -5.061  1.00 20.86 ? 115 ALA A C   1 
ATOM   121 O O   . ALA A 1 17  ? 8.957   -5.371  -5.867  1.00 22.79 ? 115 ALA A O   1 
ATOM   122 C CB  . ALA A 1 17  ? 8.860   -8.415  -6.376  1.00 19.70 ? 115 ALA A CB  1 
ATOM   123 N N   . TYR A 1 18  ? 7.930   -6.153  -4.028  1.00 19.62 ? 116 TYR A N   1 
ATOM   124 C CA  . TYR A 1 18  ? 7.209   -4.907  -3.798  1.00 27.89 ? 116 TYR A CA  1 
ATOM   125 C C   . TYR A 1 18  ? 7.646   -4.207  -2.536  1.00 24.00 ? 116 TYR A C   1 
ATOM   126 O O   . TYR A 1 18  ? 8.328   -4.781  -1.688  1.00 29.49 ? 116 TYR A O   1 
ATOM   127 C CB  . TYR A 1 18  ? 5.698   -5.138  -3.688  1.00 18.36 ? 116 TYR A CB  1 
ATOM   128 C CG  . TYR A 1 18  ? 5.041   -5.650  -4.942  1.00 28.05 ? 116 TYR A CG  1 
ATOM   129 C CD1 . TYR A 1 18  ? 5.091   -7.003  -5.276  1.00 13.05 ? 116 TYR A CD1 1 
ATOM   130 C CD2 . TYR A 1 18  ? 4.361   -4.777  -5.799  1.00 23.89 ? 116 TYR A CD2 1 
ATOM   131 C CE1 . TYR A 1 18  ? 4.478   -7.473  -6.430  1.00 29.81 ? 116 TYR A CE1 1 
ATOM   132 C CE2 . TYR A 1 18  ? 3.743   -5.235  -6.955  1.00 25.46 ? 116 TYR A CE2 1 
ATOM   133 C CZ  . TYR A 1 18  ? 3.807   -6.585  -7.267  1.00 32.54 ? 116 TYR A CZ  1 
ATOM   134 O OH  . TYR A 1 18  ? 3.219   -7.038  -8.423  1.00 29.99 ? 116 TYR A OH  1 
ATOM   135 N N   . THR A 1 19  ? 7.222   -2.954  -2.435  1.00 22.72 ? 117 THR A N   1 
ATOM   136 C CA  . THR A 1 19  ? 7.483   -2.102  -1.288  1.00 21.84 ? 117 THR A CA  1 
ATOM   137 C C   . THR A 1 19  ? 6.111   -1.571  -0.928  1.00 17.17 ? 117 THR A C   1 
ATOM   138 O O   . THR A 1 19  ? 5.630   -0.637  -1.539  1.00 15.79 ? 117 THR A O   1 
ATOM   139 C CB  . THR A 1 19  ? 8.376   -0.916  -1.652  1.00 29.93 ? 117 THR A CB  1 
ATOM   140 O OG1 . THR A 1 19  ? 9.682   -1.386  -2.005  1.00 33.81 ? 117 THR A OG1 1 
ATOM   141 C CG2 . THR A 1 19  ? 8.471   0.051   -0.472  1.00 31.87 ? 117 THR A CG2 1 
ATOM   142 N N   . VAL A 1 20  ? 5.482   -2.189  0.059   1.00 26.52 ? 118 VAL A N   1 
ATOM   143 C CA  . VAL A 1 20  ? 4.147   -1.803  0.484   1.00 23.68 ? 118 VAL A CA  1 
ATOM   144 C C   . VAL A 1 20  ? 4.047   -0.353  0.941   1.00 26.59 ? 118 VAL A C   1 
ATOM   145 O O   . VAL A 1 20  ? 4.797   0.073   1.821   1.00 27.76 ? 118 VAL A O   1 
ATOM   146 C CB  . VAL A 1 20  ? 3.673   -2.701  1.637   1.00 14.01 ? 118 VAL A CB  1 
ATOM   147 C CG1 . VAL A 1 20  ? 2.264   -2.344  2.023   1.00 23.09 ? 118 VAL A CG1 1 
ATOM   148 C CG2 . VAL A 1 20  ? 3.773   -4.158  1.233   1.00 13.49 ? 118 VAL A CG2 1 
ATOM   149 N N   . LEU A 1 21  ? 3.121   0.398   0.346   1.00 21.11 ? 119 LEU A N   1 
ATOM   150 C CA  . LEU A 1 21  ? 2.898   1.795   0.734   1.00 22.09 ? 119 LEU A CA  1 
ATOM   151 C C   . LEU A 1 21  ? 1.553   1.836   1.455   1.00 19.74 ? 119 LEU A C   1 
ATOM   152 O O   . LEU A 1 21  ? 0.506   1.621   0.840   1.00 18.46 ? 119 LEU A O   1 
ATOM   153 C CB  . LEU A 1 21  ? 2.819   2.705   -0.490  1.00 13.56 ? 119 LEU A CB  1 
ATOM   154 C CG  . LEU A 1 21  ? 3.281   4.161   -0.363  1.00 22.24 ? 119 LEU A CG  1 
ATOM   155 C CD1 . LEU A 1 21  ? 2.576   4.981   -1.435  1.00 17.91 ? 119 LEU A CD1 1 
ATOM   156 C CD2 . LEU A 1 21  ? 2.989   4.734   1.005   1.00 24.04 ? 119 LEU A CD2 1 
ATOM   157 N N   . ASP A 1 22  ? 1.579   2.120   2.754   1.00 14.97 ? 120 ASP A N   1 
ATOM   158 C CA  . ASP A 1 22  ? 0.350   2.169   3.546   1.00 16.14 ? 120 ASP A CA  1 
ATOM   159 C C   . ASP A 1 22  ? -0.111  3.615   3.631   1.00 16.84 ? 120 ASP A C   1 
ATOM   160 O O   . ASP A 1 22  ? 0.537   4.439   4.271   1.00 16.44 ? 120 ASP A O   1 
ATOM   161 C CB  . ASP A 1 22  ? 0.610   1.594   4.943   1.00 11.61 ? 120 ASP A CB  1 
ATOM   162 C CG  . ASP A 1 22  ? -0.657  1.373   5.726   1.00 18.25 ? 120 ASP A CG  1 
ATOM   163 O OD1 . ASP A 1 22  ? -0.709  0.360   6.462   1.00 25.26 ? 120 ASP A OD1 1 
ATOM   164 O OD2 . ASP A 1 22  ? -1.596  2.204   5.626   1.00 20.26 ? 120 ASP A OD2 1 
ATOM   165 N N   . VAL A 1 23  ? -1.237  3.912   2.982   1.00 24.83 ? 121 VAL A N   1 
ATOM   166 C CA  . VAL A 1 23  ? -1.778  5.268   2.934   1.00 22.77 ? 121 VAL A CA  1 
ATOM   167 C C   . VAL A 1 23  ? -2.852  5.583   3.964   1.00 14.64 ? 121 VAL A C   1 
ATOM   168 O O   . VAL A 1 23  ? -3.571  6.574   3.844   1.00 19.21 ? 121 VAL A O   1 
ATOM   169 C CB  . VAL A 1 23  ? -2.330  5.560   1.544   1.00 22.73 ? 121 VAL A CB  1 
ATOM   170 C CG1 . VAL A 1 23  ? -1.245  5.295   0.509   1.00 16.71 ? 121 VAL A CG1 1 
ATOM   171 C CG2 . VAL A 1 23  ? -3.544  4.692   1.285   1.00 11.40 ? 121 VAL A CG2 1 
ATOM   172 N N   . ARG A 1 24  ? -2.943  4.739   4.980   1.00 21.37 ? 122 ARG A N   1 
ATOM   173 C CA  . ARG A 1 24  ? -3.906  4.912   6.056   1.00 19.44 ? 122 ARG A CA  1 
ATOM   174 C C   . ARG A 1 24  ? -3.329  5.895   7.066   1.00 14.72 ? 122 ARG A C   1 
ATOM   175 O O   . ARG A 1 24  ? -2.150  6.237   7.003   1.00 19.78 ? 122 ARG A O   1 
ATOM   176 C CB  . ARG A 1 24  ? -4.169  3.568   6.742   1.00 17.27 ? 122 ARG A CB  1 
ATOM   177 C CG  . ARG A 1 24  ? -4.696  2.488   5.811   1.00 24.54 ? 122 ARG A CG  1 
ATOM   178 C CD  . ARG A 1 24  ? -5.049  1.234   6.579   1.00 20.43 ? 122 ARG A CD  1 
ATOM   179 N NE  . ARG A 1 24  ? -3.857  0.610   7.144   1.00 23.13 ? 122 ARG A NE  1 
ATOM   180 C CZ  . ARG A 1 24  ? -3.870  -0.239  8.163   1.00 19.86 ? 122 ARG A CZ  1 
ATOM   181 N NH1 . ARG A 1 24  ? -5.017  -0.569  8.741   1.00 12.28 ? 122 ARG A NH1 1 
ATOM   182 N NH2 . ARG A 1 24  ? -2.735  -0.756  8.603   1.00 21.99 ? 122 ARG A NH2 1 
ATOM   183 N N   . GLU A 1 25  ? -4.164  6.344   7.993   1.00 18.14 ? 123 GLU A N   1 
ATOM   184 C CA  . GLU A 1 25  ? -3.721  7.271   9.023   1.00 24.69 ? 123 GLU A CA  1 
ATOM   185 C C   . GLU A 1 25  ? -2.869  6.486   10.011  1.00 22.68 ? 123 GLU A C   1 
ATOM   186 O O   . GLU A 1 25  ? -3.108  5.304   10.245  1.00 25.34 ? 123 GLU A O   1 
ATOM   187 C CB  . GLU A 1 25  ? -4.921  7.912   9.732   1.00 34.92 ? 123 GLU A CB  1 
ATOM   188 C CG  . GLU A 1 25  ? -5.769  8.785   8.811   1.00 34.06 ? 123 GLU A CG  1 
ATOM   189 C CD  . GLU A 1 25  ? -4.935  9.813   8.065   1.00 44.76 ? 123 GLU A CD  1 
ATOM   190 O OE1 . GLU A 1 25  ? -5.162  10.007  6.848   1.00 36.08 ? 123 GLU A OE1 1 
ATOM   191 O OE2 . GLU A 1 25  ? -4.050  10.436  8.696   1.00 52.21 ? 123 GLU A OE2 1 
ATOM   192 N N   . PRO A 1 26  ? -1.859  7.139   10.603  1.00 23.61 ? 124 PRO A N   1 
ATOM   193 C CA  . PRO A 1 26  ? -0.944  6.521   11.568  1.00 20.23 ? 124 PRO A CA  1 
ATOM   194 C C   . PRO A 1 26  ? -1.554  5.718   12.716  1.00 27.81 ? 124 PRO A C   1 
ATOM   195 O O   . PRO A 1 26  ? -0.993  4.695   13.117  1.00 35.59 ? 124 PRO A O   1 
ATOM   196 C CB  . PRO A 1 26  ? -0.088  7.698   12.046  1.00 20.45 ? 124 PRO A CB  1 
ATOM   197 C CG  . PRO A 1 26  ? -0.956  8.905   11.769  1.00 31.13 ? 124 PRO A CG  1 
ATOM   198 C CD  . PRO A 1 26  ? -1.578  8.575   10.452  1.00 10.54 ? 124 PRO A CD  1 
ATOM   199 N N   . PHE A 1 27  ? -2.697  6.155   13.239  1.00 27.89 ? 125 PHE A N   1 
ATOM   200 C CA  . PHE A 1 27  ? -3.331  5.437   14.349  1.00 23.84 ? 125 PHE A CA  1 
ATOM   201 C C   . PHE A 1 27  ? -3.879  4.093   13.922  1.00 22.77 ? 125 PHE A C   1 
ATOM   202 O O   . PHE A 1 27  ? -4.177  3.249   14.757  1.00 30.13 ? 125 PHE A O   1 
ATOM   203 C CB  . PHE A 1 27  ? -4.474  6.262   14.964  1.00 24.60 ? 125 PHE A CB  1 
ATOM   204 C CG  . PHE A 1 27  ? -5.707  6.354   14.098  1.00 20.08 ? 125 PHE A CG  1 
ATOM   205 C CD1 . PHE A 1 27  ? -6.658  5.334   14.091  1.00 26.75 ? 125 PHE A CD1 1 
ATOM   206 C CD2 . PHE A 1 27  ? -5.933  7.482   13.316  1.00 20.31 ? 125 PHE A CD2 1 
ATOM   207 C CE1 . PHE A 1 27  ? -7.824  5.444   13.316  1.00 19.36 ? 125 PHE A CE1 1 
ATOM   208 C CE2 . PHE A 1 27  ? -7.087  7.603   12.540  1.00 14.87 ? 125 PHE A CE2 1 
ATOM   209 C CZ  . PHE A 1 27  ? -8.035  6.582   12.542  1.00 9.04  ? 125 PHE A CZ  1 
ATOM   210 N N   . GLU A 1 28  ? -4.020  3.900   12.620  1.00 21.65 ? 126 GLU A N   1 
ATOM   211 C CA  . GLU A 1 28  ? -4.555  2.657   12.100  1.00 15.76 ? 126 GLU A CA  1 
ATOM   212 C C   . GLU A 1 28  ? -3.513  1.561   12.039  1.00 14.36 ? 126 GLU A C   1 
ATOM   213 O O   . GLU A 1 28  ? -3.852  0.385   12.078  1.00 20.74 ? 126 GLU A O   1 
ATOM   214 C CB  . GLU A 1 28  ? -5.139  2.883   10.703  1.00 26.05 ? 126 GLU A CB  1 
ATOM   215 C CG  . GLU A 1 28  ? -6.387  3.745   10.690  1.00 22.04 ? 126 GLU A CG  1 
ATOM   216 C CD  . GLU A 1 28  ? -6.915  4.009   9.294   1.00 19.81 ? 126 GLU A CD  1 
ATOM   217 O OE1 . GLU A 1 28  ? -6.562  5.048   8.700   1.00 14.59 ? 126 GLU A OE1 1 
ATOM   218 O OE2 . GLU A 1 28  ? -7.686  3.172   8.789   1.00 19.31 ? 126 GLU A OE2 1 
ATOM   219 N N   . LEU A 1 29  ? -2.245  1.937   11.937  1.00 19.51 ? 127 LEU A N   1 
ATOM   220 C CA  . LEU A 1 29  ? -1.186  0.941   11.849  1.00 18.66 ? 127 LEU A CA  1 
ATOM   221 C C   . LEU A 1 29  ? -0.849  0.277   13.175  1.00 16.07 ? 127 LEU A C   1 
ATOM   222 O O   . LEU A 1 29  ? -0.262  -0.797  13.202  1.00 16.82 ? 127 LEU A O   1 
ATOM   223 C CB  . LEU A 1 29  ? 0.080   1.550   11.235  1.00 5.99  ? 127 LEU A CB  1 
ATOM   224 C CG  . LEU A 1 29  ? 0.143   1.563   9.703   1.00 12.13 ? 127 LEU A CG  1 
ATOM   225 C CD1 . LEU A 1 29  ? -0.951  2.443   9.159   1.00 7.41  ? 127 LEU A CD1 1 
ATOM   226 C CD2 . LEU A 1 29  ? 1.524   2.060   9.231   1.00 4.88  ? 127 LEU A CD2 1 
ATOM   227 N N   . ILE A 1 30  ? -1.235  0.898   14.280  1.00 24.36 ? 128 ILE A N   1 
ATOM   228 C CA  . ILE A 1 30  ? -0.935  0.304   15.569  1.00 28.96 ? 128 ILE A CA  1 
ATOM   229 C C   . ILE A 1 30  ? -1.719  -0.998  15.730  1.00 27.82 ? 128 ILE A C   1 
ATOM   230 O O   . ILE A 1 30  ? -1.406  -1.819  16.592  1.00 26.96 ? 128 ILE A O   1 
ATOM   231 C CB  . ILE A 1 30  ? -1.258  1.274   16.716  1.00 26.70 ? 128 ILE A CB  1 
ATOM   232 C CG1 . ILE A 1 30  ? -2.760  1.405   16.894  1.00 34.98 ? 128 ILE A CG1 1 
ATOM   233 C CG2 . ILE A 1 30  ? -0.672  2.635   16.418  1.00 27.26 ? 128 ILE A CG2 1 
ATOM   234 C CD1 . ILE A 1 30  ? -3.324  0.399   17.877  1.00 45.68 ? 128 ILE A CD1 1 
ATOM   235 N N   . PHE A 1 31  ? -2.728  -1.196  14.889  1.00 19.99 ? 129 PHE A N   1 
ATOM   236 C CA  . PHE A 1 31  ? -3.517  -2.411  14.971  1.00 19.74 ? 129 PHE A CA  1 
ATOM   237 C C   . PHE A 1 31  ? -2.986  -3.500  14.039  1.00 20.59 ? 129 PHE A C   1 
ATOM   238 O O   . PHE A 1 31  ? -3.516  -4.605  13.988  1.00 24.56 ? 129 PHE A O   1 
ATOM   239 C CB  . PHE A 1 31  ? -4.984  -2.099  14.676  1.00 21.96 ? 129 PHE A CB  1 
ATOM   240 C CG  . PHE A 1 31  ? -5.631  -1.202  15.707  1.00 32.94 ? 129 PHE A CG  1 
ATOM   241 C CD1 . PHE A 1 31  ? -5.794  -1.631  17.024  1.00 23.21 ? 129 PHE A CD1 1 
ATOM   242 C CD2 . PHE A 1 31  ? -6.075  0.072   15.361  1.00 30.53 ? 129 PHE A CD2 1 
ATOM   243 C CE1 . PHE A 1 31  ? -6.389  -0.799  17.975  1.00 30.97 ? 129 PHE A CE1 1 
ATOM   244 C CE2 . PHE A 1 31  ? -6.670  0.908   16.304  1.00 25.79 ? 129 PHE A CE2 1 
ATOM   245 C CZ  . PHE A 1 31  ? -6.829  0.475   17.612  1.00 26.52 ? 129 PHE A CZ  1 
ATOM   246 N N   . GLY A 1 32  ? -1.920  -3.190  13.314  1.00 24.86 ? 130 GLY A N   1 
ATOM   247 C CA  . GLY A 1 32  ? -1.346  -4.174  12.418  1.00 25.39 ? 130 GLY A CA  1 
ATOM   248 C C   . GLY A 1 32  ? -1.026  -3.610  11.052  1.00 25.35 ? 130 GLY A C   1 
ATOM   249 O O   . GLY A 1 32  ? -1.811  -2.846  10.486  1.00 33.63 ? 130 GLY A O   1 
ATOM   250 N N   . SER A 1 33  ? 0.135   -3.977  10.523  1.00 21.14 ? 131 SER A N   1 
ATOM   251 C CA  . SER A 1 33  ? 0.542   -3.507  9.210   1.00 21.98 ? 131 SER A CA  1 
ATOM   252 C C   . SER A 1 33  ? 1.508   -4.485  8.577   1.00 17.29 ? 131 SER A C   1 
ATOM   253 O O   . SER A 1 33  ? 2.145   -5.274  9.265   1.00 21.36 ? 131 SER A O   1 
ATOM   254 C CB  . SER A 1 33  ? 1.204   -2.136  9.313   1.00 19.34 ? 131 SER A CB  1 
ATOM   255 O OG  . SER A 1 33  ? 2.463   -2.234  9.945   1.00 25.87 ? 131 SER A OG  1 
ATOM   256 N N   . ILE A 1 34  ? 1.602   -4.451  7.257   1.00 18.96 ? 132 ILE A N   1 
ATOM   257 C CA  . ILE A 1 34  ? 2.513   -5.343  6.569   1.00 16.37 ? 132 ILE A CA  1 
ATOM   258 C C   . ILE A 1 34  ? 3.915   -4.853  6.854   1.00 17.36 ? 132 ILE A C   1 
ATOM   259 O O   . ILE A 1 34  ? 4.176   -3.650  6.866   1.00 16.89 ? 132 ILE A O   1 
ATOM   260 C CB  . ILE A 1 34  ? 2.259   -5.344  5.067   1.00 10.17 ? 132 ILE A CB  1 
ATOM   261 C CG1 . ILE A 1 34  ? 0.792   -5.701  4.809   1.00 5.23  ? 132 ILE A CG1 1 
ATOM   262 C CG2 . ILE A 1 34  ? 3.194   -6.341  4.392   1.00 4.78  ? 132 ILE A CG2 1 
ATOM   263 C CD1 . ILE A 1 34  ? 0.416   -5.714  3.360   1.00 12.85 ? 132 ILE A CD1 1 
ATOM   264 N N   . ALA A 1 35  ? 4.813   -5.797  7.088   1.00 20.12 ? 133 ALA A N   1 
ATOM   265 C CA  . ALA A 1 35  ? 6.197   -5.492  7.412   1.00 21.05 ? 133 ALA A CA  1 
ATOM   266 C C   . ALA A 1 35  ? 6.924   -4.619  6.404   1.00 25.30 ? 133 ALA A C   1 
ATOM   267 O O   . ALA A 1 35  ? 6.781   -4.780  5.187   1.00 25.64 ? 133 ALA A O   1 
ATOM   268 C CB  . ALA A 1 35  ? 6.969   -6.793  7.616   1.00 23.76 ? 133 ALA A CB  1 
ATOM   269 N N   . ASN A 1 36  ? 7.732   -3.710  6.945   1.00 27.16 ? 134 ASN A N   1 
ATOM   270 C CA  . ASN A 1 36  ? 8.538   -2.779  6.165   1.00 23.23 ? 134 ASN A CA  1 
ATOM   271 C C   . ASN A 1 36  ? 7.718   -1.878  5.248   1.00 22.77 ? 134 ASN A C   1 
ATOM   272 O O   . ASN A 1 36  ? 8.259   -1.275  4.325   1.00 19.27 ? 134 ASN A O   1 
ATOM   273 C CB  . ASN A 1 36  ? 9.576   -3.545  5.334   1.00 29.78 ? 134 ASN A CB  1 
ATOM   274 C CG  . ASN A 1 36  ? 10.438  -4.474  6.178   1.00 34.68 ? 134 ASN A CG  1 
ATOM   275 O OD1 . ASN A 1 36  ? 10.993  -4.070  7.207   1.00 36.51 ? 134 ASN A OD1 1 
ATOM   276 N ND2 . ASN A 1 36  ? 10.559  -5.721  5.742   1.00 23.39 ? 134 ASN A ND2 1 
ATOM   277 N N   . SER A 1 37  ? 6.416   -1.782  5.489   1.00 22.97 ? 135 SER A N   1 
ATOM   278 C CA  . SER A 1 37  ? 5.594   -0.925  4.648   1.00 33.47 ? 135 SER A CA  1 
ATOM   279 C C   . SER A 1 37  ? 5.776   0.533   5.083   1.00 33.22 ? 135 SER A C   1 
ATOM   280 O O   . SER A 1 37  ? 5.676   0.851   6.268   1.00 41.31 ? 135 SER A O   1 
ATOM   281 C CB  . SER A 1 37  ? 4.111   -1.331  4.734   1.00 28.84 ? 135 SER A CB  1 
ATOM   282 O OG  . SER A 1 37  ? 3.506   -0.906  5.944   1.00 28.63 ? 135 SER A OG  1 
ATOM   283 N N   . ILE A 1 38  ? 6.080   1.409   4.128   1.00 29.42 ? 136 ILE A N   1 
ATOM   284 C CA  . ILE A 1 38  ? 6.247   2.824   4.428   1.00 22.13 ? 136 ILE A CA  1 
ATOM   285 C C   . ILE A 1 38  ? 4.859   3.422   4.589   1.00 22.97 ? 136 ILE A C   1 
ATOM   286 O O   . ILE A 1 38  ? 3.951   3.112   3.814   1.00 23.05 ? 136 ILE A O   1 
ATOM   287 C CB  . ILE A 1 38  ? 6.962   3.570   3.298   1.00 31.96 ? 136 ILE A CB  1 
ATOM   288 C CG1 . ILE A 1 38  ? 6.871   5.085   3.542   1.00 35.90 ? 136 ILE A CG1 1 
ATOM   289 C CG2 . ILE A 1 38  ? 6.330   3.207   1.962   1.00 35.37 ? 136 ILE A CG2 1 
ATOM   290 C CD1 . ILE A 1 38  ? 7.488   5.558   4.861   1.00 34.85 ? 136 ILE A CD1 1 
ATOM   291 N N   . ASN A 1 39  ? 4.705   4.287   5.587   1.00 16.87 ? 137 ASN A N   1 
ATOM   292 C CA  . ASN A 1 39  ? 3.421   4.911   5.868   1.00 17.94 ? 137 ASN A CA  1 
ATOM   293 C C   . ASN A 1 39  ? 3.304   6.358   5.398   1.00 17.35 ? 137 ASN A C   1 
ATOM   294 O O   . ASN A 1 39  ? 4.023   7.242   5.865   1.00 18.55 ? 137 ASN A O   1 
ATOM   295 C CB  . ASN A 1 39  ? 3.136   4.849   7.371   1.00 18.60 ? 137 ASN A CB  1 
ATOM   296 C CG  . ASN A 1 39  ? 1.776   5.425   7.745   1.00 27.41 ? 137 ASN A CG  1 
ATOM   297 O OD1 . ASN A 1 39  ? 1.603   5.939   8.855   1.00 31.19 ? 137 ASN A OD1 1 
ATOM   298 N ND2 . ASN A 1 39  ? 0.800   5.326   6.834   1.00 13.61 ? 137 ASN A ND2 1 
ATOM   299 N N   . ILE A 1 40  ? 2.400   6.579   4.453   1.00 12.42 ? 138 ILE A N   1 
ATOM   300 C CA  . ILE A 1 40  ? 2.122   7.907   3.955   1.00 12.49 ? 138 ILE A CA  1 
ATOM   301 C C   . ILE A 1 40  ? 0.607   8.076   3.882   1.00 19.89 ? 138 ILE A C   1 
ATOM   302 O O   . ILE A 1 40  ? -0.049  7.551   2.978   1.00 21.71 ? 138 ILE A O   1 
ATOM   303 C CB  . ILE A 1 40  ? 2.708   8.159   2.557   1.00 17.05 ? 138 ILE A CB  1 
ATOM   304 C CG1 . ILE A 1 40  ? 4.239   8.079   2.609   1.00 26.28 ? 138 ILE A CG1 1 
ATOM   305 C CG2 . ILE A 1 40  ? 2.296   9.564   2.078   1.00 21.54 ? 138 ILE A CG2 1 
ATOM   306 C CD1 . ILE A 1 40  ? 4.925   8.207   1.250   1.00 6.54  ? 138 ILE A CD1 1 
ATOM   307 N N   . PRO A 1 41  ? 0.027   8.796   4.854   1.00 23.24 ? 139 PRO A N   1 
ATOM   308 C CA  . PRO A 1 41  ? -1.426  9.014   4.861   1.00 15.38 ? 139 PRO A CA  1 
ATOM   309 C C   . PRO A 1 41  ? -1.824  9.806   3.624   1.00 17.30 ? 139 PRO A C   1 
ATOM   310 O O   . PRO A 1 41  ? -1.063  10.653  3.182   1.00 25.18 ? 139 PRO A O   1 
ATOM   311 C CB  . PRO A 1 41  ? -1.646  9.803   6.149   1.00 12.33 ? 139 PRO A CB  1 
ATOM   312 C CG  . PRO A 1 41  ? -0.552  9.291   7.043   1.00 26.09 ? 139 PRO A CG  1 
ATOM   313 C CD  . PRO A 1 41  ? 0.639   9.262   6.112   1.00 14.42 ? 139 PRO A CD  1 
ATOM   314 N N   . ILE A 1 42  ? -2.996  9.522   3.060   1.00 20.07 ? 140 ILE A N   1 
ATOM   315 C CA  . ILE A 1 42  ? -3.475  10.225  1.867   1.00 26.57 ? 140 ILE A CA  1 
ATOM   316 C C   . ILE A 1 42  ? -3.553  11.738  2.063   1.00 29.58 ? 140 ILE A C   1 
ATOM   317 O O   . ILE A 1 42  ? -3.631  12.495  1.094   1.00 28.40 ? 140 ILE A O   1 
ATOM   318 C CB  . ILE A 1 42  ? -4.887  9.753   1.444   1.00 26.87 ? 140 ILE A CB  1 
ATOM   319 C CG1 . ILE A 1 42  ? -5.783  9.685   2.673   1.00 31.91 ? 140 ILE A CG1 1 
ATOM   320 C CG2 . ILE A 1 42  ? -4.816  8.425   0.723   1.00 23.14 ? 140 ILE A CG2 1 
ATOM   321 C CD1 . ILE A 1 42  ? -7.178  9.187   2.385   1.00 55.79 ? 140 ILE A CD1 1 
ATOM   322 N N   . SER A 1 43  ? -3.546  12.180  3.317   1.00 32.91 ? 141 SER A N   1 
ATOM   323 C CA  . SER A 1 43  ? -3.629  13.607  3.617   1.00 36.82 ? 141 SER A CA  1 
ATOM   324 C C   . SER A 1 43  ? -2.261  14.254  3.525   1.00 37.51 ? 141 SER A C   1 
ATOM   325 O O   . SER A 1 43  ? -2.109  15.467  3.709   1.00 38.85 ? 141 SER A O   1 
ATOM   326 C CB  . SER A 1 43  ? -4.203  13.819  5.013   1.00 32.85 ? 141 SER A CB  1 
ATOM   327 O OG  . SER A 1 43  ? -5.520  13.293  5.083   1.00 50.69 ? 141 SER A OG  1 
ATOM   328 N N   . GLU A 1 44  ? -1.263  13.434  3.228   1.00 31.47 ? 142 GLU A N   1 
ATOM   329 C CA  . GLU A 1 44  ? 0.095   13.921  3.107   1.00 27.27 ? 142 GLU A CA  1 
ATOM   330 C C   . GLU A 1 44  ? 0.693   13.473  1.794   1.00 21.87 ? 142 GLU A C   1 
ATOM   331 O O   . GLU A 1 44  ? 1.675   14.046  1.335   1.00 28.71 ? 142 GLU A O   1 
ATOM   332 C CB  . GLU A 1 44  ? 0.951   13.396  4.258   1.00 17.88 ? 142 GLU A CB  1 
ATOM   333 C CG  . GLU A 1 44  ? 0.384   13.673  5.628   1.00 25.29 ? 142 GLU A CG  1 
ATOM   334 C CD  . GLU A 1 44  ? 1.279   13.163  6.734   1.00 41.69 ? 142 GLU A CD  1 
ATOM   335 O OE1 . GLU A 1 44  ? 0.802   13.064  7.885   1.00 53.61 ? 142 GLU A OE1 1 
ATOM   336 O OE2 . GLU A 1 44  ? 2.463   12.866  6.461   1.00 37.84 ? 142 GLU A OE2 1 
ATOM   337 N N   . LEU A 1 45  ? 0.081   12.464  1.184   1.00 18.31 ? 143 LEU A N   1 
ATOM   338 C CA  . LEU A 1 45  ? 0.584   11.908  -0.068  1.00 19.10 ? 143 LEU A CA  1 
ATOM   339 C C   . LEU A 1 45  ? 0.867   12.973  -1.113  1.00 17.58 ? 143 LEU A C   1 
ATOM   340 O O   . LEU A 1 45  ? 1.885   12.929  -1.799  1.00 25.45 ? 143 LEU A O   1 
ATOM   341 C CB  . LEU A 1 45  ? -0.401  10.880  -0.628  1.00 13.16 ? 143 LEU A CB  1 
ATOM   342 C CG  . LEU A 1 45  ? 0.108   10.004  -1.774  1.00 20.97 ? 143 LEU A CG  1 
ATOM   343 C CD1 . LEU A 1 45  ? 1.305   9.179   -1.293  1.00 12.10 ? 143 LEU A CD1 1 
ATOM   344 C CD2 . LEU A 1 45  ? -1.017  9.079   -2.260  1.00 19.34 ? 143 LEU A CD2 1 
ATOM   345 N N   . ARG A 1 46  ? -0.036  13.934  -1.231  1.00 27.68 ? 144 ARG A N   1 
ATOM   346 C CA  . ARG A 1 46  ? 0.129   15.007  -2.193  1.00 30.69 ? 144 ARG A CA  1 
ATOM   347 C C   . ARG A 1 46  ? 1.426   15.786  -1.969  1.00 24.85 ? 144 ARG A C   1 
ATOM   348 O O   . ARG A 1 46  ? 2.144   16.072  -2.915  1.00 23.49 ? 144 ARG A O   1 
ATOM   349 C CB  . ARG A 1 46  ? -1.086  15.937  -2.125  1.00 40.30 ? 144 ARG A CB  1 
ATOM   350 C CG  . ARG A 1 46  ? -0.785  17.389  -2.424  1.00 52.97 ? 144 ARG A CG  1 
ATOM   351 C CD  . ARG A 1 46  ? -1.839  17.982  -3.333  1.00 62.40 ? 144 ARG A CD  1 
ATOM   352 N NE  . ARG A 1 46  ? -1.682  17.496  -4.697  1.00 64.63 ? 144 ARG A NE  1 
ATOM   353 C CZ  . ARG A 1 46  ? -0.609  17.728  -5.444  1.00 72.01 ? 144 ARG A CZ  1 
ATOM   354 N NH1 . ARG A 1 46  ? 0.398   18.443  -4.955  1.00 72.24 ? 144 ARG A NH1 1 
ATOM   355 N NH2 . ARG A 1 46  ? -0.539  17.246  -6.678  1.00 74.96 ? 144 ARG A NH2 1 
ATOM   356 N N   . GLU A 1 47  ? 1.735   16.105  -0.716  1.00 34.60 ? 145 GLU A N   1 
ATOM   357 C CA  . GLU A 1 47  ? 2.942   16.865  -0.408  1.00 34.05 ? 145 GLU A CA  1 
ATOM   358 C C   . GLU A 1 47  ? 4.201   16.038  -0.203  1.00 37.18 ? 145 GLU A C   1 
ATOM   359 O O   . GLU A 1 47  ? 5.310   16.557  -0.325  1.00 40.22 ? 145 GLU A O   1 
ATOM   360 C CB  . GLU A 1 47  ? 2.746   17.724  0.849   1.00 43.51 ? 145 GLU A CB  1 
ATOM   361 C CG  . GLU A 1 47  ? 1.671   18.799  0.768   1.00 45.76 ? 145 GLU A CG  1 
ATOM   362 C CD  . GLU A 1 47  ? 0.304   18.305  1.207   1.00 50.64 ? 145 GLU A CD  1 
ATOM   363 O OE1 . GLU A 1 47  ? 0.201   17.714  2.308   1.00 44.99 ? 145 GLU A OE1 1 
ATOM   364 O OE2 . GLU A 1 47  ? -0.672  18.520  0.457   1.00 59.29 ? 145 GLU A OE2 1 
ATOM   365 N N   . LYS A 1 48  ? 4.051   14.760  0.116   1.00 39.90 ? 146 LYS A N   1 
ATOM   366 C CA  . LYS A 1 48  ? 5.233   13.949  0.368   1.00 39.07 ? 146 LYS A CA  1 
ATOM   367 C C   . LYS A 1 48  ? 5.405   12.709  -0.493  1.00 32.76 ? 146 LYS A C   1 
ATOM   368 O O   . LYS A 1 48  ? 6.021   11.736  -0.067  1.00 35.89 ? 146 LYS A O   1 
ATOM   369 C CB  . LYS A 1 48  ? 5.267   13.577  1.851   1.00 44.80 ? 146 LYS A CB  1 
ATOM   370 C CG  . LYS A 1 48  ? 5.103   14.795  2.759   1.00 49.91 ? 146 LYS A CG  1 
ATOM   371 C CD  . LYS A 1 48  ? 5.744   14.597  4.124   1.00 58.93 ? 146 LYS A CD  1 
ATOM   372 C CE  . LYS A 1 48  ? 5.110   13.455  4.898   1.00 64.68 ? 146 LYS A CE  1 
ATOM   373 N NZ  . LYS A 1 48  ? 5.739   13.312  6.246   1.00 64.15 ? 146 LYS A NZ  1 
ATOM   374 N N   . TRP A 1 49  ? 4.876   12.746  -1.708  1.00 25.26 ? 147 TRP A N   1 
ATOM   375 C CA  . TRP A 1 49  ? 5.001   11.605  -2.603  1.00 27.72 ? 147 TRP A CA  1 
ATOM   376 C C   . TRP A 1 49  ? 6.355   11.647  -3.307  1.00 34.05 ? 147 TRP A C   1 
ATOM   377 O O   . TRP A 1 49  ? 6.766   10.682  -3.954  1.00 34.83 ? 147 TRP A O   1 
ATOM   378 C CB  . TRP A 1 49  ? 3.897   11.630  -3.654  1.00 19.87 ? 147 TRP A CB  1 
ATOM   379 C CG  . TRP A 1 49  ? 4.062   12.728  -4.647  1.00 25.62 ? 147 TRP A CG  1 
ATOM   380 C CD1 . TRP A 1 49  ? 3.580   14.002  -4.552  1.00 30.52 ? 147 TRP A CD1 1 
ATOM   381 C CD2 . TRP A 1 49  ? 4.785   12.663  -5.877  1.00 30.30 ? 147 TRP A CD2 1 
ATOM   382 N NE1 . TRP A 1 49  ? 3.955   14.734  -5.650  1.00 33.05 ? 147 TRP A NE1 1 
ATOM   383 C CE2 . TRP A 1 49  ? 4.695   13.936  -6.483  1.00 31.70 ? 147 TRP A CE2 1 
ATOM   384 C CE3 . TRP A 1 49  ? 5.500   11.649  -6.531  1.00 27.26 ? 147 TRP A CE3 1 
ATOM   385 C CZ2 . TRP A 1 49  ? 5.299   14.227  -7.712  1.00 36.82 ? 147 TRP A CZ2 1 
ATOM   386 C CZ3 . TRP A 1 49  ? 6.101   11.939  -7.755  1.00 35.83 ? 147 TRP A CZ3 1 
ATOM   387 C CH2 . TRP A 1 49  ? 5.993   13.218  -8.333  1.00 32.81 ? 147 TRP A CH2 1 
ATOM   388 N N   . LYS A 1 50  ? 7.035   12.782  -3.181  1.00 35.80 ? 148 LYS A N   1 
ATOM   389 C CA  . LYS A 1 50  ? 8.329   12.988  -3.806  1.00 36.47 ? 148 LYS A CA  1 
ATOM   390 C C   . LYS A 1 50  ? 9.370   12.101  -3.149  1.00 32.41 ? 148 LYS A C   1 
ATOM   391 O O   . LYS A 1 50  ? 10.420  11.812  -3.725  1.00 33.37 ? 148 LYS A O   1 
ATOM   392 C CB  . LYS A 1 50  ? 8.722   14.467  -3.692  1.00 42.81 ? 148 LYS A CB  1 
ATOM   393 C CG  . LYS A 1 50  ? 7.576   15.423  -4.064  1.00 44.06 ? 148 LYS A CG  1 
ATOM   394 C CD  . LYS A 1 50  ? 8.009   16.883  -4.239  1.00 40.45 ? 148 LYS A CD  1 
ATOM   395 C CE  . LYS A 1 50  ? 8.693   17.463  -3.006  1.00 39.58 ? 148 LYS A CE  1 
ATOM   396 N NZ  . LYS A 1 50  ? 10.114  17.018  -2.855  1.00 39.48 ? 148 LYS A NZ  1 
ATOM   397 N N   . ILE A 1 51  ? 9.057   11.653  -1.943  1.00 32.95 ? 149 ILE A N   1 
ATOM   398 C CA  . ILE A 1 51  ? 9.955   10.801  -1.182  1.00 37.49 ? 149 ILE A CA  1 
ATOM   399 C C   . ILE A 1 51  ? 9.975   9.386   -1.748  1.00 34.05 ? 149 ILE A C   1 
ATOM   400 O O   . ILE A 1 51  ? 10.802  8.568   -1.358  1.00 41.18 ? 149 ILE A O   1 
ATOM   401 C CB  . ILE A 1 51  ? 9.517   10.750  0.282   1.00 48.57 ? 149 ILE A CB  1 
ATOM   402 C CG1 . ILE A 1 51  ? 9.152   12.168  0.744   1.00 59.99 ? 149 ILE A CG1 1 
ATOM   403 C CG2 . ILE A 1 51  ? 10.633  10.180  1.138   1.00 46.63 ? 149 ILE A CG2 1 
ATOM   404 C CD1 . ILE A 1 51  ? 8.537   12.233  2.128   1.00 74.74 ? 149 ILE A CD1 1 
ATOM   405 N N   . LEU A 1 52  ? 9.068   9.109   -2.676  1.00 30.93 ? 150 LEU A N   1 
ATOM   406 C CA  . LEU A 1 52  ? 8.972   7.795   -3.294  1.00 29.25 ? 150 LEU A CA  1 
ATOM   407 C C   . LEU A 1 52  ? 10.026  7.552   -4.371  1.00 33.76 ? 150 LEU A C   1 
ATOM   408 O O   . LEU A 1 52  ? 10.302  8.431   -5.189  1.00 44.94 ? 150 LEU A O   1 
ATOM   409 C CB  . LEU A 1 52  ? 7.574   7.615   -3.887  1.00 20.73 ? 150 LEU A CB  1 
ATOM   410 C CG  . LEU A 1 52  ? 6.473   7.088   -2.965  1.00 18.70 ? 150 LEU A CG  1 
ATOM   411 C CD1 . LEU A 1 52  ? 6.767   7.413   -1.517  1.00 33.08 ? 150 LEU A CD1 1 
ATOM   412 C CD2 . LEU A 1 52  ? 5.144   7.675   -3.396  1.00 19.54 ? 150 LEU A CD2 1 
ATOM   413 N N   . GLU A 1 53  ? 10.610  6.356   -4.364  1.00 32.97 ? 151 GLU A N   1 
ATOM   414 C CA  . GLU A 1 53  ? 11.631  5.974   -5.344  1.00 33.51 ? 151 GLU A CA  1 
ATOM   415 C C   . GLU A 1 53  ? 10.991  5.607   -6.672  1.00 34.55 ? 151 GLU A C   1 
ATOM   416 O O   . GLU A 1 53  ? 9.962   4.932   -6.710  1.00 34.67 ? 151 GLU A O   1 
ATOM   417 C CB  . GLU A 1 53  ? 12.435  4.770   -4.854  1.00 38.28 ? 151 GLU A CB  1 
ATOM   418 C CG  . GLU A 1 53  ? 13.762  5.104   -4.224  1.00 44.06 ? 151 GLU A CG  1 
ATOM   419 C CD  . GLU A 1 53  ? 13.612  5.853   -2.932  1.00 49.84 ? 151 GLU A CD  1 
ATOM   420 O OE1 . GLU A 1 53  ? 13.106  6.995   -2.960  1.00 57.62 ? 151 GLU A OE1 1 
ATOM   421 O OE2 . GLU A 1 53  ? 13.996  5.295   -1.883  1.00 57.83 ? 151 GLU A OE2 1 
ATOM   422 N N   . ARG A 1 54  ? 11.621  6.025   -7.762  1.00 37.78 ? 152 ARG A N   1 
ATOM   423 C CA  . ARG A 1 54  ? 11.098  5.742   -9.091  1.00 36.98 ? 152 ARG A CA  1 
ATOM   424 C C   . ARG A 1 54  ? 11.488  4.339   -9.526  1.00 35.81 ? 152 ARG A C   1 
ATOM   425 O O   . ARG A 1 54  ? 10.802  3.709   -10.333 1.00 37.99 ? 152 ARG A O   1 
ATOM   426 C CB  . ARG A 1 54  ? 11.647  6.763   -10.089 1.00 37.72 ? 152 ARG A CB  1 
ATOM   427 C CG  . ARG A 1 54  ? 11.002  6.711   -11.456 1.00 49.59 ? 152 ARG A CG  1 
ATOM   428 C CD  . ARG A 1 54  ? 11.682  7.692   -12.390 1.00 61.46 ? 152 ARG A CD  1 
ATOM   429 N NE  . ARG A 1 54  ? 10.965  7.858   -13.651 1.00 69.79 ? 152 ARG A NE  1 
ATOM   430 C CZ  . ARG A 1 54  ? 11.367  8.661   -14.630 1.00 75.55 ? 152 ARG A CZ  1 
ATOM   431 N NH1 . ARG A 1 54  ? 12.484  9.365   -14.490 1.00 77.01 ? 152 ARG A NH1 1 
ATOM   432 N NH2 . ARG A 1 54  ? 10.655  8.768   -15.745 1.00 73.97 ? 152 ARG A NH2 1 
ATOM   433 N N   . ASP A 1 55  ? 12.598  3.860   -8.971  1.00 34.83 ? 153 ASP A N   1 
ATOM   434 C CA  . ASP A 1 55  ? 13.125  2.535   -9.281  1.00 27.75 ? 153 ASP A CA  1 
ATOM   435 C C   . ASP A 1 55  ? 12.521  1.443   -8.407  1.00 32.76 ? 153 ASP A C   1 
ATOM   436 O O   . ASP A 1 55  ? 13.123  0.385   -8.229  1.00 38.63 ? 153 ASP A O   1 
ATOM   437 C CB  . ASP A 1 55  ? 14.639  2.523   -9.097  1.00 31.70 ? 153 ASP A CB  1 
ATOM   438 C CG  . ASP A 1 55  ? 15.046  2.791   -7.667  1.00 32.24 ? 153 ASP A CG  1 
ATOM   439 O OD1 . ASP A 1 55  ? 14.715  3.875   -7.146  1.00 33.92 ? 153 ASP A OD1 1 
ATOM   440 O OD2 . ASP A 1 55  ? 15.699  1.920   -7.061  1.00 45.64 ? 153 ASP A OD2 1 
ATOM   441 N N   . LYS A 1 56  ? 11.341  1.696   -7.856  1.00 28.72 ? 154 LYS A N   1 
ATOM   442 C CA  . LYS A 1 56  ? 10.690  0.701   -7.024  1.00 30.10 ? 154 LYS A CA  1 
ATOM   443 C C   . LYS A 1 56  ? 9.305   0.373   -7.520  1.00 30.19 ? 154 LYS A C   1 
ATOM   444 O O   . LYS A 1 56  ? 8.687   1.158   -8.235  1.00 26.48 ? 154 LYS A O   1 
ATOM   445 C CB  . LYS A 1 56  ? 10.606  1.171   -5.576  1.00 26.65 ? 154 LYS A CB  1 
ATOM   446 C CG  . LYS A 1 56  ? 11.918  1.106   -4.850  1.00 37.55 ? 154 LYS A CG  1 
ATOM   447 C CD  . LYS A 1 56  ? 11.787  1.692   -3.475  1.00 51.90 ? 154 LYS A CD  1 
ATOM   448 C CE  . LYS A 1 56  ? 13.139  1.832   -2.812  1.00 54.36 ? 154 LYS A CE  1 
ATOM   449 N NZ  . LYS A 1 56  ? 13.029  2.757   -1.647  1.00 58.32 ? 154 LYS A NZ  1 
ATOM   450 N N   . LYS A 1 57  ? 8.837   -0.811  -7.138  1.00 33.12 ? 155 LYS A N   1 
ATOM   451 C CA  . LYS A 1 57  ? 7.510   -1.303  -7.495  1.00 26.21 ? 155 LYS A CA  1 
ATOM   452 C C   . LYS A 1 57  ? 6.689   -1.225  -6.213  1.00 20.64 ? 155 LYS A C   1 
ATOM   453 O O   . LYS A 1 57  ? 6.876   -2.023  -5.300  1.00 21.66 ? 155 LYS A O   1 
ATOM   454 C CB  . LYS A 1 57  ? 7.613   -2.754  -7.964  1.00 26.51 ? 155 LYS A CB  1 
ATOM   455 C CG  . LYS A 1 57  ? 6.296   -3.423  -8.325  1.00 40.38 ? 155 LYS A CG  1 
ATOM   456 C CD  . LYS A 1 57  ? 5.825   -3.019  -9.708  1.00 42.12 ? 155 LYS A CD  1 
ATOM   457 C CE  . LYS A 1 57  ? 5.300   -4.224  -10.505 1.00 46.09 ? 155 LYS A CE  1 
ATOM   458 N NZ  . LYS A 1 57  ? 3.981   -4.744  -10.019 1.00 37.64 ? 155 LYS A NZ  1 
ATOM   459 N N   . TYR A 1 58  ? 5.783   -0.259  -6.143  1.00 19.27 ? 156 TYR A N   1 
ATOM   460 C CA  . TYR A 1 58  ? 4.970   -0.088  -4.948  1.00 22.53 ? 156 TYR A CA  1 
ATOM   461 C C   . TYR A 1 58  ? 3.613   -0.777  -4.975  1.00 26.12 ? 156 TYR A C   1 
ATOM   462 O O   . TYR A 1 58  ? 2.964   -0.877  -6.017  1.00 33.43 ? 156 TYR A O   1 
ATOM   463 C CB  . TYR A 1 58  ? 4.756   1.402   -4.665  1.00 17.57 ? 156 TYR A CB  1 
ATOM   464 C CG  . TYR A 1 58  ? 6.014   2.156   -4.290  1.00 23.89 ? 156 TYR A CG  1 
ATOM   465 C CD1 . TYR A 1 58  ? 6.714   2.915   -5.236  1.00 20.83 ? 156 TYR A CD1 1 
ATOM   466 C CD2 . TYR A 1 58  ? 6.493   2.130   -2.982  1.00 17.46 ? 156 TYR A CD2 1 
ATOM   467 C CE1 . TYR A 1 58  ? 7.857   3.630   -4.879  1.00 26.01 ? 156 TYR A CE1 1 
ATOM   468 C CE2 . TYR A 1 58  ? 7.629   2.838   -2.616  1.00 21.96 ? 156 TYR A CE2 1 
ATOM   469 C CZ  . TYR A 1 58  ? 8.305   3.582   -3.560  1.00 26.08 ? 156 TYR A CZ  1 
ATOM   470 O OH  . TYR A 1 58  ? 9.429   4.271   -3.179  1.00 31.25 ? 156 TYR A OH  1 
ATOM   471 N N   . ALA A 1 59  ? 3.201   -1.246  -3.804  1.00 18.26 ? 157 ALA A N   1 
ATOM   472 C CA  . ALA A 1 59  ? 1.909   -1.892  -3.623  1.00 22.13 ? 157 ALA A CA  1 
ATOM   473 C C   . ALA A 1 59  ? 1.160   -1.001  -2.624  1.00 17.87 ? 157 ALA A C   1 
ATOM   474 O O   . ALA A 1 59  ? 1.467   -0.993  -1.427  1.00 24.12 ? 157 ALA A O   1 
ATOM   475 C CB  . ALA A 1 59  ? 2.097   -3.316  -3.060  1.00 13.36 ? 157 ALA A CB  1 
ATOM   476 N N   . VAL A 1 60  ? 0.191   -0.240  -3.121  1.00 16.24 ? 158 VAL A N   1 
ATOM   477 C CA  . VAL A 1 60  ? -0.561  0.682   -2.274  1.00 10.62 ? 158 VAL A CA  1 
ATOM   478 C C   . VAL A 1 60  ? -1.691  -0.014  -1.562  1.00 9.92  ? 158 VAL A C   1 
ATOM   479 O O   . VAL A 1 60  ? -2.602  -0.557  -2.187  1.00 20.70 ? 158 VAL A O   1 
ATOM   480 C CB  . VAL A 1 60  ? -1.154  1.842   -3.082  1.00 11.48 ? 158 VAL A CB  1 
ATOM   481 C CG1 . VAL A 1 60  ? -1.592  2.943   -2.139  1.00 13.54 ? 158 VAL A CG1 1 
ATOM   482 C CG2 . VAL A 1 60  ? -0.149  2.343   -4.078  1.00 5.41  ? 158 VAL A CG2 1 
ATOM   483 N N   . ILE A 1 61  ? -1.632  0.014   -0.242  1.00 11.45 ? 159 ILE A N   1 
ATOM   484 C CA  . ILE A 1 61  ? -2.642  -0.650  0.536   1.00 9.12  ? 159 ILE A CA  1 
ATOM   485 C C   . ILE A 1 61  ? -3.478  0.316   1.334   1.00 11.38 ? 159 ILE A C   1 
ATOM   486 O O   . ILE A 1 61  ? -3.036  1.391   1.721   1.00 21.98 ? 159 ILE A O   1 
ATOM   487 C CB  . ILE A 1 61  ? -2.016  -1.671  1.474   1.00 10.00 ? 159 ILE A CB  1 
ATOM   488 C CG1 . ILE A 1 61  ? -3.096  -2.637  1.979   1.00 10.57 ? 159 ILE A CG1 1 
ATOM   489 C CG2 . ILE A 1 61  ? -1.328  -0.954  2.609   1.00 13.64 ? 159 ILE A CG2 1 
ATOM   490 C CD1 . ILE A 1 61  ? -2.581  -4.066  2.201   1.00 9.47  ? 159 ILE A CD1 1 
ATOM   491 N N   . CYS A 1 62  ? -4.698  -0.100  1.595   1.00 14.71 ? 160 CYS A N   1 
ATOM   492 C CA  . CYS A 1 62  ? -5.638  0.720   2.321   1.00 25.52 ? 160 CYS A CA  1 
ATOM   493 C C   . CYS A 1 62  ? -6.369  -0.150  3.351   1.00 21.13 ? 160 CYS A C   1 
ATOM   494 O O   . CYS A 1 62  ? -6.060  -1.328  3.489   1.00 28.03 ? 160 CYS A O   1 
ATOM   495 C CB  . CYS A 1 62  ? -6.596  1.295   1.294   1.00 25.21 ? 160 CYS A CB  1 
ATOM   496 S SG  . CYS A 1 62  ? -7.817  2.294   1.961   1.00 36.55 ? 160 CYS A SG  1 
ATOM   497 N N   . ALA A 1 63  ? -7.325  0.402   4.083   1.00 23.11 ? 161 ALA A N   1 
ATOM   498 C CA  . ALA A 1 63  ? -8.045  -0.429  5.048   1.00 29.05 ? 161 ALA A CA  1 
ATOM   499 C C   . ALA A 1 63  ? -8.940  -1.385  4.275   1.00 24.75 ? 161 ALA A C   1 
ATOM   500 O O   . ALA A 1 63  ? -8.983  -2.582  4.566   1.00 22.97 ? 161 ALA A O   1 
ATOM   501 C CB  . ALA A 1 63  ? -8.890  0.428   6.004   1.00 23.63 ? 161 ALA A CB  1 
ATOM   502 N N   . HIS A 1 64  ? -9.645  -0.848  3.281   1.00 26.64 ? 162 HIS A N   1 
ATOM   503 C CA  . HIS A 1 64  ? -10.545 -1.647  2.459   1.00 34.30 ? 162 HIS A CA  1 
ATOM   504 C C   . HIS A 1 64  ? -10.274 -1.507  0.969   1.00 24.28 ? 162 HIS A C   1 
ATOM   505 O O   . HIS A 1 64  ? -10.689 -2.356  0.187   1.00 31.97 ? 162 HIS A O   1 
ATOM   506 C CB  . HIS A 1 64  ? -11.997 -1.272  2.749   1.00 41.91 ? 162 HIS A CB  1 
ATOM   507 C CG  . HIS A 1 64  ? -12.319 -1.232  4.206   1.00 50.50 ? 162 HIS A CG  1 
ATOM   508 N ND1 . HIS A 1 64  ? -12.385 -0.054  4.919   1.00 46.38 ? 162 HIS A ND1 1 
ATOM   509 C CD2 . HIS A 1 64  ? -12.533 -2.226  5.100   1.00 53.58 ? 162 HIS A CD2 1 
ATOM   510 C CE1 . HIS A 1 64  ? -12.622 -0.325  6.189   1.00 57.10 ? 162 HIS A CE1 1 
ATOM   511 N NE2 . HIS A 1 64  ? -12.716 -1.637  6.327   1.00 54.46 ? 162 HIS A NE2 1 
ATOM   512 N N   . GLY A 1 65  ? -9.592  -0.432  0.582   1.00 25.40 ? 163 GLY A N   1 
ATOM   513 C CA  . GLY A 1 65  ? -9.265  -0.228  -0.818  1.00 25.76 ? 163 GLY A CA  1 
ATOM   514 C C   . GLY A 1 65  ? -9.820  1.032   -1.460  1.00 28.29 ? 163 GLY A C   1 
ATOM   515 O O   . GLY A 1 65  ? -9.512  1.345   -2.610  1.00 34.42 ? 163 GLY A O   1 
ATOM   516 N N   . ASN A 1 66  ? -10.635 1.769   -0.721  1.00 27.12 ? 164 ASN A N   1 
ATOM   517 C CA  . ASN A 1 66  ? -11.231 2.987   -1.248  1.00 22.16 ? 164 ASN A CA  1 
ATOM   518 C C   . ASN A 1 66  ? -10.223 4.129   -1.361  1.00 27.09 ? 164 ASN A C   1 
ATOM   519 O O   . ASN A 1 66  ? -10.261 4.902   -2.318  1.00 28.71 ? 164 ASN A O   1 
ATOM   520 C CB  . ASN A 1 66  ? -12.409 3.386   -0.357  1.00 28.07 ? 164 ASN A CB  1 
ATOM   521 C CG  . ASN A 1 66  ? -12.375 2.688   0.996   1.00 35.37 ? 164 ASN A CG  1 
ATOM   522 O OD1 . ASN A 1 66  ? -11.526 2.980   1.837   1.00 45.75 ? 164 ASN A OD1 1 
ATOM   523 N ND2 . ASN A 1 66  ? -13.289 1.747   1.201   1.00 38.63 ? 164 ASN A ND2 1 
ATOM   524 N N   . ARG A 1 67  ? -9.313  4.220   -0.393  1.00 21.43 ? 165 ARG A N   1 
ATOM   525 C CA  . ARG A 1 67  ? -8.302  5.275   -0.378  1.00 15.91 ? 165 ARG A CA  1 
ATOM   526 C C   . ARG A 1 67  ? -7.085  4.912   -1.229  1.00 24.11 ? 165 ARG A C   1 
ATOM   527 O O   . ARG A 1 67  ? -6.459  5.778   -1.842  1.00 19.40 ? 165 ARG A O   1 
ATOM   528 C CB  . ARG A 1 67  ? -7.871  5.563   1.066   1.00 21.75 ? 165 ARG A CB  1 
ATOM   529 C CG  . ARG A 1 67  ? -8.994  6.139   1.934   1.00 22.08 ? 165 ARG A CG  1 
ATOM   530 C CD  . ARG A 1 67  ? -8.595  6.227   3.399   1.00 24.26 ? 165 ARG A CD  1 
ATOM   531 N NE  . ARG A 1 67  ? -8.498  4.897   4.001   1.00 36.32 ? 165 ARG A NE  1 
ATOM   532 C CZ  . ARG A 1 67  ? -8.071  4.650   5.238   1.00 35.59 ? 165 ARG A CZ  1 
ATOM   533 N NH1 . ARG A 1 67  ? -8.028  3.398   5.679   1.00 26.40 ? 165 ARG A NH1 1 
ATOM   534 N NH2 . ARG A 1 67  ? -7.674  5.645   6.028   1.00 32.89 ? 165 ARG A NH2 1 
ATOM   535 N N   . SER A 1 68  ? -6.749  3.629   -1.262  1.00 19.28 ? 166 SER A N   1 
ATOM   536 C CA  . SER A 1 68  ? -5.624  3.174   -2.055  1.00 18.07 ? 166 SER A CA  1 
ATOM   537 C C   . SER A 1 68  ? -5.910  3.433   -3.537  1.00 25.66 ? 166 SER A C   1 
ATOM   538 O O   . SER A 1 68  ? -5.041  3.902   -4.270  1.00 23.43 ? 166 SER A O   1 
ATOM   539 C CB  . SER A 1 68  ? -5.387  1.683   -1.821  1.00 14.14 ? 166 SER A CB  1 
ATOM   540 O OG  . SER A 1 68  ? -6.577  0.960   -2.054  1.00 17.02 ? 166 SER A OG  1 
ATOM   541 N N   . ALA A 1 69  ? -7.135  3.140   -3.969  1.00 25.44 ? 167 ALA A N   1 
ATOM   542 C CA  . ALA A 1 69  ? -7.525  3.333   -5.364  1.00 21.02 ? 167 ALA A CA  1 
ATOM   543 C C   . ALA A 1 69  ? -7.266  4.752   -5.829  1.00 21.99 ? 167 ALA A C   1 
ATOM   544 O O   . ALA A 1 69  ? -6.725  4.968   -6.916  1.00 27.56 ? 167 ALA A O   1 
ATOM   545 C CB  . ALA A 1 69  ? -8.996  2.996   -5.550  1.00 27.40 ? 167 ALA A CB  1 
ATOM   546 N N   . ALA A 1 70  ? -7.653  5.717   -5.001  1.00 19.97 ? 168 ALA A N   1 
ATOM   547 C CA  . ALA A 1 70  ? -7.466  7.121   -5.341  1.00 18.81 ? 168 ALA A CA  1 
ATOM   548 C C   . ALA A 1 70  ? -5.988  7.513   -5.387  1.00 22.34 ? 168 ALA A C   1 
ATOM   549 O O   . ALA A 1 70  ? -5.584  8.361   -6.184  1.00 22.05 ? 168 ALA A O   1 
ATOM   550 C CB  . ALA A 1 70  ? -8.214  7.990   -4.357  1.00 23.00 ? 168 ALA A CB  1 
ATOM   551 N N   . ALA A 1 71  ? -5.179  6.877   -4.548  1.00 20.20 ? 169 ALA A N   1 
ATOM   552 C CA  . ALA A 1 71  ? -3.748  7.158   -4.517  1.00 22.78 ? 169 ALA A CA  1 
ATOM   553 C C   . ALA A 1 71  ? -3.071  6.618   -5.779  1.00 22.19 ? 169 ALA A C   1 
ATOM   554 O O   . ALA A 1 71  ? -2.168  7.241   -6.332  1.00 18.81 ? 169 ALA A O   1 
ATOM   555 C CB  . ALA A 1 71  ? -3.112  6.527   -3.278  1.00 12.74 ? 169 ALA A CB  1 
ATOM   556 N N   . VAL A 1 72  ? -3.505  5.451   -6.233  1.00 20.51 ? 170 VAL A N   1 
ATOM   557 C CA  . VAL A 1 72  ? -2.914  4.863   -7.413  1.00 15.11 ? 170 VAL A CA  1 
ATOM   558 C C   . VAL A 1 72  ? -3.114  5.712   -8.658  1.00 19.00 ? 170 VAL A C   1 
ATOM   559 O O   . VAL A 1 72  ? -2.179  5.923   -9.420  1.00 19.28 ? 170 VAL A O   1 
ATOM   560 C CB  . VAL A 1 72  ? -3.473  3.469   -7.668  1.00 13.78 ? 170 VAL A CB  1 
ATOM   561 C CG1 . VAL A 1 72  ? -2.907  2.924   -8.969  1.00 25.10 ? 170 VAL A CG1 1 
ATOM   562 C CG2 . VAL A 1 72  ? -3.110  2.554   -6.508  1.00 11.47 ? 170 VAL A CG2 1 
ATOM   563 N N   . GLU A 1 73  ? -4.333  6.202   -8.861  1.00 28.45 ? 171 GLU A N   1 
ATOM   564 C CA  . GLU A 1 73  ? -4.646  7.027   -10.025 1.00 27.39 ? 171 GLU A CA  1 
ATOM   565 C C   . GLU A 1 73  ? -3.791  8.290   -10.029 1.00 25.70 ? 171 GLU A C   1 
ATOM   566 O O   . GLU A 1 73  ? -3.471  8.832   -11.081 1.00 22.59 ? 171 GLU A O   1 
ATOM   567 C CB  . GLU A 1 73  ? -6.131  7.411   -10.009 1.00 32.75 ? 171 GLU A CB  1 
ATOM   568 C CG  . GLU A 1 73  ? -6.984  6.740   -11.084 1.00 33.92 ? 171 GLU A CG  1 
ATOM   569 C CD  . GLU A 1 73  ? -6.709  7.292   -12.473 1.00 41.81 ? 171 GLU A CD  1 
ATOM   570 O OE1 . GLU A 1 73  ? -5.627  7.018   -13.029 1.00 51.43 ? 171 GLU A OE1 1 
ATOM   571 O OE2 . GLU A 1 73  ? -7.571  8.015   -13.011 1.00 46.31 ? 171 GLU A OE2 1 
ATOM   572 N N   . PHE A 1 74  ? -3.424  8.745   -8.839  1.00 28.34 ? 172 PHE A N   1 
ATOM   573 C CA  . PHE A 1 74  ? -2.614  9.940   -8.685  1.00 22.67 ? 172 PHE A CA  1 
ATOM   574 C C   . PHE A 1 74  ? -1.144  9.671   -9.002  1.00 23.00 ? 172 PHE A C   1 
ATOM   575 O O   . PHE A 1 74  ? -0.541  10.361  -9.819  1.00 27.70 ? 172 PHE A O   1 
ATOM   576 C CB  . PHE A 1 74  ? -2.758  10.459  -7.252  1.00 25.42 ? 172 PHE A CB  1 
ATOM   577 C CG  . PHE A 1 74  ? -1.934  11.683  -6.957  1.00 27.88 ? 172 PHE A CG  1 
ATOM   578 C CD1 . PHE A 1 74  ? -2.181  12.885  -7.612  1.00 26.92 ? 172 PHE A CD1 1 
ATOM   579 C CD2 . PHE A 1 74  ? -0.908  11.631  -6.013  1.00 24.31 ? 172 PHE A CD2 1 
ATOM   580 C CE1 . PHE A 1 74  ? -1.416  14.021  -7.334  1.00 30.40 ? 172 PHE A CE1 1 
ATOM   581 C CE2 . PHE A 1 74  ? -0.140  12.752  -5.727  1.00 27.08 ? 172 PHE A CE2 1 
ATOM   582 C CZ  . PHE A 1 74  ? -0.393  13.954  -6.389  1.00 22.12 ? 172 PHE A CZ  1 
ATOM   583 N N   . LEU A 1 75  ? -0.569  8.658   -8.368  1.00 20.55 ? 173 LEU A N   1 
ATOM   584 C CA  . LEU A 1 75  ? 0.840   8.349   -8.580  1.00 25.73 ? 173 LEU A CA  1 
ATOM   585 C C   . LEU A 1 75  ? 1.118   7.671   -9.921  1.00 33.39 ? 173 LEU A C   1 
ATOM   586 O O   . LEU A 1 75  ? 2.260   7.649   -10.379 1.00 36.05 ? 173 LEU A O   1 
ATOM   587 C CB  . LEU A 1 75  ? 1.352   7.456   -7.448  1.00 21.79 ? 173 LEU A CB  1 
ATOM   588 C CG  . LEU A 1 75  ? 1.086   7.939   -6.023  1.00 20.16 ? 173 LEU A CG  1 
ATOM   589 C CD1 . LEU A 1 75  ? 1.467   6.836   -5.055  1.00 12.72 ? 173 LEU A CD1 1 
ATOM   590 C CD2 . LEU A 1 75  ? 1.867   9.214   -5.734  1.00 16.06 ? 173 LEU A CD2 1 
ATOM   591 N N   . SER A 1 76  ? 0.083   7.115   -10.544 1.00 30.38 ? 174 SER A N   1 
ATOM   592 C CA  . SER A 1 76  ? 0.251   6.436   -11.821 1.00 28.67 ? 174 SER A CA  1 
ATOM   593 C C   . SER A 1 76  ? 0.519   7.437   -12.934 1.00 33.44 ? 174 SER A C   1 
ATOM   594 O O   . SER A 1 76  ? 1.273   7.159   -13.864 1.00 42.96 ? 174 SER A O   1 
ATOM   595 C CB  . SER A 1 76  ? -0.998  5.619   -12.170 1.00 31.56 ? 174 SER A CB  1 
ATOM   596 O OG  . SER A 1 76  ? -2.052  6.469   -12.581 1.00 37.22 ? 174 SER A OG  1 
ATOM   597 N N   . GLN A 1 77  ? -0.101  8.606   -12.842 1.00 36.31 ? 175 GLN A N   1 
ATOM   598 C CA  . GLN A 1 77  ? 0.083   9.622   -13.864 1.00 41.55 ? 175 GLN A CA  1 
ATOM   599 C C   . GLN A 1 77  ? 1.392   10.368  -13.652 1.00 40.44 ? 175 GLN A C   1 
ATOM   600 O O   . GLN A 1 77  ? 1.811   11.142  -14.504 1.00 47.24 ? 175 GLN A O   1 
ATOM   601 C CB  . GLN A 1 77  ? -1.084  10.614  -13.848 1.00 50.65 ? 175 GLN A CB  1 
ATOM   602 C CG  . GLN A 1 77  ? -2.461  9.966   -13.875 1.00 62.41 ? 175 GLN A CG  1 
ATOM   603 C CD  . GLN A 1 77  ? -3.582  10.989  -13.793 1.00 74.66 ? 175 GLN A CD  1 
ATOM   604 O OE1 . GLN A 1 77  ? -3.720  11.841  -14.673 1.00 77.69 ? 175 GLN A OE1 1 
ATOM   605 N NE2 . GLN A 1 77  ? -4.386  10.914  -12.731 1.00 70.38 ? 175 GLN A NE2 1 
ATOM   606 N N   . LEU A 1 78  ? 2.036   10.138  -12.513 1.00 39.37 ? 176 LEU A N   1 
ATOM   607 C CA  . LEU A 1 78  ? 3.301   10.802  -12.224 1.00 34.19 ? 176 LEU A CA  1 
ATOM   608 C C   . LEU A 1 78  ? 4.471   9.901   -12.605 1.00 36.69 ? 176 LEU A C   1 
ATOM   609 O O   . LEU A 1 78  ? 5.614   10.142  -12.205 1.00 36.87 ? 176 LEU A O   1 
ATOM   610 C CB  . LEU A 1 78  ? 3.391   11.172  -10.742 1.00 35.26 ? 176 LEU A CB  1 
ATOM   611 C CG  . LEU A 1 78  ? 2.323   12.138  -10.221 1.00 35.77 ? 176 LEU A CG  1 
ATOM   612 C CD1 . LEU A 1 78  ? 2.369   12.176  -8.712  1.00 34.46 ? 176 LEU A CD1 1 
ATOM   613 C CD2 . LEU A 1 78  ? 2.538   13.525  -10.814 1.00 34.91 ? 176 LEU A CD2 1 
ATOM   614 N N   . GLY A 1 79  ? 4.171   8.850   -13.362 1.00 29.41 ? 177 GLY A N   1 
ATOM   615 C CA  . GLY A 1 79  ? 5.207   7.935   -13.812 1.00 33.96 ? 177 GLY A CA  1 
ATOM   616 C C   . GLY A 1 79  ? 5.778   6.984   -12.779 1.00 33.85 ? 177 GLY A C   1 
ATOM   617 O O   . GLY A 1 79  ? 6.924   6.545   -12.897 1.00 30.12 ? 177 GLY A O   1 
ATOM   618 N N   . LEU A 1 80  ? 4.988   6.658   -11.762 1.00 33.40 ? 178 LEU A N   1 
ATOM   619 C CA  . LEU A 1 80  ? 5.450   5.742   -10.732 1.00 26.83 ? 178 LEU A CA  1 
ATOM   620 C C   . LEU A 1 80  ? 4.911   4.347   -10.960 1.00 27.23 ? 178 LEU A C   1 
ATOM   621 O O   . LEU A 1 80  ? 3.767   4.154   -11.373 1.00 16.16 ? 178 LEU A O   1 
ATOM   622 C CB  . LEU A 1 80  ? 5.043   6.223   -9.338  1.00 20.43 ? 178 LEU A CB  1 
ATOM   623 C CG  . LEU A 1 80  ? 5.911   7.304   -8.696  1.00 22.53 ? 178 LEU A CG  1 
ATOM   624 C CD1 . LEU A 1 80  ? 5.247   7.777   -7.421  1.00 25.08 ? 178 LEU A CD1 1 
ATOM   625 C CD2 . LEU A 1 80  ? 7.304   6.756   -8.399  1.00 25.27 ? 178 LEU A CD2 1 
ATOM   626 N N   . ASN A 1 81  ? 5.762   3.371   -10.695 1.00 28.91 ? 179 ASN A N   1 
ATOM   627 C CA  . ASN A 1 81  ? 5.390   1.981   -10.851 1.00 31.55 ? 179 ASN A CA  1 
ATOM   628 C C   . ASN A 1 81  ? 4.711   1.520   -9.557  1.00 33.71 ? 179 ASN A C   1 
ATOM   629 O O   . ASN A 1 81  ? 5.368   0.982   -8.660  1.00 31.29 ? 179 ASN A O   1 
ATOM   630 C CB  . ASN A 1 81  ? 6.646   1.164   -11.138 1.00 30.19 ? 179 ASN A CB  1 
ATOM   631 C CG  . ASN A 1 81  ? 6.350   -0.287  -11.362 1.00 40.29 ? 179 ASN A CG  1 
ATOM   632 O OD1 . ASN A 1 81  ? 5.233   -0.653  -11.726 1.00 44.87 ? 179 ASN A OD1 1 
ATOM   633 N ND2 . ASN A 1 81  ? 7.356   -1.134  -11.163 1.00 44.18 ? 179 ASN A ND2 1 
ATOM   634 N N   . ILE A 1 82  ? 3.401   1.764   -9.463  1.00 31.01 ? 180 ILE A N   1 
ATOM   635 C CA  . ILE A 1 82  ? 2.616   1.379   -8.290  1.00 24.20 ? 180 ILE A CA  1 
ATOM   636 C C   . ILE A 1 82  ? 1.390   0.576   -8.692  1.00 23.62 ? 180 ILE A C   1 
ATOM   637 O O   . ILE A 1 82  ? 0.904   0.690   -9.813  1.00 34.28 ? 180 ILE A O   1 
ATOM   638 C CB  . ILE A 1 82  ? 2.123   2.607   -7.464  1.00 19.39 ? 180 ILE A CB  1 
ATOM   639 C CG1 . ILE A 1 82  ? 0.819   3.160   -8.046  1.00 19.91 ? 180 ILE A CG1 1 
ATOM   640 C CG2 . ILE A 1 82  ? 3.196   3.690   -7.434  1.00 18.12 ? 180 ILE A CG2 1 
ATOM   641 C CD1 . ILE A 1 82  ? 0.936   3.742   -9.435  1.00 22.51 ? 180 ILE A CD1 1 
ATOM   642 N N   . VAL A 1 83  ? 0.895   -0.235  -7.764  1.00 23.74 ? 181 VAL A N   1 
ATOM   643 C CA  . VAL A 1 83  ? -0.278  -1.065  -7.995  1.00 15.21 ? 181 VAL A CA  1 
ATOM   644 C C   . VAL A 1 83  ? -1.210  -0.946  -6.793  1.00 16.97 ? 181 VAL A C   1 
ATOM   645 O O   . VAL A 1 83  ? -0.760  -0.627  -5.698  1.00 25.55 ? 181 VAL A O   1 
ATOM   646 C CB  . VAL A 1 83  ? 0.129   -2.528  -8.149  1.00 29.23 ? 181 VAL A CB  1 
ATOM   647 C CG1 . VAL A 1 83  ? 1.007   -2.700  -9.383  1.00 25.89 ? 181 VAL A CG1 1 
ATOM   648 C CG2 . VAL A 1 83  ? 0.875   -2.969  -6.903  1.00 29.23 ? 181 VAL A CG2 1 
ATOM   649 N N   . ASP A 1 84  ? -2.498  -1.202  -6.994  1.00 14.56 ? 182 ASP A N   1 
ATOM   650 C CA  . ASP A 1 84  ? -3.483  -1.121  -5.911  1.00 24.14 ? 182 ASP A CA  1 
ATOM   651 C C   . ASP A 1 84  ? -3.707  -2.520  -5.330  1.00 24.93 ? 182 ASP A C   1 
ATOM   652 O O   . ASP A 1 84  ? -3.775  -3.498  -6.075  1.00 35.08 ? 182 ASP A O   1 
ATOM   653 C CB  . ASP A 1 84  ? -4.805  -0.543  -6.455  1.00 19.59 ? 182 ASP A CB  1 
ATOM   654 C CG  . ASP A 1 84  ? -5.862  -0.350  -5.378  1.00 35.05 ? 182 ASP A CG  1 
ATOM   655 O OD1 . ASP A 1 84  ? -5.516  0.142   -4.281  1.00 30.88 ? 182 ASP A OD1 1 
ATOM   656 O OD2 . ASP A 1 84  ? -7.050  -0.671  -5.631  1.00 36.37 ? 182 ASP A OD2 1 
ATOM   657 N N   . VAL A 1 85  ? -3.800  -2.620  -4.007  1.00 15.91 ? 183 VAL A N   1 
ATOM   658 C CA  . VAL A 1 85  ? -4.021  -3.912  -3.362  1.00 16.81 ? 183 VAL A CA  1 
ATOM   659 C C   . VAL A 1 85  ? -5.510  -4.129  -3.067  1.00 28.65 ? 183 VAL A C   1 
ATOM   660 O O   . VAL A 1 85  ? -6.115  -3.423  -2.251  1.00 24.54 ? 183 VAL A O   1 
ATOM   661 C CB  . VAL A 1 85  ? -3.234  -4.032  -2.028  1.00 20.25 ? 183 VAL A CB  1 
ATOM   662 C CG1 . VAL A 1 85  ? -3.473  -5.398  -1.403  1.00 16.06 ? 183 VAL A CG1 1 
ATOM   663 C CG2 . VAL A 1 85  ? -1.756  -3.807  -2.260  1.00 15.17 ? 183 VAL A CG2 1 
ATOM   664 N N   . GLU A 1 86  ? -6.087  -5.126  -3.727  1.00 28.38 ? 184 GLU A N   1 
ATOM   665 C CA  . GLU A 1 86  ? -7.502  -5.452  -3.578  1.00 29.88 ? 184 GLU A CA  1 
ATOM   666 C C   . GLU A 1 86  ? -7.914  -5.880  -2.172  1.00 28.84 ? 184 GLU A C   1 
ATOM   667 O O   . GLU A 1 86  ? -7.259  -6.714  -1.551  1.00 21.61 ? 184 GLU A O   1 
ATOM   668 C CB  . GLU A 1 86  ? -7.863  -6.555  -4.574  1.00 37.54 ? 184 GLU A CB  1 
ATOM   669 C CG  . GLU A 1 86  ? -7.423  -6.227  -5.992  1.00 45.82 ? 184 GLU A CG  1 
ATOM   670 C CD  . GLU A 1 86  ? -7.348  -7.441  -6.896  1.00 50.56 ? 184 GLU A CD  1 
ATOM   671 O OE1 . GLU A 1 86  ? -6.997  -7.264  -8.086  1.00 44.97 ? 184 GLU A OE1 1 
ATOM   672 O OE2 . GLU A 1 86  ? -7.635  -8.565  -6.420  1.00 51.97 ? 184 GLU A OE2 1 
ATOM   673 N N   . GLY A 1 87  ? -9.011  -5.308  -1.688  1.00 27.40 ? 185 GLY A N   1 
ATOM   674 C CA  . GLY A 1 87  ? -9.516  -5.649  -0.371  1.00 26.38 ? 185 GLY A CA  1 
ATOM   675 C C   . GLY A 1 87  ? -8.871  -4.920  0.793   1.00 28.51 ? 185 GLY A C   1 
ATOM   676 O O   . GLY A 1 87  ? -9.346  -5.009  1.928   1.00 33.08 ? 185 GLY A O   1 
ATOM   677 N N   . GLY A 1 88  ? -7.791  -4.197  0.520   1.00 22.86 ? 186 GLY A N   1 
ATOM   678 C CA  . GLY A 1 88  ? -7.102  -3.483  1.578   1.00 16.90 ? 186 GLY A CA  1 
ATOM   679 C C   . GLY A 1 88  ? -6.349  -4.450  2.471   1.00 20.98 ? 186 GLY A C   1 
ATOM   680 O O   . GLY A 1 88  ? -6.105  -5.601  2.096   1.00 23.86 ? 186 GLY A O   1 
ATOM   681 N N   . ILE A 1 89  ? -5.966  -3.982  3.653   1.00 20.70 ? 187 ILE A N   1 
ATOM   682 C CA  . ILE A 1 89  ? -5.253  -4.826  4.603   1.00 24.83 ? 187 ILE A CA  1 
ATOM   683 C C   . ILE A 1 89  ? -6.294  -5.686  5.325   1.00 28.41 ? 187 ILE A C   1 
ATOM   684 O O   . ILE A 1 89  ? -5.961  -6.666  5.987   1.00 36.70 ? 187 ILE A O   1 
ATOM   685 C CB  . ILE A 1 89  ? -4.458  -3.964  5.611   1.00 20.31 ? 187 ILE A CB  1 
ATOM   686 C CG1 . ILE A 1 89  ? -3.431  -4.818  6.346   1.00 23.27 ? 187 ILE A CG1 1 
ATOM   687 C CG2 . ILE A 1 89  ? -5.404  -3.317  6.606   1.00 36.78 ? 187 ILE A CG2 1 
ATOM   688 C CD1 . ILE A 1 89  ? -2.369  -3.997  7.073   1.00 6.15  ? 187 ILE A CD1 1 
ATOM   689 N N   . GLN A 1 90  ? -7.563  -5.308  5.189   1.00 32.90 ? 188 GLN A N   1 
ATOM   690 C CA  . GLN A 1 90  ? -8.643  -6.070  5.794   1.00 30.68 ? 188 GLN A CA  1 
ATOM   691 C C   . GLN A 1 90  ? -8.617  -7.447  5.139   1.00 29.70 ? 188 GLN A C   1 
ATOM   692 O O   . GLN A 1 90  ? -8.558  -8.463  5.819   1.00 33.27 ? 188 GLN A O   1 
ATOM   693 C CB  . GLN A 1 90  ? -9.991  -5.394  5.529   1.00 36.92 ? 188 GLN A CB  1 
ATOM   694 C CG  . GLN A 1 90  ? -11.200 -6.256  5.881   1.00 50.56 ? 188 GLN A CG  1 
ATOM   695 C CD  . GLN A 1 90  ? -12.524 -5.637  5.449   1.00 63.81 ? 188 GLN A CD  1 
ATOM   696 O OE1 . GLN A 1 90  ? -12.713 -5.295  4.280   1.00 65.98 ? 188 GLN A OE1 1 
ATOM   697 N NE2 . GLN A 1 90  ? -13.452 -5.505  6.392   1.00 67.75 ? 188 GLN A NE2 1 
ATOM   698 N N   . SER A 1 91  ? -8.643  -7.460  3.810   1.00 29.83 ? 189 SER A N   1 
ATOM   699 C CA  . SER A 1 91  ? -8.620  -8.697  3.045   1.00 25.72 ? 189 SER A CA  1 
ATOM   700 C C   . SER A 1 91  ? -7.353  -9.474  3.359   1.00 29.63 ? 189 SER A C   1 
ATOM   701 O O   . SER A 1 91  ? -7.382  -10.688 3.555   1.00 34.94 ? 189 SER A O   1 
ATOM   702 C CB  . SER A 1 91  ? -8.676  -8.378  1.551   1.00 29.98 ? 189 SER A CB  1 
ATOM   703 O OG  . SER A 1 91  ? -8.435  -9.533  0.765   1.00 41.76 ? 189 SER A OG  1 
ATOM   704 N N   . TRP A 1 92  ? -6.237  -8.761  3.409   1.00 26.07 ? 190 TRP A N   1 
ATOM   705 C CA  . TRP A 1 92  ? -4.947  -9.367  3.710   1.00 24.98 ? 190 TRP A CA  1 
ATOM   706 C C   . TRP A 1 92  ? -4.998  -10.181 5.005   1.00 20.91 ? 190 TRP A C   1 
ATOM   707 O O   . TRP A 1 92  ? -4.473  -11.293 5.071   1.00 24.83 ? 190 TRP A O   1 
ATOM   708 C CB  . TRP A 1 92  ? -3.892  -8.257  3.793   1.00 20.58 ? 190 TRP A CB  1 
ATOM   709 C CG  . TRP A 1 92  ? -2.592  -8.658  4.386   1.00 19.15 ? 190 TRP A CG  1 
ATOM   710 C CD1 . TRP A 1 92  ? -2.295  -8.773  5.714   1.00 22.74 ? 190 TRP A CD1 1 
ATOM   711 C CD2 . TRP A 1 92  ? -1.393  -8.974  3.676   1.00 21.44 ? 190 TRP A CD2 1 
ATOM   712 N NE1 . TRP A 1 92  ? -0.982  -9.139  5.877   1.00 24.22 ? 190 TRP A NE1 1 
ATOM   713 C CE2 . TRP A 1 92  ? -0.404  -9.271  4.641   1.00 21.08 ? 190 TRP A CE2 1 
ATOM   714 C CE3 . TRP A 1 92  ? -1.056  -9.040  2.317   1.00 16.33 ? 190 TRP A CE3 1 
ATOM   715 C CZ2 . TRP A 1 92  ? 0.900   -9.625  4.293   1.00 14.33 ? 190 TRP A CZ2 1 
ATOM   716 C CZ3 . TRP A 1 92  ? 0.239   -9.393  1.968   1.00 25.82 ? 190 TRP A CZ3 1 
ATOM   717 C CH2 . TRP A 1 92  ? 1.205   -9.684  2.957   1.00 25.40 ? 190 TRP A CH2 1 
ATOM   718 N N   . ILE A 1 93  ? -5.642  -9.618  6.025   1.00 22.12 ? 191 ILE A N   1 
ATOM   719 C CA  . ILE A 1 93  ? -5.779  -10.271 7.324   1.00 22.86 ? 191 ILE A CA  1 
ATOM   720 C C   . ILE A 1 93  ? -6.813  -11.395 7.286   1.00 27.62 ? 191 ILE A C   1 
ATOM   721 O O   . ILE A 1 93  ? -6.596  -12.471 7.851   1.00 30.98 ? 191 ILE A O   1 
ATOM   722 C CB  . ILE A 1 93  ? -6.174  -9.242  8.412   1.00 26.50 ? 191 ILE A CB  1 
ATOM   723 C CG1 . ILE A 1 93  ? -5.000  -8.281  8.639   1.00 14.38 ? 191 ILE A CG1 1 
ATOM   724 C CG2 . ILE A 1 93  ? -6.587  -9.952  9.707   1.00 10.46 ? 191 ILE A CG2 1 
ATOM   725 C CD1 . ILE A 1 93  ? -5.251  -7.233  9.690   1.00 20.06 ? 191 ILE A CD1 1 
ATOM   726 N N   . GLU A 1 94  ? -7.932  -11.148 6.610   1.00 27.85 ? 192 GLU A N   1 
ATOM   727 C CA  . GLU A 1 94  ? -8.987  -12.153 6.500   1.00 33.58 ? 192 GLU A CA  1 
ATOM   728 C C   . GLU A 1 94  ? -8.429  -13.426 5.880   1.00 30.64 ? 192 GLU A C   1 
ATOM   729 O O   . GLU A 1 94  ? -8.842  -14.526 6.239   1.00 25.15 ? 192 GLU A O   1 
ATOM   730 C CB  . GLU A 1 94  ? -10.139 -11.640 5.627   1.00 38.85 ? 192 GLU A CB  1 
ATOM   731 C CG  . GLU A 1 94  ? -10.887 -10.436 6.180   1.00 63.51 ? 192 GLU A CG  1 
ATOM   732 C CD  . GLU A 1 94  ? -11.673 -10.754 7.438   1.00 70.70 ? 192 GLU A CD  1 
ATOM   733 O OE1 . GLU A 1 94  ? -11.046 -11.062 8.477   1.00 73.38 ? 192 GLU A OE1 1 
ATOM   734 O OE2 . GLU A 1 94  ? -12.922 -10.698 7.386   1.00 73.38 ? 192 GLU A OE2 1 
ATOM   735 N N   . GLU A 1 95  ? -7.492  -13.270 4.947   1.00 25.10 ? 193 GLU A N   1 
ATOM   736 C CA  . GLU A 1 95  ? -6.894  -14.415 4.277   1.00 18.72 ? 193 GLU A CA  1 
ATOM   737 C C   . GLU A 1 95  ? -5.788  -15.053 5.102   1.00 25.23 ? 193 GLU A C   1 
ATOM   738 O O   . GLU A 1 95  ? -5.135  -15.996 4.656   1.00 23.75 ? 193 GLU A O   1 
ATOM   739 C CB  . GLU A 1 95  ? -6.342  -14.012 2.913   1.00 27.07 ? 193 GLU A CB  1 
ATOM   740 C CG  . GLU A 1 95  ? -7.152  -14.541 1.747   1.00 28.51 ? 193 GLU A CG  1 
ATOM   741 C CD  . GLU A 1 95  ? -8.284  -13.627 1.350   1.00 42.39 ? 193 GLU A CD  1 
ATOM   742 O OE1 . GLU A 1 95  ? -9.184  -14.083 0.615   1.00 59.48 ? 193 GLU A OE1 1 
ATOM   743 O OE2 . GLU A 1 95  ? -8.277  -12.447 1.753   1.00 51.51 ? 193 GLU A OE2 1 
ATOM   744 N N   . GLY A 1 96  ? -5.577  -14.536 6.308   1.00 29.73 ? 194 GLY A N   1 
ATOM   745 C CA  . GLY A 1 96  ? -4.557  -15.093 7.177   1.00 30.31 ? 194 GLY A CA  1 
ATOM   746 C C   . GLY A 1 96  ? -3.133  -14.784 6.757   1.00 27.16 ? 194 GLY A C   1 
ATOM   747 O O   . GLY A 1 96  ? -2.322  -15.683 6.561   1.00 27.31 ? 194 GLY A O   1 
ATOM   748 N N   . TYR A 1 97  ? -2.816  -13.508 6.609   1.00 33.86 ? 195 TYR A N   1 
ATOM   749 C CA  . TYR A 1 97  ? -1.468  -13.145 6.226   1.00 27.42 ? 195 TYR A CA  1 
ATOM   750 C C   . TYR A 1 97  ? -0.758  -12.407 7.349   1.00 25.07 ? 195 TYR A C   1 
ATOM   751 O O   . TYR A 1 97  ? -1.372  -11.671 8.117   1.00 27.93 ? 195 TYR A O   1 
ATOM   752 C CB  . TYR A 1 97  ? -1.492  -12.334 4.940   1.00 35.09 ? 195 TYR A CB  1 
ATOM   753 C CG  . TYR A 1 97  ? -1.720  -13.188 3.709   1.00 30.74 ? 195 TYR A CG  1 
ATOM   754 C CD1 . TYR A 1 97  ? -2.776  -12.923 2.838   1.00 42.78 ? 195 TYR A CD1 1 
ATOM   755 C CD2 . TYR A 1 97  ? -0.858  -14.236 3.397   1.00 32.99 ? 195 TYR A CD2 1 
ATOM   756 C CE1 . TYR A 1 97  ? -2.961  -13.676 1.679   1.00 38.78 ? 195 TYR A CE1 1 
ATOM   757 C CE2 . TYR A 1 97  ? -1.032  -14.996 2.243   1.00 34.23 ? 195 TYR A CE2 1 
ATOM   758 C CZ  . TYR A 1 97  ? -2.080  -14.707 1.389   1.00 38.15 ? 195 TYR A CZ  1 
ATOM   759 O OH  . TYR A 1 97  ? -2.216  -15.423 0.224   1.00 36.97 ? 195 TYR A OH  1 
ATOM   760 N N   . PRO A 1 98  ? 0.557   -12.607 7.459   1.00 25.96 ? 196 PRO A N   1 
ATOM   761 C CA  . PRO A 1 98  ? 1.383   -11.984 8.493   1.00 21.84 ? 196 PRO A CA  1 
ATOM   762 C C   . PRO A 1 98  ? 1.306   -10.462 8.571   1.00 31.93 ? 196 PRO A C   1 
ATOM   763 O O   . PRO A 1 98  ? 1.456   -9.745  7.572   1.00 22.75 ? 196 PRO A O   1 
ATOM   764 C CB  . PRO A 1 98  ? 2.782   -12.485 8.157   1.00 20.03 ? 196 PRO A CB  1 
ATOM   765 C CG  . PRO A 1 98  ? 2.740   -12.606 6.671   1.00 24.10 ? 196 PRO A CG  1 
ATOM   766 C CD  . PRO A 1 98  ? 1.400   -13.260 6.444   1.00 21.23 ? 196 PRO A CD  1 
ATOM   767 N N   . VAL A 1 99  ? 1.072   -9.981  9.785   1.00 26.94 ? 197 VAL A N   1 
ATOM   768 C CA  . VAL A 1 99  ? 0.981   -8.560  10.046  1.00 21.23 ? 197 VAL A CA  1 
ATOM   769 C C   . VAL A 1 99  ? 1.809   -8.251  11.297  1.00 16.74 ? 197 VAL A C   1 
ATOM   770 O O   . VAL A 1 99  ? 1.932   -9.088  12.190  1.00 20.97 ? 197 VAL A O   1 
ATOM   771 C CB  . VAL A 1 99  ? -0.512  -8.137  10.208  1.00 19.72 ? 197 VAL A CB  1 
ATOM   772 C CG1 . VAL A 1 99  ? -0.980  -8.317  11.645  1.00 15.95 ? 197 VAL A CG1 1 
ATOM   773 C CG2 . VAL A 1 99  ? -0.695  -6.723  9.726   1.00 19.29 ? 197 VAL A CG2 1 
ATOM   774 N N   . VAL A 1 100 ? 2.383   -7.055  11.338  1.00 22.56 ? 198 VAL A N   1 
ATOM   775 C CA  . VAL A 1 100 ? 3.224   -6.624  12.451  1.00 31.20 ? 198 VAL A CA  1 
ATOM   776 C C   . VAL A 1 100 ? 2.563   -5.609  13.386  1.00 34.26 ? 198 VAL A C   1 
ATOM   777 O O   . VAL A 1 100 ? 1.833   -4.725  12.940  1.00 32.43 ? 198 VAL A O   1 
ATOM   778 C CB  . VAL A 1 100 ? 4.529   -5.995  11.935  1.00 26.33 ? 198 VAL A CB  1 
ATOM   779 C CG1 . VAL A 1 100 ? 5.342   -5.461  13.097  1.00 39.10 ? 198 VAL A CG1 1 
ATOM   780 C CG2 . VAL A 1 100 ? 5.330   -7.022  11.155  1.00 28.68 ? 198 VAL A CG2 1 
ATOM   781 N N   . LEU A 1 101 ? 2.852   -5.737  14.681  1.00 43.00 ? 199 LEU A N   1 
ATOM   782 C CA  . LEU A 1 101 ? 2.314   -4.855  15.717  1.00 47.33 ? 199 LEU A CA  1 
ATOM   783 C C   . LEU A 1 101 ? 3.076   -3.535  15.870  1.00 49.29 ? 199 LEU A C   1 
ATOM   784 O O   . LEU A 1 101 ? 2.615   -2.620  16.551  1.00 48.39 ? 199 LEU A O   1 
ATOM   785 C CB  . LEU A 1 101 ? 2.297   -5.584  17.070  1.00 46.62 ? 199 LEU A CB  1 
ATOM   786 C CG  . LEU A 1 101 ? 3.517   -6.400  17.539  1.00 62.47 ? 199 LEU A CG  1 
ATOM   787 C CD1 . LEU A 1 101 ? 3.634   -7.696  16.724  1.00 54.27 ? 199 LEU A CD1 1 
ATOM   788 C CD2 . LEU A 1 101 ? 4.789   -5.562  17.427  1.00 55.06 ? 199 LEU A CD2 1 
ATOM   789 N N   . GLU A 1 102 ? 4.242   -3.443  15.238  1.00 51.99 ? 200 GLU A N   1 
ATOM   790 C CA  . GLU A 1 102 ? 5.065   -2.242  15.309  1.00 53.32 ? 200 GLU A CA  1 
ATOM   791 C C   . GLU A 1 102 ? 4.242   -0.984  15.045  1.00 58.08 ? 200 GLU A C   1 
ATOM   792 O O   . GLU A 1 102 ? 3.922   -0.228  15.967  1.00 57.69 ? 200 GLU A O   1 
ATOM   793 C CB  . GLU A 1 102 ? 6.210   -2.355  14.298  1.00 56.90 ? 200 GLU A CB  1 
ATOM   794 C CG  . GLU A 1 102 ? 7.148   -1.162  14.224  1.00 64.58 ? 200 GLU A CG  1 
ATOM   795 C CD  . GLU A 1 102 ? 6.547   0.012   13.479  1.00 73.10 ? 200 GLU A CD  1 
ATOM   796 O OE1 . GLU A 1 102 ? 5.912   0.876   14.124  1.00 76.32 ? 200 GLU A OE1 1 
ATOM   797 O OE2 . GLU A 1 102 ? 6.698   0.062   12.238  1.00 79.34 ? 200 GLU A OE2 1 
HETATM 798 O O   . HOH B 2 .   ? 4.459   -9.123  4.422   1.00 15.44 ? 301 HOH A O   1 
HETATM 799 O O   . HOH B 2 .   ? 6.395   -7.580  3.759   1.00 19.92 ? 302 HOH A O   1 
HETATM 800 O O   . HOH B 2 .   ? 5.301   -1.951  9.157   1.00 27.13 ? 303 HOH A O   1 
HETATM 801 O O   . HOH B 2 .   ? -5.830  7.923   5.426   1.00 24.96 ? 304 HOH A O   1 
HETATM 802 O O   . HOH B 2 .   ? 8.726   10.126  -6.537  1.00 31.88 ? 305 HOH A O   1 
HETATM 803 O O   . HOH B 2 .   ? 0.713   -1.881  5.637   1.00 26.48 ? 306 HOH A O   1 
HETATM 804 O O   . HOH B 2 .   ? -5.852  -1.283  -0.528  1.00 17.39 ? 307 HOH A O   1 
HETATM 805 O O   . HOH B 2 .   ? -9.435  -0.452  -4.114  1.00 18.15 ? 308 HOH A O   1 
HETATM 806 O O   . HOH B 2 .   ? -10.004 1.962   3.541   1.00 23.83 ? 309 HOH A O   1 
HETATM 807 O O   . HOH B 2 .   ? -11.758 2.959   5.611   1.00 24.73 ? 310 HOH A O   1 
HETATM 808 O O   . HOH B 2 .   ? -7.371  0.354   9.344   1.00 25.21 ? 311 HOH A O   1 
HETATM 809 O O   . HOH B 2 .   ? -6.613  0.091   12.053  1.00 25.00 ? 312 HOH A O   1 
HETATM 810 O O   . HOH B 2 .   ? -4.821  -2.479  11.487  1.00 19.19 ? 313 HOH A O   1 
HETATM 811 O O   . HOH B 2 .   ? 8.226   3.877   -8.897  1.00 24.25 ? 314 HOH A O   1 
HETATM 812 O O   . HOH B 2 .   ? -12.376 -5.181  1.654   1.00 37.09 ? 315 HOH A O   1 
HETATM 813 O O   . HOH B 2 .   ? -7.134  -9.166  -1.910  1.00 33.72 ? 316 HOH A O   1 
HETATM 814 O O   . HOH B 2 .   ? -6.902  10.595  -13.614 1.00 44.25 ? 317 HOH A O   1 
HETATM 815 O O   . HOH B 2 .   ? -3.316  -11.489 11.605  1.00 32.28 ? 318 HOH A O   1 
HETATM 816 O O   . HOH B 2 .   ? -3.919  -12.356 9.054   1.00 44.31 ? 319 HOH A O   1 
HETATM 817 O O   . HOH B 2 .   ? 6.769   -3.471  -13.668 1.00 31.99 ? 320 HOH A O   1 
HETATM 818 O O   . HOH B 2 .   ? -0.064  -12.100 11.945  1.00 38.11 ? 321 HOH A O   1 
HETATM 819 O O   . HOH B 2 .   ? 3.945   -8.885  6.746   1.00 16.19 ? 322 HOH A O   1 
HETATM 820 O O   . HOH B 2 .   ? -1.372  -17.736 4.688   1.00 17.75 ? 323 HOH A O   1 
HETATM 821 O O   . HOH B 2 .   ? 8.257   -0.564  8.702   1.00 28.60 ? 324 HOH A O   1 
HETATM 822 O O   . HOH B 2 .   ? 8.773   -12.272 -6.722  1.00 20.89 ? 325 HOH A O   1 
HETATM 823 O O   . HOH B 2 .   ? -7.232  -4.825  12.252  1.00 59.50 ? 326 HOH A O   1 
HETATM 824 O O   . HOH B 2 .   ? -9.795  -3.272  -3.489  1.00 24.80 ? 327 HOH A O   1 
HETATM 825 O O   . HOH B 2 .   ? 11.694  1.029   -0.366  1.00 33.12 ? 328 HOH A O   1 
HETATM 826 O O   . HOH B 2 .   ? -1.491  12.290  -11.332 1.00 29.03 ? 329 HOH A O   1 
HETATM 827 O O   . HOH B 2 .   ? 1.142   -10.073 -7.866  1.00 41.74 ? 330 HOH A O   1 
HETATM 828 O O   . HOH B 2 .   ? -6.389  -13.016 -2.154  1.00 42.50 ? 331 HOH A O   1 
HETATM 829 O O   . HOH B 2 .   ? -3.070  -19.588 -2.741  1.00 25.69 ? 332 HOH A O   1 
HETATM 830 O O   . HOH B 2 .   ? -1.728  -14.037 -11.022 1.00 30.71 ? 333 HOH A O   1 
HETATM 831 O O   . HOH B 2 .   ? 5.233   -17.206 -0.675  1.00 26.44 ? 334 HOH A O   1 
HETATM 832 O O   . HOH B 2 .   ? 2.766   -17.381 -0.727  1.00 50.80 ? 335 HOH A O   1 
HETATM 833 O O   . HOH B 2 .   ? 8.431   -9.730  4.622   1.00 20.27 ? 336 HOH A O   1 
HETATM 834 O O   . HOH B 2 .   ? 3.853   -18.265 -6.456  1.00 24.01 ? 337 HOH A O   1 
HETATM 835 O O   . HOH B 2 .   ? 4.331   -15.796 -8.127  1.00 17.81 ? 338 HOH A O   1 
HETATM 836 O O   . HOH B 2 .   ? 7.491   -5.982  1.397   1.00 30.97 ? 339 HOH A O   1 
HETATM 837 O O   . HOH B 2 .   ? 6.037   -19.160 -4.684  1.00 35.70 ? 340 HOH A O   1 
HETATM 838 O O   . HOH B 2 .   ? -8.094  -2.031  12.674  1.00 22.26 ? 341 HOH A O   1 
HETATM 839 O O   . HOH B 2 .   ? 13.820  8.176   -6.565  1.00 48.91 ? 342 HOH A O   1 
HETATM 840 O O   . HOH B 2 .   ? -14.055 2.284   -3.166  1.00 37.72 ? 343 HOH A O   1 
HETATM 841 O O   . HOH B 2 .   ? 1.444   2.667   -13.647 1.00 39.70 ? 344 HOH A O   1 
HETATM 842 O O   . HOH B 2 .   ? -10.818 -9.337  -1.609  1.00 32.36 ? 345 HOH A O   1 
HETATM 843 O O   . HOH B 2 .   ? -3.626  18.973  -6.450  1.00 51.93 ? 346 HOH A O   1 
HETATM 844 O O   . HOH B 2 .   ? 4.374   1.421   11.596  1.00 39.54 ? 347 HOH A O   1 
# 
loop_
_pdbx_poly_seq_scheme.asym_id 
_pdbx_poly_seq_scheme.entity_id 
_pdbx_poly_seq_scheme.seq_id 
_pdbx_poly_seq_scheme.mon_id 
_pdbx_poly_seq_scheme.ndb_seq_num 
_pdbx_poly_seq_scheme.pdb_seq_num 
_pdbx_poly_seq_scheme.auth_seq_num 
_pdbx_poly_seq_scheme.pdb_mon_id 
_pdbx_poly_seq_scheme.auth_mon_id 
_pdbx_poly_seq_scheme.pdb_strand_id 
_pdbx_poly_seq_scheme.pdb_ins_code 
_pdbx_poly_seq_scheme.hetero 
A 1 1   SER 1   99  ?   ?   ?   A . n 
A 1 2   TYR 2   100 ?   ?   ?   A . n 
A 1 3   TYR 3   101 101 TYR TYR A . n 
A 1 4   ARG 4   102 102 ARG ARG A . n 
A 1 5   SER 5   103 103 SER SER A . n 
A 1 6   ILE 6   104 104 ILE ILE A . n 
A 1 7   ASN 7   105 105 ASN ASN A . n 
A 1 8   ALA 8   106 106 ALA ALA A . n 
A 1 9   ALA 9   107 107 ALA ALA A . n 
A 1 10  ASP 10  108 108 ASP ASP A . n 
A 1 11  LEU 11  109 109 LEU LEU A . n 
A 1 12  TYR 12  110 110 TYR TYR A . n 
A 1 13  GLU 13  111 111 GLU GLU A . n 
A 1 14  ASN 14  112 112 ASN ASN A . n 
A 1 15  ILE 15  113 113 ILE ILE A . n 
A 1 16  LYS 16  114 114 LYS LYS A . n 
A 1 17  ALA 17  115 115 ALA ALA A . n 
A 1 18  TYR 18  116 116 TYR TYR A . n 
A 1 19  THR 19  117 117 THR THR A . n 
A 1 20  VAL 20  118 118 VAL VAL A . n 
A 1 21  LEU 21  119 119 LEU LEU A . n 
A 1 22  ASP 22  120 120 ASP ASP A . n 
A 1 23  VAL 23  121 121 VAL VAL A . n 
A 1 24  ARG 24  122 122 ARG ARG A . n 
A 1 25  GLU 25  123 123 GLU GLU A . n 
A 1 26  PRO 26  124 124 PRO PRO A . n 
A 1 27  PHE 27  125 125 PHE PHE A . n 
A 1 28  GLU 28  126 126 GLU GLU A . n 
A 1 29  LEU 29  127 127 LEU LEU A . n 
A 1 30  ILE 30  128 128 ILE ILE A . n 
A 1 31  PHE 31  129 129 PHE PHE A . n 
A 1 32  GLY 32  130 130 GLY GLY A . n 
A 1 33  SER 33  131 131 SER SER A . n 
A 1 34  ILE 34  132 132 ILE ILE A . n 
A 1 35  ALA 35  133 133 ALA ALA A . n 
A 1 36  ASN 36  134 134 ASN ASN A . n 
A 1 37  SER 37  135 135 SER SER A . n 
A 1 38  ILE 38  136 136 ILE ILE A . n 
A 1 39  ASN 39  137 137 ASN ASN A . n 
A 1 40  ILE 40  138 138 ILE ILE A . n 
A 1 41  PRO 41  139 139 PRO PRO A . n 
A 1 42  ILE 42  140 140 ILE ILE A . n 
A 1 43  SER 43  141 141 SER SER A . n 
A 1 44  GLU 44  142 142 GLU GLU A . n 
A 1 45  LEU 45  143 143 LEU LEU A . n 
A 1 46  ARG 46  144 144 ARG ARG A . n 
A 1 47  GLU 47  145 145 GLU GLU A . n 
A 1 48  LYS 48  146 146 LYS LYS A . n 
A 1 49  TRP 49  147 147 TRP TRP A . n 
A 1 50  LYS 50  148 148 LYS LYS A . n 
A 1 51  ILE 51  149 149 ILE ILE A . n 
A 1 52  LEU 52  150 150 LEU LEU A . n 
A 1 53  GLU 53  151 151 GLU GLU A . n 
A 1 54  ARG 54  152 152 ARG ARG A . n 
A 1 55  ASP 55  153 153 ASP ASP A . n 
A 1 56  LYS 56  154 154 LYS LYS A . n 
A 1 57  LYS 57  155 155 LYS LYS A . n 
A 1 58  TYR 58  156 156 TYR TYR A . n 
A 1 59  ALA 59  157 157 ALA ALA A . n 
A 1 60  VAL 60  158 158 VAL VAL A . n 
A 1 61  ILE 61  159 159 ILE ILE A . n 
A 1 62  CYS 62  160 160 CYS CYS A . n 
A 1 63  ALA 63  161 161 ALA ALA A . n 
A 1 64  HIS 64  162 162 HIS HIS A . n 
A 1 65  GLY 65  163 163 GLY GLY A . n 
A 1 66  ASN 66  164 164 ASN ASN A . n 
A 1 67  ARG 67  165 165 ARG ARG A . n 
A 1 68  SER 68  166 166 SER SER A . n 
A 1 69  ALA 69  167 167 ALA ALA A . n 
A 1 70  ALA 70  168 168 ALA ALA A . n 
A 1 71  ALA 71  169 169 ALA ALA A . n 
A 1 72  VAL 72  170 170 VAL VAL A . n 
A 1 73  GLU 73  171 171 GLU GLU A . n 
A 1 74  PHE 74  172 172 PHE PHE A . n 
A 1 75  LEU 75  173 173 LEU LEU A . n 
A 1 76  SER 76  174 174 SER SER A . n 
A 1 77  GLN 77  175 175 GLN GLN A . n 
A 1 78  LEU 78  176 176 LEU LEU A . n 
A 1 79  GLY 79  177 177 GLY GLY A . n 
A 1 80  LEU 80  178 178 LEU LEU A . n 
A 1 81  ASN 81  179 179 ASN ASN A . n 
A 1 82  ILE 82  180 180 ILE ILE A . n 
A 1 83  VAL 83  181 181 VAL VAL A . n 
A 1 84  ASP 84  182 182 ASP ASP A . n 
A 1 85  VAL 85  183 183 VAL VAL A . n 
A 1 86  GLU 86  184 184 GLU GLU A . n 
A 1 87  GLY 87  185 185 GLY GLY A . n 
A 1 88  GLY 88  186 186 GLY GLY A . n 
A 1 89  ILE 89  187 187 ILE ILE A . n 
A 1 90  GLN 90  188 188 GLN GLN A . n 
A 1 91  SER 91  189 189 SER SER A . n 
A 1 92  TRP 92  190 190 TRP TRP A . n 
A 1 93  ILE 93  191 191 ILE ILE A . n 
A 1 94  GLU 94  192 192 GLU GLU A . n 
A 1 95  GLU 95  193 193 GLU GLU A . n 
A 1 96  GLY 96  194 194 GLY GLY A . n 
A 1 97  TYR 97  195 195 TYR TYR A . n 
A 1 98  PRO 98  196 196 PRO PRO A . n 
A 1 99  VAL 99  197 197 VAL VAL A . n 
A 1 100 VAL 100 198 198 VAL VAL A . n 
A 1 101 LEU 101 199 199 LEU LEU A . n 
A 1 102 GLU 102 200 200 GLU GLU A . n 
A 1 103 HIS 103 201 ?   ?   ?   A . n 
A 1 104 HIS 104 202 ?   ?   ?   A . n 
A 1 105 HIS 105 203 ?   ?   ?   A . n 
A 1 106 HIS 106 204 ?   ?   ?   A . n 
A 1 107 HIS 107 205 ?   ?   ?   A . n 
A 1 108 HIS 108 206 ?   ?   ?   A . n 
# 
_pdbx_SG_project.id                    1 
_pdbx_SG_project.project_name          'PSI, Protein Structure Initiative' 
_pdbx_SG_project.full_name_of_center   'Northeast Structural Genomics Consortium' 
_pdbx_SG_project.initial_of_center     NESG 
# 
loop_
_pdbx_nonpoly_scheme.asym_id 
_pdbx_nonpoly_scheme.entity_id 
_pdbx_nonpoly_scheme.mon_id 
_pdbx_nonpoly_scheme.ndb_seq_num 
_pdbx_nonpoly_scheme.pdb_seq_num 
_pdbx_nonpoly_scheme.auth_seq_num 
_pdbx_nonpoly_scheme.pdb_mon_id 
_pdbx_nonpoly_scheme.auth_mon_id 
_pdbx_nonpoly_scheme.pdb_strand_id 
_pdbx_nonpoly_scheme.pdb_ins_code 
B 2 HOH 1  301 301 HOH HOH A . 
B 2 HOH 2  302 302 HOH HOH A . 
B 2 HOH 3  303 303 HOH HOH A . 
B 2 HOH 4  304 304 HOH HOH A . 
B 2 HOH 5  305 305 HOH HOH A . 
B 2 HOH 6  306 306 HOH HOH A . 
B 2 HOH 7  307 307 HOH HOH A . 
B 2 HOH 8  308 308 HOH HOH A . 
B 2 HOH 9  309 309 HOH HOH A . 
B 2 HOH 10 310 310 HOH HOH A . 
B 2 HOH 11 311 311 HOH HOH A . 
B 2 HOH 12 312 312 HOH HOH A . 
B 2 HOH 13 313 313 HOH HOH A . 
B 2 HOH 14 314 314 HOH HOH A . 
B 2 HOH 15 315 315 HOH HOH A . 
B 2 HOH 16 316 316 HOH HOH A . 
B 2 HOH 17 317 317 HOH HOH A . 
B 2 HOH 18 318 318 HOH HOH A . 
B 2 HOH 19 319 319 HOH HOH A . 
B 2 HOH 20 320 320 HOH HOH A . 
B 2 HOH 21 321 321 HOH HOH A . 
B 2 HOH 22 322 322 HOH HOH A . 
B 2 HOH 23 323 323 HOH HOH A . 
B 2 HOH 24 324 324 HOH HOH A . 
B 2 HOH 25 325 325 HOH HOH A . 
B 2 HOH 26 326 326 HOH HOH A . 
B 2 HOH 27 327 327 HOH HOH A . 
B 2 HOH 28 328 328 HOH HOH A . 
B 2 HOH 29 329 329 HOH HOH A . 
B 2 HOH 30 330 330 HOH HOH A . 
B 2 HOH 31 331 331 HOH HOH A . 
B 2 HOH 32 332 332 HOH HOH A . 
B 2 HOH 33 333 333 HOH HOH A . 
B 2 HOH 34 334 334 HOH HOH A . 
B 2 HOH 35 335 335 HOH HOH A . 
B 2 HOH 36 336 336 HOH HOH A . 
B 2 HOH 37 337 337 HOH HOH A . 
B 2 HOH 38 338 338 HOH HOH A . 
B 2 HOH 39 339 339 HOH HOH A . 
B 2 HOH 40 340 340 HOH HOH A . 
B 2 HOH 41 341 341 HOH HOH A . 
B 2 HOH 42 342 342 HOH HOH A . 
B 2 HOH 43 343 343 HOH HOH A . 
B 2 HOH 44 344 344 HOH HOH A . 
B 2 HOH 45 345 345 HOH HOH A . 
B 2 HOH 46 346 346 HOH HOH A . 
B 2 HOH 47 347 347 HOH HOH A . 
# 
_pdbx_struct_assembly.id                   1 
_pdbx_struct_assembly.details              author_and_software_defined_assembly 
_pdbx_struct_assembly.method_details       PISA 
_pdbx_struct_assembly.oligomeric_details   monomeric 
_pdbx_struct_assembly.oligomeric_count     1 
# 
_pdbx_struct_assembly_gen.assembly_id       1 
_pdbx_struct_assembly_gen.oper_expression   1 
_pdbx_struct_assembly_gen.asym_id_list      A,B 
# 
_pdbx_struct_oper_list.id                   1 
_pdbx_struct_oper_list.type                 'identity operation' 
_pdbx_struct_oper_list.name                 1_555 
_pdbx_struct_oper_list.symmetry_operation   x,y,z 
_pdbx_struct_oper_list.matrix[1][1]         1.0000000000 
_pdbx_struct_oper_list.matrix[1][2]         0.0000000000 
_pdbx_struct_oper_list.matrix[1][3]         0.0000000000 
_pdbx_struct_oper_list.vector[1]            0.0000000000 
_pdbx_struct_oper_list.matrix[2][1]         0.0000000000 
_pdbx_struct_oper_list.matrix[2][2]         1.0000000000 
_pdbx_struct_oper_list.matrix[2][3]         0.0000000000 
_pdbx_struct_oper_list.vector[2]            0.0000000000 
_pdbx_struct_oper_list.matrix[3][1]         0.0000000000 
_pdbx_struct_oper_list.matrix[3][2]         0.0000000000 
_pdbx_struct_oper_list.matrix[3][3]         1.0000000000 
_pdbx_struct_oper_list.vector[3]            0.0000000000 
# 
loop_
_pdbx_audit_revision_history.ordinal 
_pdbx_audit_revision_history.data_content_type 
_pdbx_audit_revision_history.major_revision 
_pdbx_audit_revision_history.minor_revision 
_pdbx_audit_revision_history.revision_date 
1 'Structure model' 1 0 2009-03-24 
2 'Structure model' 1 1 2011-07-13 
3 'Structure model' 1 2 2019-07-24 
4 'Structure model' 1 3 2023-09-06 
# 
_pdbx_audit_revision_details.ordinal             1 
_pdbx_audit_revision_details.revision_ordinal    1 
_pdbx_audit_revision_details.data_content_type   'Structure model' 
_pdbx_audit_revision_details.provider            repository 
_pdbx_audit_revision_details.type                'Initial release' 
_pdbx_audit_revision_details.description         ? 
_pdbx_audit_revision_details.details             ? 
# 
loop_
_pdbx_audit_revision_group.ordinal 
_pdbx_audit_revision_group.revision_ordinal 
_pdbx_audit_revision_group.data_content_type 
_pdbx_audit_revision_group.group 
1 2 'Structure model' 'Version format compliance' 
2 3 'Structure model' 'Data collection'           
3 3 'Structure model' 'Refinement description'    
4 4 'Structure model' 'Data collection'           
5 4 'Structure model' 'Database references'       
6 4 'Structure model' 'Refinement description'    
# 
loop_
_pdbx_audit_revision_category.ordinal 
_pdbx_audit_revision_category.revision_ordinal 
_pdbx_audit_revision_category.data_content_type 
_pdbx_audit_revision_category.category 
1 3 'Structure model' software                      
2 4 'Structure model' chem_comp_atom                
3 4 'Structure model' chem_comp_bond                
4 4 'Structure model' database_2                    
5 4 'Structure model' pdbx_initial_refinement_model 
6 4 'Structure model' struct_ref_seq_dif            
# 
loop_
_pdbx_audit_revision_item.ordinal 
_pdbx_audit_revision_item.revision_ordinal 
_pdbx_audit_revision_item.data_content_type 
_pdbx_audit_revision_item.item 
1  3 'Structure model' '_software.contact_author'            
2  3 'Structure model' '_software.contact_author_email'      
3  3 'Structure model' '_software.language'                  
4  3 'Structure model' '_software.location'                  
5  3 'Structure model' '_software.name'                      
6  3 'Structure model' '_software.type'                      
7  3 'Structure model' '_software.version'                   
8  4 'Structure model' '_database_2.pdbx_DOI'                
9  4 'Structure model' '_database_2.pdbx_database_accession' 
10 4 'Structure model' '_struct_ref_seq_dif.details'         
# 
loop_
_software.name 
_software.version 
_software.date 
_software.type 
_software.contact_author 
_software.contact_author_email 
_software.classification 
_software.location 
_software.language 
_software.citation_id 
_software.pdbx_ordinal 
CNS         1.2     ?                 ?       ?                 ?                        refinement        ? ?          ? 1 
PDB_EXTRACT 3.00    'March. 27, 2007' package PDB               sw-help@rcsb.rutgers.edu 'data extraction' 
http://pdb.rutgers.edu/software/ C++        ? 2 
ADSC        Quantum ?                 ?       ?                 ?                        'data collection' ? ?          ? 3 
HKL-2000    .       ?                 ?       ?                 ?                        'data reduction'  ? ?          ? 4 
SCALEPACK   .       ?                 ?       ?                 ?                        'data scaling'    ? ?          ? 5 
COMO        .       ?                 ?       ?                 ?                        phasing           ? ?          ? 6 
REFMAC      .       ?                 program 'Murshudov, G.N.' ccp4@dl.ac.uk            refinement        
http://www.ccp4.ac.uk/main.html  Fortran_77 ? 7 
# 
_pdbx_validate_rmsd_bond.id                        1 
_pdbx_validate_rmsd_bond.PDB_model_num             1 
_pdbx_validate_rmsd_bond.auth_atom_id_1            CB 
_pdbx_validate_rmsd_bond.auth_asym_id_1            A 
_pdbx_validate_rmsd_bond.auth_comp_id_1            CYS 
_pdbx_validate_rmsd_bond.auth_seq_id_1             160 
_pdbx_validate_rmsd_bond.PDB_ins_code_1            ? 
_pdbx_validate_rmsd_bond.label_alt_id_1            ? 
_pdbx_validate_rmsd_bond.auth_atom_id_2            SG 
_pdbx_validate_rmsd_bond.auth_asym_id_2            A 
_pdbx_validate_rmsd_bond.auth_comp_id_2            CYS 
_pdbx_validate_rmsd_bond.auth_seq_id_2             160 
_pdbx_validate_rmsd_bond.PDB_ins_code_2            ? 
_pdbx_validate_rmsd_bond.label_alt_id_2            ? 
_pdbx_validate_rmsd_bond.bond_value                1.713 
_pdbx_validate_rmsd_bond.bond_target_value         1.812 
_pdbx_validate_rmsd_bond.bond_deviation            -0.099 
_pdbx_validate_rmsd_bond.bond_standard_deviation   0.016 
_pdbx_validate_rmsd_bond.linker_flag               N 
# 
_pdbx_validate_torsion.id              1 
_pdbx_validate_torsion.PDB_model_num   1 
_pdbx_validate_torsion.auth_comp_id    ASN 
_pdbx_validate_torsion.auth_asym_id    A 
_pdbx_validate_torsion.auth_seq_id     134 
_pdbx_validate_torsion.PDB_ins_code    ? 
_pdbx_validate_torsion.label_alt_id    ? 
_pdbx_validate_torsion.phi             59.27 
_pdbx_validate_torsion.psi             16.62 
# 
loop_
_pdbx_unobs_or_zero_occ_residues.id 
_pdbx_unobs_or_zero_occ_residues.PDB_model_num 
_pdbx_unobs_or_zero_occ_residues.polymer_flag 
_pdbx_unobs_or_zero_occ_residues.occupancy_flag 
_pdbx_unobs_or_zero_occ_residues.auth_asym_id 
_pdbx_unobs_or_zero_occ_residues.auth_comp_id 
_pdbx_unobs_or_zero_occ_residues.auth_seq_id 
_pdbx_unobs_or_zero_occ_residues.PDB_ins_code 
_pdbx_unobs_or_zero_occ_residues.label_asym_id 
_pdbx_unobs_or_zero_occ_residues.label_comp_id 
_pdbx_unobs_or_zero_occ_residues.label_seq_id 
1 1 Y 1 A SER 99  ? A SER 1   
2 1 Y 1 A TYR 100 ? A TYR 2   
3 1 Y 1 A HIS 201 ? A HIS 103 
4 1 Y 1 A HIS 202 ? A HIS 104 
5 1 Y 1 A HIS 203 ? A HIS 105 
6 1 Y 1 A HIS 204 ? A HIS 106 
7 1 Y 1 A HIS 205 ? A HIS 107 
8 1 Y 1 A HIS 206 ? A HIS 108 
# 
loop_
_chem_comp_atom.comp_id 
_chem_comp_atom.atom_id 
_chem_comp_atom.type_symbol 
_chem_comp_atom.pdbx_aromatic_flag 
_chem_comp_atom.pdbx_stereo_config 
_chem_comp_atom.pdbx_ordinal 
ALA N    N N N 1   
ALA CA   C N S 2   
ALA C    C N N 3   
ALA O    O N N 4   
ALA CB   C N N 5   
ALA OXT  O N N 6   
ALA H    H N N 7   
ALA H2   H N N 8   
ALA HA   H N N 9   
ALA HB1  H N N 10  
ALA HB2  H N N 11  
ALA HB3  H N N 12  
ALA HXT  H N N 13  
ARG N    N N N 14  
ARG CA   C N S 15  
ARG C    C N N 16  
ARG O    O N N 17  
ARG CB   C N N 18  
ARG CG   C N N 19  
ARG CD   C N N 20  
ARG NE   N N N 21  
ARG CZ   C N N 22  
ARG NH1  N N N 23  
ARG NH2  N N N 24  
ARG OXT  O N N 25  
ARG H    H N N 26  
ARG H2   H N N 27  
ARG HA   H N N 28  
ARG HB2  H N N 29  
ARG HB3  H N N 30  
ARG HG2  H N N 31  
ARG HG3  H N N 32  
ARG HD2  H N N 33  
ARG HD3  H N N 34  
ARG HE   H N N 35  
ARG HH11 H N N 36  
ARG HH12 H N N 37  
ARG HH21 H N N 38  
ARG HH22 H N N 39  
ARG HXT  H N N 40  
ASN N    N N N 41  
ASN CA   C N S 42  
ASN C    C N N 43  
ASN O    O N N 44  
ASN CB   C N N 45  
ASN CG   C N N 46  
ASN OD1  O N N 47  
ASN ND2  N N N 48  
ASN OXT  O N N 49  
ASN H    H N N 50  
ASN H2   H N N 51  
ASN HA   H N N 52  
ASN HB2  H N N 53  
ASN HB3  H N N 54  
ASN HD21 H N N 55  
ASN HD22 H N N 56  
ASN HXT  H N N 57  
ASP N    N N N 58  
ASP CA   C N S 59  
ASP C    C N N 60  
ASP O    O N N 61  
ASP CB   C N N 62  
ASP CG   C N N 63  
ASP OD1  O N N 64  
ASP OD2  O N N 65  
ASP OXT  O N N 66  
ASP H    H N N 67  
ASP H2   H N N 68  
ASP HA   H N N 69  
ASP HB2  H N N 70  
ASP HB3  H N N 71  
ASP HD2  H N N 72  
ASP HXT  H N N 73  
CYS N    N N N 74  
CYS CA   C N R 75  
CYS C    C N N 76  
CYS O    O N N 77  
CYS CB   C N N 78  
CYS SG   S N N 79  
CYS OXT  O N N 80  
CYS H    H N N 81  
CYS H2   H N N 82  
CYS HA   H N N 83  
CYS HB2  H N N 84  
CYS HB3  H N N 85  
CYS HG   H N N 86  
CYS HXT  H N N 87  
GLN N    N N N 88  
GLN CA   C N S 89  
GLN C    C N N 90  
GLN O    O N N 91  
GLN CB   C N N 92  
GLN CG   C N N 93  
GLN CD   C N N 94  
GLN OE1  O N N 95  
GLN NE2  N N N 96  
GLN OXT  O N N 97  
GLN H    H N N 98  
GLN H2   H N N 99  
GLN HA   H N N 100 
GLN HB2  H N N 101 
GLN HB3  H N N 102 
GLN HG2  H N N 103 
GLN HG3  H N N 104 
GLN HE21 H N N 105 
GLN HE22 H N N 106 
GLN HXT  H N N 107 
GLU N    N N N 108 
GLU CA   C N S 109 
GLU C    C N N 110 
GLU O    O N N 111 
GLU CB   C N N 112 
GLU CG   C N N 113 
GLU CD   C N N 114 
GLU OE1  O N N 115 
GLU OE2  O N N 116 
GLU OXT  O N N 117 
GLU H    H N N 118 
GLU H2   H N N 119 
GLU HA   H N N 120 
GLU HB2  H N N 121 
GLU HB3  H N N 122 
GLU HG2  H N N 123 
GLU HG3  H N N 124 
GLU HE2  H N N 125 
GLU HXT  H N N 126 
GLY N    N N N 127 
GLY CA   C N N 128 
GLY C    C N N 129 
GLY O    O N N 130 
GLY OXT  O N N 131 
GLY H    H N N 132 
GLY H2   H N N 133 
GLY HA2  H N N 134 
GLY HA3  H N N 135 
GLY HXT  H N N 136 
HIS N    N N N 137 
HIS CA   C N S 138 
HIS C    C N N 139 
HIS O    O N N 140 
HIS CB   C N N 141 
HIS CG   C Y N 142 
HIS ND1  N Y N 143 
HIS CD2  C Y N 144 
HIS CE1  C Y N 145 
HIS NE2  N Y N 146 
HIS OXT  O N N 147 
HIS H    H N N 148 
HIS H2   H N N 149 
HIS HA   H N N 150 
HIS HB2  H N N 151 
HIS HB3  H N N 152 
HIS HD1  H N N 153 
HIS HD2  H N N 154 
HIS HE1  H N N 155 
HIS HE2  H N N 156 
HIS HXT  H N N 157 
HOH O    O N N 158 
HOH H1   H N N 159 
HOH H2   H N N 160 
ILE N    N N N 161 
ILE CA   C N S 162 
ILE C    C N N 163 
ILE O    O N N 164 
ILE CB   C N S 165 
ILE CG1  C N N 166 
ILE CG2  C N N 167 
ILE CD1  C N N 168 
ILE OXT  O N N 169 
ILE H    H N N 170 
ILE H2   H N N 171 
ILE HA   H N N 172 
ILE HB   H N N 173 
ILE HG12 H N N 174 
ILE HG13 H N N 175 
ILE HG21 H N N 176 
ILE HG22 H N N 177 
ILE HG23 H N N 178 
ILE HD11 H N N 179 
ILE HD12 H N N 180 
ILE HD13 H N N 181 
ILE HXT  H N N 182 
LEU N    N N N 183 
LEU CA   C N S 184 
LEU C    C N N 185 
LEU O    O N N 186 
LEU CB   C N N 187 
LEU CG   C N N 188 
LEU CD1  C N N 189 
LEU CD2  C N N 190 
LEU OXT  O N N 191 
LEU H    H N N 192 
LEU H2   H N N 193 
LEU HA   H N N 194 
LEU HB2  H N N 195 
LEU HB3  H N N 196 
LEU HG   H N N 197 
LEU HD11 H N N 198 
LEU HD12 H N N 199 
LEU HD13 H N N 200 
LEU HD21 H N N 201 
LEU HD22 H N N 202 
LEU HD23 H N N 203 
LEU HXT  H N N 204 
LYS N    N N N 205 
LYS CA   C N S 206 
LYS C    C N N 207 
LYS O    O N N 208 
LYS CB   C N N 209 
LYS CG   C N N 210 
LYS CD   C N N 211 
LYS CE   C N N 212 
LYS NZ   N N N 213 
LYS OXT  O N N 214 
LYS H    H N N 215 
LYS H2   H N N 216 
LYS HA   H N N 217 
LYS HB2  H N N 218 
LYS HB3  H N N 219 
LYS HG2  H N N 220 
LYS HG3  H N N 221 
LYS HD2  H N N 222 
LYS HD3  H N N 223 
LYS HE2  H N N 224 
LYS HE3  H N N 225 
LYS HZ1  H N N 226 
LYS HZ2  H N N 227 
LYS HZ3  H N N 228 
LYS HXT  H N N 229 
PHE N    N N N 230 
PHE CA   C N S 231 
PHE C    C N N 232 
PHE O    O N N 233 
PHE CB   C N N 234 
PHE CG   C Y N 235 
PHE CD1  C Y N 236 
PHE CD2  C Y N 237 
PHE CE1  C Y N 238 
PHE CE2  C Y N 239 
PHE CZ   C Y N 240 
PHE OXT  O N N 241 
PHE H    H N N 242 
PHE H2   H N N 243 
PHE HA   H N N 244 
PHE HB2  H N N 245 
PHE HB3  H N N 246 
PHE HD1  H N N 247 
PHE HD2  H N N 248 
PHE HE1  H N N 249 
PHE HE2  H N N 250 
PHE HZ   H N N 251 
PHE HXT  H N N 252 
PRO N    N N N 253 
PRO CA   C N S 254 
PRO C    C N N 255 
PRO O    O N N 256 
PRO CB   C N N 257 
PRO CG   C N N 258 
PRO CD   C N N 259 
PRO OXT  O N N 260 
PRO H    H N N 261 
PRO HA   H N N 262 
PRO HB2  H N N 263 
PRO HB3  H N N 264 
PRO HG2  H N N 265 
PRO HG3  H N N 266 
PRO HD2  H N N 267 
PRO HD3  H N N 268 
PRO HXT  H N N 269 
SER N    N N N 270 
SER CA   C N S 271 
SER C    C N N 272 
SER O    O N N 273 
SER CB   C N N 274 
SER OG   O N N 275 
SER OXT  O N N 276 
SER H    H N N 277 
SER H2   H N N 278 
SER HA   H N N 279 
SER HB2  H N N 280 
SER HB3  H N N 281 
SER HG   H N N 282 
SER HXT  H N N 283 
THR N    N N N 284 
THR CA   C N S 285 
THR C    C N N 286 
THR O    O N N 287 
THR CB   C N R 288 
THR OG1  O N N 289 
THR CG2  C N N 290 
THR OXT  O N N 291 
THR H    H N N 292 
THR H2   H N N 293 
THR HA   H N N 294 
THR HB   H N N 295 
THR HG1  H N N 296 
THR HG21 H N N 297 
THR HG22 H N N 298 
THR HG23 H N N 299 
THR HXT  H N N 300 
TRP N    N N N 301 
TRP CA   C N S 302 
TRP C    C N N 303 
TRP O    O N N 304 
TRP CB   C N N 305 
TRP CG   C Y N 306 
TRP CD1  C Y N 307 
TRP CD2  C Y N 308 
TRP NE1  N Y N 309 
TRP CE2  C Y N 310 
TRP CE3  C Y N 311 
TRP CZ2  C Y N 312 
TRP CZ3  C Y N 313 
TRP CH2  C Y N 314 
TRP OXT  O N N 315 
TRP H    H N N 316 
TRP H2   H N N 317 
TRP HA   H N N 318 
TRP HB2  H N N 319 
TRP HB3  H N N 320 
TRP HD1  H N N 321 
TRP HE1  H N N 322 
TRP HE3  H N N 323 
TRP HZ2  H N N 324 
TRP HZ3  H N N 325 
TRP HH2  H N N 326 
TRP HXT  H N N 327 
TYR N    N N N 328 
TYR CA   C N S 329 
TYR C    C N N 330 
TYR O    O N N 331 
TYR CB   C N N 332 
TYR CG   C Y N 333 
TYR CD1  C Y N 334 
TYR CD2  C Y N 335 
TYR CE1  C Y N 336 
TYR CE2  C Y N 337 
TYR CZ   C Y N 338 
TYR OH   O N N 339 
TYR OXT  O N N 340 
TYR H    H N N 341 
TYR H2   H N N 342 
TYR HA   H N N 343 
TYR HB2  H N N 344 
TYR HB3  H N N 345 
TYR HD1  H N N 346 
TYR HD2  H N N 347 
TYR HE1  H N N 348 
TYR HE2  H N N 349 
TYR HH   H N N 350 
TYR HXT  H N N 351 
VAL N    N N N 352 
VAL CA   C N S 353 
VAL C    C N N 354 
VAL O    O N N 355 
VAL CB   C N N 356 
VAL CG1  C N N 357 
VAL CG2  C N N 358 
VAL OXT  O N N 359 
VAL H    H N N 360 
VAL H2   H N N 361 
VAL HA   H N N 362 
VAL HB   H N N 363 
VAL HG11 H N N 364 
VAL HG12 H N N 365 
VAL HG13 H N N 366 
VAL HG21 H N N 367 
VAL HG22 H N N 368 
VAL HG23 H N N 369 
VAL HXT  H N N 370 
# 
loop_
_chem_comp_bond.comp_id 
_chem_comp_bond.atom_id_1 
_chem_comp_bond.atom_id_2 
_chem_comp_bond.value_order 
_chem_comp_bond.pdbx_aromatic_flag 
_chem_comp_bond.pdbx_stereo_config 
_chem_comp_bond.pdbx_ordinal 
ALA N   CA   sing N N 1   
ALA N   H    sing N N 2   
ALA N   H2   sing N N 3   
ALA CA  C    sing N N 4   
ALA CA  CB   sing N N 5   
ALA CA  HA   sing N N 6   
ALA C   O    doub N N 7   
ALA C   OXT  sing N N 8   
ALA CB  HB1  sing N N 9   
ALA CB  HB2  sing N N 10  
ALA CB  HB3  sing N N 11  
ALA OXT HXT  sing N N 12  
ARG N   CA   sing N N 13  
ARG N   H    sing N N 14  
ARG N   H2   sing N N 15  
ARG CA  C    sing N N 16  
ARG CA  CB   sing N N 17  
ARG CA  HA   sing N N 18  
ARG C   O    doub N N 19  
ARG C   OXT  sing N N 20  
ARG CB  CG   sing N N 21  
ARG CB  HB2  sing N N 22  
ARG CB  HB3  sing N N 23  
ARG CG  CD   sing N N 24  
ARG CG  HG2  sing N N 25  
ARG CG  HG3  sing N N 26  
ARG CD  NE   sing N N 27  
ARG CD  HD2  sing N N 28  
ARG CD  HD3  sing N N 29  
ARG NE  CZ   sing N N 30  
ARG NE  HE   sing N N 31  
ARG CZ  NH1  sing N N 32  
ARG CZ  NH2  doub N N 33  
ARG NH1 HH11 sing N N 34  
ARG NH1 HH12 sing N N 35  
ARG NH2 HH21 sing N N 36  
ARG NH2 HH22 sing N N 37  
ARG OXT HXT  sing N N 38  
ASN N   CA   sing N N 39  
ASN N   H    sing N N 40  
ASN N   H2   sing N N 41  
ASN CA  C    sing N N 42  
ASN CA  CB   sing N N 43  
ASN CA  HA   sing N N 44  
ASN C   O    doub N N 45  
ASN C   OXT  sing N N 46  
ASN CB  CG   sing N N 47  
ASN CB  HB2  sing N N 48  
ASN CB  HB3  sing N N 49  
ASN CG  OD1  doub N N 50  
ASN CG  ND2  sing N N 51  
ASN ND2 HD21 sing N N 52  
ASN ND2 HD22 sing N N 53  
ASN OXT HXT  sing N N 54  
ASP N   CA   sing N N 55  
ASP N   H    sing N N 56  
ASP N   H2   sing N N 57  
ASP CA  C    sing N N 58  
ASP CA  CB   sing N N 59  
ASP CA  HA   sing N N 60  
ASP C   O    doub N N 61  
ASP C   OXT  sing N N 62  
ASP CB  CG   sing N N 63  
ASP CB  HB2  sing N N 64  
ASP CB  HB3  sing N N 65  
ASP CG  OD1  doub N N 66  
ASP CG  OD2  sing N N 67  
ASP OD2 HD2  sing N N 68  
ASP OXT HXT  sing N N 69  
CYS N   CA   sing N N 70  
CYS N   H    sing N N 71  
CYS N   H2   sing N N 72  
CYS CA  C    sing N N 73  
CYS CA  CB   sing N N 74  
CYS CA  HA   sing N N 75  
CYS C   O    doub N N 76  
CYS C   OXT  sing N N 77  
CYS CB  SG   sing N N 78  
CYS CB  HB2  sing N N 79  
CYS CB  HB3  sing N N 80  
CYS SG  HG   sing N N 81  
CYS OXT HXT  sing N N 82  
GLN N   CA   sing N N 83  
GLN N   H    sing N N 84  
GLN N   H2   sing N N 85  
GLN CA  C    sing N N 86  
GLN CA  CB   sing N N 87  
GLN CA  HA   sing N N 88  
GLN C   O    doub N N 89  
GLN C   OXT  sing N N 90  
GLN CB  CG   sing N N 91  
GLN CB  HB2  sing N N 92  
GLN CB  HB3  sing N N 93  
GLN CG  CD   sing N N 94  
GLN CG  HG2  sing N N 95  
GLN CG  HG3  sing N N 96  
GLN CD  OE1  doub N N 97  
GLN CD  NE2  sing N N 98  
GLN NE2 HE21 sing N N 99  
GLN NE2 HE22 sing N N 100 
GLN OXT HXT  sing N N 101 
GLU N   CA   sing N N 102 
GLU N   H    sing N N 103 
GLU N   H2   sing N N 104 
GLU CA  C    sing N N 105 
GLU CA  CB   sing N N 106 
GLU CA  HA   sing N N 107 
GLU C   O    doub N N 108 
GLU C   OXT  sing N N 109 
GLU CB  CG   sing N N 110 
GLU CB  HB2  sing N N 111 
GLU CB  HB3  sing N N 112 
GLU CG  CD   sing N N 113 
GLU CG  HG2  sing N N 114 
GLU CG  HG3  sing N N 115 
GLU CD  OE1  doub N N 116 
GLU CD  OE2  sing N N 117 
GLU OE2 HE2  sing N N 118 
GLU OXT HXT  sing N N 119 
GLY N   CA   sing N N 120 
GLY N   H    sing N N 121 
GLY N   H2   sing N N 122 
GLY CA  C    sing N N 123 
GLY CA  HA2  sing N N 124 
GLY CA  HA3  sing N N 125 
GLY C   O    doub N N 126 
GLY C   OXT  sing N N 127 
GLY OXT HXT  sing N N 128 
HIS N   CA   sing N N 129 
HIS N   H    sing N N 130 
HIS N   H2   sing N N 131 
HIS CA  C    sing N N 132 
HIS CA  CB   sing N N 133 
HIS CA  HA   sing N N 134 
HIS C   O    doub N N 135 
HIS C   OXT  sing N N 136 
HIS CB  CG   sing N N 137 
HIS CB  HB2  sing N N 138 
HIS CB  HB3  sing N N 139 
HIS CG  ND1  sing Y N 140 
HIS CG  CD2  doub Y N 141 
HIS ND1 CE1  doub Y N 142 
HIS ND1 HD1  sing N N 143 
HIS CD2 NE2  sing Y N 144 
HIS CD2 HD2  sing N N 145 
HIS CE1 NE2  sing Y N 146 
HIS CE1 HE1  sing N N 147 
HIS NE2 HE2  sing N N 148 
HIS OXT HXT  sing N N 149 
HOH O   H1   sing N N 150 
HOH O   H2   sing N N 151 
ILE N   CA   sing N N 152 
ILE N   H    sing N N 153 
ILE N   H2   sing N N 154 
ILE CA  C    sing N N 155 
ILE CA  CB   sing N N 156 
ILE CA  HA   sing N N 157 
ILE C   O    doub N N 158 
ILE C   OXT  sing N N 159 
ILE CB  CG1  sing N N 160 
ILE CB  CG2  sing N N 161 
ILE CB  HB   sing N N 162 
ILE CG1 CD1  sing N N 163 
ILE CG1 HG12 sing N N 164 
ILE CG1 HG13 sing N N 165 
ILE CG2 HG21 sing N N 166 
ILE CG2 HG22 sing N N 167 
ILE CG2 HG23 sing N N 168 
ILE CD1 HD11 sing N N 169 
ILE CD1 HD12 sing N N 170 
ILE CD1 HD13 sing N N 171 
ILE OXT HXT  sing N N 172 
LEU N   CA   sing N N 173 
LEU N   H    sing N N 174 
LEU N   H2   sing N N 175 
LEU CA  C    sing N N 176 
LEU CA  CB   sing N N 177 
LEU CA  HA   sing N N 178 
LEU C   O    doub N N 179 
LEU C   OXT  sing N N 180 
LEU CB  CG   sing N N 181 
LEU CB  HB2  sing N N 182 
LEU CB  HB3  sing N N 183 
LEU CG  CD1  sing N N 184 
LEU CG  CD2  sing N N 185 
LEU CG  HG   sing N N 186 
LEU CD1 HD11 sing N N 187 
LEU CD1 HD12 sing N N 188 
LEU CD1 HD13 sing N N 189 
LEU CD2 HD21 sing N N 190 
LEU CD2 HD22 sing N N 191 
LEU CD2 HD23 sing N N 192 
LEU OXT HXT  sing N N 193 
LYS N   CA   sing N N 194 
LYS N   H    sing N N 195 
LYS N   H2   sing N N 196 
LYS CA  C    sing N N 197 
LYS CA  CB   sing N N 198 
LYS CA  HA   sing N N 199 
LYS C   O    doub N N 200 
LYS C   OXT  sing N N 201 
LYS CB  CG   sing N N 202 
LYS CB  HB2  sing N N 203 
LYS CB  HB3  sing N N 204 
LYS CG  CD   sing N N 205 
LYS CG  HG2  sing N N 206 
LYS CG  HG3  sing N N 207 
LYS CD  CE   sing N N 208 
LYS CD  HD2  sing N N 209 
LYS CD  HD3  sing N N 210 
LYS CE  NZ   sing N N 211 
LYS CE  HE2  sing N N 212 
LYS CE  HE3  sing N N 213 
LYS NZ  HZ1  sing N N 214 
LYS NZ  HZ2  sing N N 215 
LYS NZ  HZ3  sing N N 216 
LYS OXT HXT  sing N N 217 
PHE N   CA   sing N N 218 
PHE N   H    sing N N 219 
PHE N   H2   sing N N 220 
PHE CA  C    sing N N 221 
PHE CA  CB   sing N N 222 
PHE CA  HA   sing N N 223 
PHE C   O    doub N N 224 
PHE C   OXT  sing N N 225 
PHE CB  CG   sing N N 226 
PHE CB  HB2  sing N N 227 
PHE CB  HB3  sing N N 228 
PHE CG  CD1  doub Y N 229 
PHE CG  CD2  sing Y N 230 
PHE CD1 CE1  sing Y N 231 
PHE CD1 HD1  sing N N 232 
PHE CD2 CE2  doub Y N 233 
PHE CD2 HD2  sing N N 234 
PHE CE1 CZ   doub Y N 235 
PHE CE1 HE1  sing N N 236 
PHE CE2 CZ   sing Y N 237 
PHE CE2 HE2  sing N N 238 
PHE CZ  HZ   sing N N 239 
PHE OXT HXT  sing N N 240 
PRO N   CA   sing N N 241 
PRO N   CD   sing N N 242 
PRO N   H    sing N N 243 
PRO CA  C    sing N N 244 
PRO CA  CB   sing N N 245 
PRO CA  HA   sing N N 246 
PRO C   O    doub N N 247 
PRO C   OXT  sing N N 248 
PRO CB  CG   sing N N 249 
PRO CB  HB2  sing N N 250 
PRO CB  HB3  sing N N 251 
PRO CG  CD   sing N N 252 
PRO CG  HG2  sing N N 253 
PRO CG  HG3  sing N N 254 
PRO CD  HD2  sing N N 255 
PRO CD  HD3  sing N N 256 
PRO OXT HXT  sing N N 257 
SER N   CA   sing N N 258 
SER N   H    sing N N 259 
SER N   H2   sing N N 260 
SER CA  C    sing N N 261 
SER CA  CB   sing N N 262 
SER CA  HA   sing N N 263 
SER C   O    doub N N 264 
SER C   OXT  sing N N 265 
SER CB  OG   sing N N 266 
SER CB  HB2  sing N N 267 
SER CB  HB3  sing N N 268 
SER OG  HG   sing N N 269 
SER OXT HXT  sing N N 270 
THR N   CA   sing N N 271 
THR N   H    sing N N 272 
THR N   H2   sing N N 273 
THR CA  C    sing N N 274 
THR CA  CB   sing N N 275 
THR CA  HA   sing N N 276 
THR C   O    doub N N 277 
THR C   OXT  sing N N 278 
THR CB  OG1  sing N N 279 
THR CB  CG2  sing N N 280 
THR CB  HB   sing N N 281 
THR OG1 HG1  sing N N 282 
THR CG2 HG21 sing N N 283 
THR CG2 HG22 sing N N 284 
THR CG2 HG23 sing N N 285 
THR OXT HXT  sing N N 286 
TRP N   CA   sing N N 287 
TRP N   H    sing N N 288 
TRP N   H2   sing N N 289 
TRP CA  C    sing N N 290 
TRP CA  CB   sing N N 291 
TRP CA  HA   sing N N 292 
TRP C   O    doub N N 293 
TRP C   OXT  sing N N 294 
TRP CB  CG   sing N N 295 
TRP CB  HB2  sing N N 296 
TRP CB  HB3  sing N N 297 
TRP CG  CD1  doub Y N 298 
TRP CG  CD2  sing Y N 299 
TRP CD1 NE1  sing Y N 300 
TRP CD1 HD1  sing N N 301 
TRP CD2 CE2  doub Y N 302 
TRP CD2 CE3  sing Y N 303 
TRP NE1 CE2  sing Y N 304 
TRP NE1 HE1  sing N N 305 
TRP CE2 CZ2  sing Y N 306 
TRP CE3 CZ3  doub Y N 307 
TRP CE3 HE3  sing N N 308 
TRP CZ2 CH2  doub Y N 309 
TRP CZ2 HZ2  sing N N 310 
TRP CZ3 CH2  sing Y N 311 
TRP CZ3 HZ3  sing N N 312 
TRP CH2 HH2  sing N N 313 
TRP OXT HXT  sing N N 314 
TYR N   CA   sing N N 315 
TYR N   H    sing N N 316 
TYR N   H2   sing N N 317 
TYR CA  C    sing N N 318 
TYR CA  CB   sing N N 319 
TYR CA  HA   sing N N 320 
TYR C   O    doub N N 321 
TYR C   OXT  sing N N 322 
TYR CB  CG   sing N N 323 
TYR CB  HB2  sing N N 324 
TYR CB  HB3  sing N N 325 
TYR CG  CD1  doub Y N 326 
TYR CG  CD2  sing Y N 327 
TYR CD1 CE1  sing Y N 328 
TYR CD1 HD1  sing N N 329 
TYR CD2 CE2  doub Y N 330 
TYR CD2 HD2  sing N N 331 
TYR CE1 CZ   doub Y N 332 
TYR CE1 HE1  sing N N 333 
TYR CE2 CZ   sing Y N 334 
TYR CE2 HE2  sing N N 335 
TYR CZ  OH   sing N N 336 
TYR OH  HH   sing N N 337 
TYR OXT HXT  sing N N 338 
VAL N   CA   sing N N 339 
VAL N   H    sing N N 340 
VAL N   H2   sing N N 341 
VAL CA  C    sing N N 342 
VAL CA  CB   sing N N 343 
VAL CA  HA   sing N N 344 
VAL C   O    doub N N 345 
VAL C   OXT  sing N N 346 
VAL CB  CG1  sing N N 347 
VAL CB  CG2  sing N N 348 
VAL CB  HB   sing N N 349 
VAL CG1 HG11 sing N N 350 
VAL CG1 HG12 sing N N 351 
VAL CG1 HG13 sing N N 352 
VAL CG2 HG21 sing N N 353 
VAL CG2 HG22 sing N N 354 
VAL CG2 HG23 sing N N 355 
VAL OXT HXT  sing N N 356 
# 
_pdbx_entity_nonpoly.entity_id   2 
_pdbx_entity_nonpoly.name        water 
_pdbx_entity_nonpoly.comp_id     HOH 
# 
_pdbx_initial_refinement_model.id               1 
_pdbx_initial_refinement_model.entity_id_list   ? 
_pdbx_initial_refinement_model.type             'experimental model' 
_pdbx_initial_refinement_model.source_name      PDB 
_pdbx_initial_refinement_model.accession_code   3EME 
_pdbx_initial_refinement_model.details          'PDB entry 3EME' 
# 
